data_1H6K
#
_entry.id   1H6K
#
_cell.length_a   75.527
_cell.length_b   161.480
_cell.length_c   303.291
_cell.angle_alpha   90.00
_cell.angle_beta   90.00
_cell.angle_gamma   90.00
#
_symmetry.space_group_name_H-M   'P 21 21 21'
#
loop_
_entity.id
_entity.type
_entity.pdbx_description
1 polymer CBP80
2 polymer '20 KDA NUCLEAR CAP BINDING PROTEIN'
3 water water
#
loop_
_entity_poly.entity_id
_entity_poly.type
_entity_poly.pdbx_seq_one_letter_code
_entity_poly.pdbx_strand_id
1 'polypeptide(L)'
;KTSDANETEDHLESLICKVGEKSACSLESNLEGLAGVLEADLPNYKSKILRLLCTVARLLPEKLTIYTTLVGLLNARNYN
FGGEFVEAMIRQLKESLKANNYNEAVYLVRFLSDLVNCHVIAAPSMVAMFENFVSVTQEEDVPQVRRDWYVYAFLSSLPW
VGKELYEKKDAEMDRIFANTESYLKRRQKTHVPMLQVWTADKPHPQEEYLDCLWAQIQKLKKDRWQERHILRPYLAFDSI
LCEALQHNLPPFTPPPHTEDSVYPMPRVIFRMFDYTDDPEGPVMPGSHSVERFVIEENLHCIIKSHWKERKTCAAQLVSY
PGKNKIPLNYHIVEVIFAELFQLPAPPHIDVMYTTLLIELCKLQPGSLPQVLAQATEMLYMRLDTMNTTCVDRFINWFSH
HLSNFQFRWSWEDWSDCLSQDPESPKPKFVREVLEKCMRLSYHQRILDIVPPTFSALCPSNPTCIYKYGDESSNSLPGHS
VALCLAVAFKSKATNDEIFSILKDVPNPNQDDDDDEGFSFNPLKIEVFVQTLLHLAAKSFSHSFSALAKFHEVFKTLAES
DEGKLHVLRVMFEVWRNHPQMIAVLVDKMIRTQIVDCAAVANWIFSSELSRDFTRLFVWEILHSTIRKMNKHVLKIQKEL
EEAKEKLARQHDGVLEEQIERLQEKVESAQSEQKNLFLVIFQRFIMILTEHLVRCETDGTSVLTPWYKNCIERLQQIFLQ
HHQIIQQYMVTLENLLFTAELDPHILAVFQQFCALQA
;
A,B,C
2 'polypeptide(L)'
;DQHFRGDNEEQEKLLKKSCTLYVGNLSFYTTEEQIYELFSKSGDIKKIIMGLDKMKTACGFCFVEYYSRADAENAMRYIN
GTRLDDRIIRTDWDAGFK
;
X,Y,Z
#
# COMPACT_ATOMS: atom_id res chain seq x y z
N THR A 8 3.80 14.69 47.33
CA THR A 8 4.13 15.59 48.49
C THR A 8 5.64 15.79 48.65
N GLU A 9 6.39 14.70 48.60
CA GLU A 9 7.84 14.77 48.71
C GLU A 9 8.39 15.68 47.62
N ASP A 10 7.66 15.78 46.52
CA ASP A 10 8.06 16.64 45.40
C ASP A 10 7.76 18.10 45.72
N HIS A 11 6.72 18.32 46.54
CA HIS A 11 6.32 19.68 46.89
C HIS A 11 7.37 20.38 47.75
N LEU A 12 7.80 19.71 48.82
CA LEU A 12 8.81 20.30 49.69
C LEU A 12 10.09 20.60 48.91
N GLU A 13 10.49 19.66 48.06
CA GLU A 13 11.66 19.84 47.21
C GLU A 13 11.55 21.14 46.43
N SER A 14 10.34 21.45 45.99
CA SER A 14 10.09 22.68 45.23
C SER A 14 10.21 23.92 46.10
N LEU A 15 9.69 23.84 47.32
CA LEU A 15 9.75 24.98 48.23
C LEU A 15 11.19 25.28 48.63
N ILE A 16 11.95 24.23 48.88
CA ILE A 16 13.33 24.37 49.25
C ILE A 16 14.16 24.92 48.09
N CYS A 17 13.96 24.34 46.92
CA CYS A 17 14.71 24.75 45.73
C CYS A 17 14.40 26.16 45.24
N LYS A 18 13.17 26.63 45.48
CA LYS A 18 12.78 27.94 44.96
C LYS A 18 12.95 29.11 45.94
N VAL A 19 13.17 28.81 47.20
CA VAL A 19 13.32 29.89 48.18
C VAL A 19 14.49 30.79 47.78
N GLY A 20 14.31 32.09 47.97
CA GLY A 20 15.34 33.04 47.61
C GLY A 20 15.12 33.63 46.22
N GLU A 21 14.24 33.02 45.45
CA GLU A 21 13.94 33.54 44.12
C GLU A 21 13.03 34.75 44.17
N LYS A 22 12.71 35.28 42.98
CA LYS A 22 11.80 36.41 42.83
C LYS A 22 10.59 36.18 43.71
N SER A 23 10.28 37.17 44.55
CA SER A 23 9.14 37.03 45.46
C SER A 23 8.52 38.36 45.87
N ALA A 24 7.25 38.31 46.25
CA ALA A 24 6.54 39.49 46.69
C ALA A 24 6.94 39.81 48.13
N CYS A 25 7.31 38.77 48.88
CA CYS A 25 7.74 38.93 50.25
C CYS A 25 9.25 39.03 50.34
N SER A 26 9.73 39.44 51.51
CA SER A 26 11.15 39.57 51.75
C SER A 26 11.75 38.17 51.89
N LEU A 27 13.05 38.08 51.64
CA LEU A 27 13.76 36.83 51.80
C LEU A 27 13.59 36.32 53.24
N GLU A 28 13.81 37.20 54.20
CA GLU A 28 13.64 36.86 55.61
C GLU A 28 12.28 36.23 55.88
N SER A 29 11.24 36.87 55.35
CA SER A 29 9.87 36.36 55.52
C SER A 29 9.74 34.94 54.98
N ASN A 30 10.20 34.73 53.76
CA ASN A 30 10.10 33.41 53.12
C ASN A 30 10.94 32.34 53.82
N LEU A 31 12.11 32.72 54.33
CA LEU A 31 12.93 31.77 55.07
C LEU A 31 12.21 31.34 56.34
N GLU A 32 11.73 32.32 57.11
CA GLU A 32 11.02 32.00 58.34
C GLU A 32 9.77 31.20 58.03
N GLY A 33 9.06 31.59 56.99
CA GLY A 33 7.87 30.86 56.58
C GLY A 33 8.21 29.43 56.20
N LEU A 34 9.26 29.26 55.42
CA LEU A 34 9.67 27.93 54.97
C LEU A 34 10.12 27.07 56.12
N ALA A 35 10.79 27.70 57.08
CA ALA A 35 11.25 26.99 58.27
C ALA A 35 10.07 26.37 59.00
N GLY A 36 9.00 27.16 59.14
CA GLY A 36 7.79 26.71 59.81
C GLY A 36 7.11 25.57 59.09
N VAL A 37 7.22 25.57 57.77
CA VAL A 37 6.62 24.53 56.95
C VAL A 37 7.42 23.24 57.06
N LEU A 38 8.73 23.35 57.04
CA LEU A 38 9.58 22.17 57.15
C LEU A 38 9.46 21.52 58.53
N GLU A 39 9.38 22.35 59.56
CA GLU A 39 9.26 21.83 60.91
C GLU A 39 8.02 20.95 61.01
N ALA A 40 6.89 21.47 60.54
CA ALA A 40 5.60 20.78 60.59
C ALA A 40 5.59 19.43 59.87
N ASP A 41 6.56 19.19 59.00
CA ASP A 41 6.59 17.94 58.24
C ASP A 41 7.71 17.02 58.69
N LEU A 42 8.40 17.40 59.76
CA LEU A 42 9.47 16.58 60.29
C LEU A 42 9.00 15.17 60.70
N PRO A 43 7.83 15.08 61.32
CA PRO A 43 7.31 13.78 61.77
C PRO A 43 7.30 12.74 60.65
N ASN A 44 6.68 13.07 59.51
CA ASN A 44 6.55 12.13 58.41
C ASN A 44 7.47 12.38 57.21
N TYR A 45 8.36 13.37 57.31
CA TYR A 45 9.25 13.69 56.19
C TYR A 45 10.68 14.07 56.59
N LYS A 46 11.01 13.92 57.87
CA LYS A 46 12.33 14.28 58.36
C LYS A 46 13.42 13.78 57.43
N SER A 47 13.47 12.47 57.25
CA SER A 47 14.50 11.84 56.42
C SER A 47 14.56 12.41 55.00
N LYS A 48 13.41 12.83 54.49
CA LYS A 48 13.35 13.41 53.15
C LYS A 48 13.89 14.83 53.18
N ILE A 49 13.48 15.60 54.17
CA ILE A 49 13.90 16.99 54.31
C ILE A 49 15.41 17.06 54.51
N LEU A 50 15.96 16.12 55.29
CA LEU A 50 17.40 16.06 55.51
C LEU A 50 18.12 15.94 54.17
N ARG A 51 17.76 14.91 53.42
CA ARG A 51 18.34 14.63 52.12
C ARG A 51 18.19 15.80 51.16
N LEU A 52 17.02 16.44 51.19
CA LEU A 52 16.74 17.57 50.34
C LEU A 52 17.67 18.74 50.65
N LEU A 53 17.87 19.02 51.94
CA LEU A 53 18.75 20.09 52.36
C LEU A 53 20.22 19.74 52.06
N CYS A 54 20.58 18.47 52.28
CA CYS A 54 21.94 18.01 51.98
C CYS A 54 22.23 18.17 50.49
N THR A 55 21.18 18.05 49.68
CA THR A 55 21.27 18.17 48.22
C THR A 55 21.48 19.61 47.72
N VAL A 56 20.77 20.58 48.29
CA VAL A 56 20.97 21.96 47.85
C VAL A 56 22.29 22.47 48.35
N ALA A 57 22.77 21.88 49.44
CA ALA A 57 24.06 22.22 50.00
C ALA A 57 25.18 21.82 49.05
N ARG A 58 25.01 20.70 48.37
CA ARG A 58 26.08 20.29 47.48
C ARG A 58 25.87 20.75 46.03
N LEU A 59 24.64 21.12 45.69
CA LEU A 59 24.33 21.49 44.30
C LEU A 59 24.10 22.98 44.02
N LEU A 60 23.76 23.76 45.04
CA LEU A 60 23.51 25.19 44.84
C LEU A 60 24.43 26.06 45.71
N PRO A 61 25.74 25.93 45.53
CA PRO A 61 26.70 26.71 46.34
C PRO A 61 26.50 28.21 46.18
N GLU A 62 25.96 28.65 45.06
CA GLU A 62 25.70 30.07 44.84
C GLU A 62 24.64 30.60 45.82
N LYS A 63 23.83 29.69 46.36
CA LYS A 63 22.78 30.04 47.32
C LYS A 63 23.15 29.64 48.76
N LEU A 64 24.42 29.33 48.96
CA LEU A 64 24.95 28.91 50.26
C LEU A 64 24.35 29.57 51.52
N THR A 65 24.44 30.89 51.61
CA THR A 65 24.00 31.56 52.82
C THR A 65 22.49 31.61 53.03
N ILE A 66 21.73 31.39 51.97
CA ILE A 66 20.29 31.31 52.09
C ILE A 66 19.98 29.96 52.76
N TYR A 67 20.62 28.90 52.30
CA TYR A 67 20.34 27.58 52.87
C TYR A 67 20.88 27.35 54.27
N THR A 68 22.07 27.89 54.57
CA THR A 68 22.58 27.75 55.93
C THR A 68 21.62 28.46 56.88
N THR A 69 21.10 29.60 56.45
CA THR A 69 20.16 30.35 57.27
C THR A 69 18.92 29.51 57.56
N LEU A 70 18.40 28.85 56.53
CA LEU A 70 17.25 27.99 56.66
C LEU A 70 17.52 26.87 57.67
N VAL A 71 18.66 26.22 57.51
CA VAL A 71 19.03 25.16 58.41
C VAL A 71 19.16 25.70 59.83
N GLY A 72 19.65 26.93 59.93
CA GLY A 72 19.82 27.58 61.21
C GLY A 72 18.50 27.80 61.90
N LEU A 73 17.51 28.27 61.15
CA LEU A 73 16.18 28.52 61.68
C LEU A 73 15.52 27.22 62.07
N LEU A 74 15.74 26.19 61.25
CA LEU A 74 15.22 24.86 61.52
C LEU A 74 15.82 24.31 62.81
N ASN A 75 17.13 24.43 62.94
CA ASN A 75 17.81 23.95 64.12
C ASN A 75 17.32 24.67 65.36
N ALA A 76 17.03 25.95 65.21
CA ALA A 76 16.54 26.74 66.34
C ALA A 76 15.19 26.25 66.81
N ARG A 77 14.43 25.66 65.89
CA ARG A 77 13.10 25.14 66.19
C ARG A 77 13.20 23.74 66.73
N ASN A 78 14.15 22.98 66.19
CA ASN A 78 14.34 21.59 66.56
C ASN A 78 15.81 21.24 66.59
N TYR A 79 16.39 21.24 67.79
CA TYR A 79 17.80 20.97 67.98
C TYR A 79 18.21 19.59 67.50
N ASN A 80 17.40 18.58 67.81
CA ASN A 80 17.71 17.22 67.40
C ASN A 80 17.87 17.12 65.87
N PHE A 81 16.94 17.72 65.14
CA PHE A 81 16.98 17.73 63.68
C PHE A 81 18.31 18.31 63.16
N GLY A 82 18.74 19.41 63.76
CA GLY A 82 19.99 20.03 63.37
C GLY A 82 21.15 19.09 63.57
N GLY A 83 21.10 18.32 64.66
CA GLY A 83 22.14 17.35 64.94
C GLY A 83 22.16 16.29 63.87
N GLU A 84 20.98 15.88 63.42
CA GLU A 84 20.87 14.87 62.38
C GLU A 84 21.31 15.43 61.04
N PHE A 85 21.10 16.71 60.84
CA PHE A 85 21.54 17.34 59.60
C PHE A 85 23.06 17.36 59.56
N VAL A 86 23.67 17.89 60.61
CA VAL A 86 25.12 17.97 60.66
C VAL A 86 25.73 16.59 60.52
N GLU A 87 25.11 15.62 61.18
CA GLU A 87 25.50 14.23 61.08
C GLU A 87 25.42 13.78 59.62
N ALA A 88 24.30 14.07 58.98
CA ALA A 88 24.10 13.68 57.58
C ALA A 88 25.03 14.42 56.60
N MET A 89 25.48 15.61 56.97
CA MET A 89 26.38 16.36 56.11
C MET A 89 27.77 15.74 56.14
N ILE A 90 28.19 15.30 57.31
CA ILE A 90 29.47 14.63 57.46
C ILE A 90 29.46 13.33 56.62
N ARG A 91 28.34 12.63 56.64
CA ARG A 91 28.19 11.41 55.84
C ARG A 91 28.32 11.71 54.36
N GLN A 92 27.60 12.74 53.91
CA GLN A 92 27.62 13.12 52.50
C GLN A 92 29.03 13.53 52.07
N LEU A 93 29.74 14.23 52.95
CA LEU A 93 31.10 14.67 52.67
C LEU A 93 32.01 13.47 52.43
N LYS A 94 31.95 12.50 53.34
CA LYS A 94 32.74 11.28 53.22
C LYS A 94 32.42 10.61 51.89
N GLU A 95 31.14 10.59 51.53
CA GLU A 95 30.70 9.95 50.32
C GLU A 95 31.13 10.71 49.05
N SER A 96 31.02 12.04 49.09
CA SER A 96 31.42 12.83 47.94
C SER A 96 32.91 12.62 47.72
N LEU A 97 33.66 12.59 48.81
CA LEU A 97 35.09 12.38 48.71
C LEU A 97 35.40 10.98 48.15
N LYS A 98 34.57 10.00 48.50
CA LYS A 98 34.74 8.63 48.02
C LYS A 98 34.50 8.53 46.53
N ALA A 99 33.47 9.20 46.04
CA ALA A 99 33.15 9.19 44.62
C ALA A 99 34.01 10.18 43.81
N ASN A 100 35.10 10.64 44.41
CA ASN A 100 35.97 11.62 43.75
C ASN A 100 35.26 12.88 43.29
N ASN A 101 34.20 13.27 43.99
CA ASN A 101 33.52 14.52 43.65
C ASN A 101 34.05 15.61 44.57
N TYR A 102 35.33 15.91 44.42
CA TYR A 102 36.01 16.89 45.26
C TYR A 102 35.40 18.28 45.09
N ASN A 103 34.82 18.52 43.92
CA ASN A 103 34.16 19.77 43.67
C ASN A 103 32.95 19.96 44.55
N GLU A 104 32.12 18.94 44.65
CA GLU A 104 30.95 19.02 45.51
C GLU A 104 31.39 19.07 46.96
N ALA A 105 32.48 18.37 47.27
CA ALA A 105 32.93 18.28 48.64
C ALA A 105 33.29 19.66 49.18
N VAL A 106 33.91 20.46 48.32
CA VAL A 106 34.25 21.82 48.69
C VAL A 106 33.02 22.58 49.16
N TYR A 107 31.92 22.46 48.42
CA TYR A 107 30.69 23.17 48.75
C TYR A 107 30.13 22.70 50.09
N LEU A 108 30.23 21.41 50.35
CA LEU A 108 29.77 20.84 51.61
C LEU A 108 30.61 21.38 52.76
N VAL A 109 31.91 21.54 52.53
CA VAL A 109 32.77 22.07 53.57
C VAL A 109 32.45 23.54 53.84
N ARG A 110 32.17 24.26 52.77
CA ARG A 110 31.81 25.65 52.86
C ARG A 110 30.49 25.79 53.62
N PHE A 111 29.56 24.87 53.37
CA PHE A 111 28.25 24.89 54.03
C PHE A 111 28.44 24.67 55.53
N LEU A 112 29.21 23.65 55.90
CA LEU A 112 29.50 23.39 57.30
C LEU A 112 30.16 24.61 57.91
N SER A 113 31.06 25.23 57.14
CA SER A 113 31.77 26.40 57.62
C SER A 113 30.80 27.54 57.95
N ASP A 114 29.94 27.89 57.00
CA ASP A 114 29.03 29.00 57.19
C ASP A 114 27.97 28.69 58.26
N LEU A 115 27.75 27.41 58.53
CA LEU A 115 26.81 27.01 59.57
C LEU A 115 27.32 27.49 60.92
N VAL A 116 28.62 27.67 61.03
CA VAL A 116 29.19 28.20 62.25
C VAL A 116 28.59 29.59 62.50
N ASN A 117 28.53 30.40 61.44
CA ASN A 117 27.98 31.75 61.54
C ASN A 117 26.52 31.73 61.91
N CYS A 118 25.85 30.63 61.57
CA CYS A 118 24.45 30.49 61.88
C CYS A 118 24.26 29.87 63.26
N HIS A 119 25.38 29.60 63.93
CA HIS A 119 25.39 28.96 65.26
C HIS A 119 24.77 27.58 65.31
N VAL A 120 24.89 26.84 64.22
CA VAL A 120 24.41 25.48 64.17
C VAL A 120 25.60 24.59 64.53
N ILE A 121 26.79 25.04 64.15
CA ILE A 121 27.98 24.28 64.44
C ILE A 121 28.94 25.15 65.24
N ALA A 122 29.50 24.58 66.31
CA ALA A 122 30.43 25.28 67.15
C ALA A 122 31.74 25.51 66.43
N ALA A 123 32.30 26.70 66.61
CA ALA A 123 33.51 27.07 65.91
C ALA A 123 34.69 26.12 66.08
N PRO A 124 34.93 25.62 67.29
CA PRO A 124 36.07 24.72 67.47
C PRO A 124 35.92 23.45 66.64
N SER A 125 34.70 23.05 66.29
CA SER A 125 34.52 21.87 65.44
C SER A 125 35.14 22.09 64.05
N MET A 126 34.96 23.28 63.49
CA MET A 126 35.52 23.54 62.17
C MET A 126 37.02 23.77 62.26
N VAL A 127 37.47 24.35 63.37
CA VAL A 127 38.89 24.57 63.58
C VAL A 127 39.57 23.19 63.61
N ALA A 128 38.95 22.25 64.32
CA ALA A 128 39.46 20.88 64.40
C ALA A 128 39.47 20.25 63.01
N MET A 129 38.36 20.39 62.27
CA MET A 129 38.29 19.81 60.93
C MET A 129 39.38 20.36 60.02
N PHE A 130 39.61 21.68 60.11
CA PHE A 130 40.62 22.31 59.28
C PHE A 130 42.03 21.93 59.70
N GLU A 131 42.21 21.65 60.99
CA GLU A 131 43.53 21.19 61.45
C GLU A 131 43.78 19.87 60.76
N ASN A 132 42.75 19.05 60.67
CA ASN A 132 42.86 17.75 59.99
C ASN A 132 43.10 17.88 58.48
N PHE A 133 42.43 18.83 57.83
CA PHE A 133 42.64 19.04 56.39
C PHE A 133 44.09 19.40 56.15
N VAL A 134 44.61 20.29 56.98
CA VAL A 134 45.97 20.78 56.79
C VAL A 134 47.03 19.71 57.10
N SER A 135 46.67 18.76 57.96
CA SER A 135 47.60 17.68 58.26
C SER A 135 47.79 16.80 57.02
N VAL A 136 46.86 16.90 56.06
CA VAL A 136 47.01 16.13 54.82
C VAL A 136 48.30 16.52 54.10
N THR A 137 48.70 17.77 54.28
CA THR A 137 49.91 18.29 53.65
C THR A 137 51.14 17.71 54.33
N GLN A 138 50.94 17.01 55.42
CA GLN A 138 52.03 16.42 56.15
C GLN A 138 52.12 14.94 55.85
N GLU A 139 51.14 14.42 55.12
CA GLU A 139 51.16 13.03 54.74
C GLU A 139 52.37 12.78 53.86
N GLU A 140 52.85 11.54 53.83
CA GLU A 140 54.03 11.21 53.04
C GLU A 140 53.67 10.47 51.78
N ASP A 141 54.38 10.79 50.69
CA ASP A 141 54.21 10.11 49.41
C ASP A 141 52.78 10.08 48.90
N VAL A 142 52.16 11.25 48.87
CA VAL A 142 50.83 11.39 48.30
C VAL A 142 50.90 12.51 47.27
N PRO A 143 50.01 12.51 46.28
CA PRO A 143 50.06 13.51 45.22
C PRO A 143 49.90 14.91 45.75
N GLN A 144 50.64 15.86 45.19
CA GLN A 144 50.49 17.25 45.59
C GLN A 144 49.05 17.72 45.37
N VAL A 145 48.40 17.25 44.30
CA VAL A 145 47.01 17.64 44.03
C VAL A 145 46.08 17.21 45.16
N ARG A 146 46.48 16.20 45.91
CA ARG A 146 45.69 15.76 47.05
C ARG A 146 45.83 16.74 48.19
N ARG A 147 47.08 17.08 48.51
CA ARG A 147 47.36 18.03 49.56
C ARG A 147 46.76 19.38 49.21
N ASP A 148 46.87 19.75 47.94
CA ASP A 148 46.35 20.99 47.42
C ASP A 148 44.87 21.13 47.71
N TRP A 149 44.12 20.07 47.43
CA TRP A 149 42.68 20.13 47.58
C TRP A 149 42.23 20.42 49.00
N TYR A 150 42.79 19.69 49.96
CA TYR A 150 42.45 19.93 51.36
C TYR A 150 42.81 21.34 51.79
N VAL A 151 43.90 21.87 51.26
CA VAL A 151 44.28 23.24 51.59
C VAL A 151 43.32 24.22 50.95
N TYR A 152 42.90 23.93 49.71
CA TYR A 152 41.96 24.80 49.01
C TYR A 152 40.61 24.82 49.73
N ALA A 153 40.11 23.64 50.09
CA ALA A 153 38.82 23.52 50.76
C ALA A 153 38.78 24.31 52.05
N PHE A 154 39.90 24.33 52.74
CA PHE A 154 40.05 25.09 53.96
C PHE A 154 40.08 26.61 53.68
N LEU A 155 41.05 27.05 52.89
CA LEU A 155 41.22 28.47 52.62
C LEU A 155 40.00 29.13 51.98
N SER A 156 39.37 28.40 51.05
CA SER A 156 38.25 28.97 50.30
C SER A 156 36.99 29.09 51.16
N SER A 157 37.02 28.51 52.35
CA SER A 157 35.90 28.59 53.29
C SER A 157 36.00 29.84 54.16
N LEU A 158 37.20 30.39 54.21
CA LEU A 158 37.48 31.48 55.12
C LEU A 158 36.75 32.81 54.88
N PRO A 159 36.45 33.17 53.64
CA PRO A 159 35.69 34.39 53.37
C PRO A 159 34.38 34.32 54.11
N TRP A 160 33.87 33.10 54.29
CA TRP A 160 32.63 32.88 55.03
C TRP A 160 32.79 32.78 56.55
N VAL A 161 33.74 31.97 57.02
CA VAL A 161 33.85 31.66 58.44
C VAL A 161 35.14 32.14 59.11
N GLY A 162 36.03 32.73 58.32
CA GLY A 162 37.29 33.22 58.87
C GLY A 162 37.17 34.05 60.14
N LYS A 163 36.30 35.05 60.12
CA LYS A 163 36.15 35.94 61.27
C LYS A 163 35.78 35.22 62.55
N GLU A 164 34.77 34.36 62.48
CA GLU A 164 34.30 33.63 63.64
C GLU A 164 35.39 32.68 64.19
N LEU A 165 36.04 31.92 63.31
CA LEU A 165 37.08 31.00 63.75
C LEU A 165 38.21 31.77 64.43
N TYR A 166 38.56 32.92 63.87
CA TYR A 166 39.63 33.71 64.44
C TYR A 166 39.23 34.35 65.77
N GLU A 167 37.96 34.71 65.89
CA GLU A 167 37.48 35.29 67.13
C GLU A 167 37.55 34.28 68.28
N LYS A 168 37.14 33.07 67.99
CA LYS A 168 37.08 32.01 69.00
C LYS A 168 38.42 31.35 69.29
N LYS A 169 39.21 31.11 68.24
CA LYS A 169 40.44 30.35 68.39
C LYS A 169 41.59 30.95 67.61
N ASP A 170 41.96 32.17 67.95
CA ASP A 170 42.98 32.85 67.16
C ASP A 170 44.35 32.15 67.18
N ALA A 171 44.73 31.63 68.35
CA ALA A 171 46.02 30.98 68.49
C ALA A 171 46.05 29.68 67.69
N GLU A 172 44.96 28.93 67.75
CA GLU A 172 44.84 27.69 67.00
C GLU A 172 44.88 27.96 65.50
N MET A 173 44.15 28.97 65.04
CA MET A 173 44.15 29.31 63.63
C MET A 173 45.55 29.71 63.16
N ASP A 174 46.22 30.53 63.96
CA ASP A 174 47.57 30.98 63.58
C ASP A 174 48.47 29.78 63.32
N ARG A 175 48.32 28.75 64.14
CA ARG A 175 49.10 27.53 63.96
C ARG A 175 48.73 26.84 62.65
N ILE A 176 47.45 26.83 62.31
CA ILE A 176 47.01 26.22 61.06
C ILE A 176 47.56 26.98 59.85
N PHE A 177 47.62 28.30 59.98
CA PHE A 177 48.14 29.16 58.92
C PHE A 177 49.64 28.98 58.77
N ALA A 178 50.33 28.89 59.92
CA ALA A 178 51.77 28.68 59.89
C ALA A 178 52.05 27.41 59.11
N ASN A 179 51.31 26.36 59.41
CA ASN A 179 51.48 25.08 58.73
C ASN A 179 51.08 25.17 57.25
N THR A 180 50.00 25.90 56.97
CA THR A 180 49.57 26.08 55.60
C THR A 180 50.64 26.79 54.79
N GLU A 181 51.18 27.89 55.32
CA GLU A 181 52.16 28.68 54.59
C GLU A 181 53.41 27.89 54.30
N SER A 182 53.86 27.09 55.26
CA SER A 182 55.05 26.26 55.05
C SER A 182 54.79 25.26 53.95
N TYR A 183 53.58 24.69 53.92
CA TYR A 183 53.24 23.81 52.82
C TYR A 183 53.26 24.56 51.48
N LEU A 184 52.63 25.73 51.46
CA LEU A 184 52.56 26.51 50.22
C LEU A 184 53.92 26.90 49.65
N LYS A 185 54.90 27.15 50.53
CA LYS A 185 56.23 27.58 50.10
C LYS A 185 57.05 26.47 49.41
N ARG A 186 56.73 25.23 49.73
CA ARG A 186 57.45 24.11 49.15
C ARG A 186 56.74 23.42 47.99
N ARG A 187 55.56 23.91 47.61
CA ARG A 187 54.81 23.34 46.49
C ARG A 187 55.58 23.45 45.19
N GLN A 188 55.48 22.42 44.35
CA GLN A 188 56.08 22.45 43.02
C GLN A 188 55.16 23.32 42.16
N LYS A 189 55.76 24.14 41.29
CA LYS A 189 54.99 25.01 40.40
C LYS A 189 55.16 24.60 38.94
N THR A 190 55.58 23.36 38.73
CA THR A 190 55.89 22.86 37.40
C THR A 190 54.73 22.99 36.40
N HIS A 191 53.50 22.86 36.88
CA HIS A 191 52.31 22.92 36.04
C HIS A 191 51.93 24.31 35.56
N VAL A 192 52.48 25.35 36.18
CA VAL A 192 52.04 26.71 35.86
C VAL A 192 52.10 27.16 34.39
N PRO A 193 53.24 27.01 33.72
CA PRO A 193 53.36 27.46 32.33
C PRO A 193 52.38 26.76 31.39
N MET A 194 52.02 25.52 31.69
CA MET A 194 51.09 24.80 30.85
C MET A 194 49.65 25.26 31.03
N LEU A 195 49.38 26.05 32.06
CA LEU A 195 47.99 26.43 32.35
C LEU A 195 47.70 27.92 32.24
N GLN A 196 48.73 28.73 32.09
CA GLN A 196 48.56 30.18 31.98
C GLN A 196 47.99 30.59 30.63
N VAL A 197 47.04 31.49 30.63
CA VAL A 197 46.48 31.97 29.37
C VAL A 197 47.50 32.89 28.70
N TRP A 198 48.23 33.64 29.52
CA TRP A 198 49.33 34.50 29.05
C TRP A 198 50.61 34.23 29.84
N THR A 199 51.77 34.34 29.20
CA THR A 199 53.01 34.20 29.94
C THR A 199 53.50 35.55 30.49
N ALA A 200 53.11 36.63 29.83
CA ALA A 200 53.53 37.96 30.27
C ALA A 200 53.11 38.23 31.71
N ASP A 201 53.91 39.00 32.42
CA ASP A 201 53.61 39.37 33.79
C ASP A 201 52.76 40.61 33.83
N LYS A 202 52.75 41.33 32.71
CA LYS A 202 52.01 42.58 32.64
C LYS A 202 50.99 42.54 31.53
N PRO A 203 49.86 43.20 31.72
CA PRO A 203 49.58 43.94 32.96
C PRO A 203 49.15 43.07 34.14
N HIS A 204 48.69 41.84 33.90
CA HIS A 204 48.24 41.01 35.01
C HIS A 204 48.88 39.64 35.00
N PRO A 205 49.59 39.32 36.07
CA PRO A 205 50.18 37.99 36.22
C PRO A 205 49.07 36.94 36.27
N GLN A 206 49.25 35.82 35.61
CA GLN A 206 48.28 34.75 35.68
C GLN A 206 48.81 33.86 36.79
N GLU A 207 48.15 33.97 37.94
CA GLU A 207 48.58 33.36 39.19
C GLU A 207 48.10 31.95 39.45
N GLU A 208 48.99 31.15 40.02
CA GLU A 208 48.66 29.80 40.46
C GLU A 208 47.59 29.97 41.51
N TYR A 209 46.53 29.16 41.41
CA TYR A 209 45.34 29.38 42.24
C TYR A 209 45.53 29.40 43.76
N LEU A 210 46.41 28.55 44.27
CA LEU A 210 46.63 28.54 45.72
C LEU A 210 47.48 29.73 46.16
N ASP A 211 48.43 30.14 45.33
CA ASP A 211 49.22 31.31 45.63
C ASP A 211 48.27 32.53 45.68
N CYS A 212 47.34 32.59 44.73
CA CYS A 212 46.42 33.71 44.64
C CYS A 212 45.50 33.74 45.84
N LEU A 213 44.88 32.59 46.11
CA LEU A 213 43.96 32.44 47.25
C LEU A 213 44.66 32.72 48.57
N TRP A 214 45.91 32.26 48.73
CA TRP A 214 46.61 32.54 49.97
C TRP A 214 46.79 34.04 50.17
N ALA A 215 47.15 34.73 49.09
CA ALA A 215 47.28 36.17 49.13
C ALA A 215 45.95 36.85 49.46
N GLN A 216 44.85 36.34 48.93
CA GLN A 216 43.54 36.90 49.24
C GLN A 216 43.23 36.70 50.72
N ILE A 217 43.55 35.53 51.24
CA ILE A 217 43.29 35.28 52.66
C ILE A 217 44.15 36.17 53.54
N GLN A 218 45.40 36.38 53.15
CA GLN A 218 46.26 37.27 53.92
C GLN A 218 45.66 38.68 53.93
N LYS A 219 45.11 39.11 52.80
CA LYS A 219 44.50 40.42 52.78
C LYS A 219 43.27 40.44 53.70
N LEU A 220 42.48 39.39 53.66
CA LEU A 220 41.31 39.29 54.52
C LEU A 220 41.71 39.33 56.00
N LYS A 221 42.77 38.61 56.35
CA LYS A 221 43.27 38.60 57.72
C LYS A 221 43.69 40.02 58.14
N LYS A 222 44.49 40.68 57.30
CA LYS A 222 44.91 42.05 57.54
C LYS A 222 43.73 43.00 57.72
N ASP A 223 42.60 42.66 57.10
CA ASP A 223 41.38 43.47 57.23
C ASP A 223 40.52 42.99 58.39
N ARG A 224 41.14 42.26 59.30
CA ARG A 224 40.45 41.72 60.47
C ARG A 224 39.29 40.82 60.10
N TRP A 225 39.45 40.09 58.99
CA TRP A 225 38.46 39.12 58.55
C TRP A 225 37.14 39.78 58.18
N GLN A 226 37.22 41.03 57.75
CA GLN A 226 36.03 41.71 57.28
C GLN A 226 36.04 41.77 55.75
N GLU A 227 34.93 41.36 55.13
CA GLU A 227 34.81 41.48 53.69
C GLU A 227 33.51 42.21 53.34
N ARG A 228 33.36 42.61 52.08
CA ARG A 228 32.28 43.53 51.72
C ARG A 228 31.28 43.04 50.69
N HIS A 229 31.21 41.74 50.46
CA HIS A 229 30.38 41.24 49.37
C HIS A 229 29.32 40.21 49.73
N ILE A 230 29.68 39.26 50.57
CA ILE A 230 28.80 38.16 50.91
C ILE A 230 27.53 38.59 51.63
N LEU A 231 26.40 38.15 51.10
CA LEU A 231 25.11 38.41 51.72
C LEU A 231 24.86 37.34 52.78
N ARG A 232 24.47 37.76 53.99
CA ARG A 232 24.26 36.82 55.08
C ARG A 232 22.86 37.02 55.68
N PRO A 233 21.87 36.33 55.11
CA PRO A 233 20.47 36.46 55.57
C PRO A 233 20.36 36.18 57.07
N TYR A 234 21.24 35.33 57.58
CA TYR A 234 21.21 34.98 59.01
C TYR A 234 21.44 36.14 59.97
N LEU A 235 22.14 37.18 59.51
CA LEU A 235 22.37 38.35 60.36
C LEU A 235 21.06 39.03 60.74
N ALA A 236 19.97 38.69 60.06
CA ALA A 236 18.68 39.28 60.38
C ALA A 236 17.95 38.50 61.48
N PHE A 237 18.46 37.32 61.81
CA PHE A 237 17.80 36.47 62.79
C PHE A 237 18.66 36.32 64.04
N ASP A 238 19.41 37.38 64.33
CA ASP A 238 20.28 37.39 65.49
C ASP A 238 19.59 37.02 66.80
N SER A 239 18.32 37.37 66.94
CA SER A 239 17.62 37.03 68.18
C SER A 239 17.39 35.53 68.30
N ILE A 240 17.04 34.90 67.18
CA ILE A 240 16.75 33.48 67.12
C ILE A 240 18.00 32.60 67.17
N LEU A 241 18.98 32.91 66.32
CA LEU A 241 20.20 32.13 66.27
C LEU A 241 21.13 32.51 67.40
N CYS A 242 21.68 31.51 68.09
CA CYS A 242 22.58 31.80 69.19
C CYS A 242 23.45 30.59 69.51
N GLU A 243 24.55 30.84 70.21
CA GLU A 243 25.51 29.79 70.52
C GLU A 243 24.92 28.63 71.30
N ALA A 244 23.82 28.88 72.03
CA ALA A 244 23.20 27.84 72.84
C ALA A 244 22.67 26.71 71.96
N LEU A 245 22.52 27.00 70.67
CA LEU A 245 21.99 26.03 69.73
C LEU A 245 23.07 25.28 68.95
N GLN A 246 24.34 25.51 69.29
CA GLN A 246 25.44 24.88 68.57
C GLN A 246 25.50 23.36 68.75
N HIS A 247 26.05 22.69 67.73
CA HIS A 247 26.30 21.26 67.79
C HIS A 247 27.80 21.08 67.65
N ASN A 248 28.30 20.00 68.22
CA ASN A 248 29.70 19.62 68.04
C ASN A 248 29.76 18.55 66.95
N LEU A 249 30.72 18.66 66.04
CA LEU A 249 30.83 17.70 64.94
C LEU A 249 31.51 16.43 65.38
N PRO A 250 31.12 15.30 64.81
CA PRO A 250 31.85 14.06 65.06
C PRO A 250 33.22 14.24 64.40
N PRO A 251 34.24 13.56 64.92
CA PRO A 251 35.58 13.66 64.35
C PRO A 251 35.55 13.35 62.86
N PHE A 252 36.35 14.07 62.09
CA PHE A 252 36.44 13.81 60.67
C PHE A 252 37.87 13.58 60.24
N THR A 253 38.13 12.38 59.74
CA THR A 253 39.45 12.03 59.25
C THR A 253 39.36 11.90 57.74
N PRO A 254 40.16 12.70 57.03
CA PRO A 254 40.17 12.67 55.57
C PRO A 254 40.53 11.27 55.07
N PRO A 255 39.66 10.69 54.25
CA PRO A 255 39.88 9.34 53.73
C PRO A 255 41.29 9.23 53.14
N PRO A 256 41.97 8.13 53.45
CA PRO A 256 43.32 7.91 52.96
C PRO A 256 43.38 7.89 51.43
N HIS A 257 44.53 8.31 50.91
CA HIS A 257 44.77 8.28 49.48
C HIS A 257 44.91 6.83 49.02
N THR A 258 44.13 6.43 48.01
CA THR A 258 44.23 5.07 47.45
C THR A 258 44.78 5.09 46.04
N GLU A 259 44.56 3.98 45.33
CA GLU A 259 44.97 3.84 43.94
C GLU A 259 43.97 4.56 43.06
N ASP A 260 42.69 4.39 43.39
CA ASP A 260 41.61 4.94 42.59
C ASP A 260 41.26 6.41 42.89
N SER A 261 42.07 7.08 43.70
CA SER A 261 41.77 8.48 44.04
C SER A 261 42.08 9.41 42.88
N VAL A 262 41.11 10.25 42.53
CA VAL A 262 41.26 11.21 41.45
C VAL A 262 41.05 12.62 42.00
N TYR A 263 42.10 13.42 42.04
CA TYR A 263 42.02 14.78 42.57
C TYR A 263 41.97 15.83 41.44
N PRO A 264 41.34 16.97 41.69
CA PRO A 264 41.25 18.01 40.67
C PRO A 264 42.63 18.45 40.23
N MET A 265 42.74 18.85 38.97
CA MET A 265 43.99 19.42 38.49
C MET A 265 44.15 20.78 39.14
N PRO A 266 45.38 21.26 39.20
CA PRO A 266 45.64 22.61 39.70
C PRO A 266 45.11 23.61 38.68
N ARG A 267 44.98 24.87 39.08
CA ARG A 267 44.45 25.90 38.21
C ARG A 267 45.29 27.16 38.27
N VAL A 268 45.13 28.00 37.26
CA VAL A 268 45.73 29.32 37.21
C VAL A 268 44.58 30.33 37.08
N ILE A 269 44.66 31.43 37.82
CA ILE A 269 43.57 32.38 37.86
C ILE A 269 43.61 33.26 36.64
N PHE A 270 42.57 33.16 35.83
CA PHE A 270 42.44 34.05 34.69
C PHE A 270 42.23 35.49 35.20
N ARG A 271 43.00 36.42 34.66
CA ARG A 271 42.88 37.79 35.11
C ARG A 271 43.12 38.78 33.98
N MET A 272 42.13 39.63 33.71
CA MET A 272 42.31 40.61 32.65
C MET A 272 41.90 42.03 33.03
N PHE A 273 40.99 42.19 33.99
CA PHE A 273 40.52 43.52 34.41
C PHE A 273 41.11 43.99 35.74
N ASP A 274 41.29 45.29 35.86
CA ASP A 274 41.52 45.90 37.17
C ASP A 274 40.69 47.18 37.24
N TYR A 275 40.76 47.86 38.39
CA TYR A 275 39.93 49.04 38.63
C TYR A 275 40.12 50.13 37.57
N THR A 276 41.26 50.16 36.89
CA THR A 276 41.46 51.18 35.86
C THR A 276 40.65 50.94 34.59
N ASP A 277 40.12 49.73 34.41
CA ASP A 277 39.33 49.42 33.22
C ASP A 277 37.88 49.91 33.32
N ASP A 278 37.47 50.28 34.52
CA ASP A 278 36.13 50.85 34.75
C ASP A 278 36.37 52.00 35.71
N PRO A 279 37.10 53.01 35.23
CA PRO A 279 37.60 54.06 36.12
C PRO A 279 36.56 54.99 36.70
N GLU A 280 35.33 54.93 36.20
CA GLU A 280 34.26 55.77 36.74
C GLU A 280 33.19 54.97 37.47
N GLY A 281 33.36 53.66 37.59
CA GLY A 281 32.38 52.83 38.24
C GLY A 281 32.72 52.63 39.71
N PRO A 282 32.03 51.69 40.36
CA PRO A 282 32.36 51.35 41.74
C PRO A 282 33.75 50.68 41.70
N VAL A 283 34.62 51.03 42.64
CA VAL A 283 35.96 50.48 42.58
C VAL A 283 35.93 48.97 42.52
N MET A 284 36.50 48.43 41.47
CA MET A 284 36.53 46.99 41.27
C MET A 284 37.31 46.34 42.42
N PRO A 285 36.74 45.29 42.99
CA PRO A 285 37.46 44.51 44.01
C PRO A 285 38.77 44.05 43.38
N GLY A 286 39.87 44.20 44.12
CA GLY A 286 41.17 43.86 43.59
C GLY A 286 41.42 42.37 43.42
N SER A 287 42.41 42.04 42.60
CA SER A 287 42.81 40.66 42.36
C SER A 287 43.04 39.87 43.63
N HIS A 288 43.55 40.55 44.66
CA HIS A 288 43.85 39.87 45.91
C HIS A 288 42.80 40.12 47.00
N SER A 289 41.60 40.46 46.60
CA SER A 289 40.53 40.64 47.57
C SER A 289 39.72 39.35 47.61
N VAL A 290 39.14 39.01 48.74
CA VAL A 290 38.30 37.83 48.78
C VAL A 290 36.99 38.16 48.10
N GLU A 291 36.67 39.45 47.99
CA GLU A 291 35.43 39.80 47.29
C GLU A 291 35.53 39.30 45.85
N ARG A 292 36.65 39.59 45.20
CA ARG A 292 36.88 39.13 43.82
C ARG A 292 36.78 37.61 43.73
N PHE A 293 37.36 36.91 44.70
CA PHE A 293 37.32 35.46 44.69
C PHE A 293 35.89 34.94 44.77
N VAL A 294 35.15 35.44 45.75
CA VAL A 294 33.77 35.02 45.96
C VAL A 294 32.90 35.38 44.75
N ILE A 295 33.01 36.61 44.24
CA ILE A 295 32.19 36.98 43.07
C ILE A 295 32.37 36.01 41.91
N GLU A 296 33.63 35.72 41.59
CA GLU A 296 33.94 34.87 40.45
C GLU A 296 33.52 33.43 40.71
N GLU A 297 33.75 32.96 41.92
CA GLU A 297 33.36 31.61 42.29
C GLU A 297 31.84 31.46 42.12
N ASN A 298 31.09 32.41 42.66
CA ASN A 298 29.66 32.34 42.53
C ASN A 298 29.20 32.44 41.07
N LEU A 299 29.84 33.32 40.29
CA LEU A 299 29.47 33.46 38.90
C LEU A 299 29.74 32.18 38.12
N HIS A 300 30.89 31.55 38.37
CA HIS A 300 31.17 30.26 37.76
C HIS A 300 30.12 29.24 38.21
N CYS A 301 29.74 29.27 39.49
CA CYS A 301 28.73 28.32 39.96
C CYS A 301 27.36 28.52 39.30
N ILE A 302 27.03 29.78 39.07
CA ILE A 302 25.78 30.09 38.39
C ILE A 302 25.77 29.52 36.97
N ILE A 303 26.85 29.73 36.22
CA ILE A 303 26.95 29.14 34.89
C ILE A 303 26.82 27.61 34.97
N LYS A 304 27.43 27.01 35.97
CA LYS A 304 27.38 25.56 36.11
C LYS A 304 25.94 25.08 36.32
N SER A 305 25.15 25.83 37.06
CA SER A 305 23.76 25.48 37.32
C SER A 305 22.82 25.74 36.15
N HIS A 306 23.18 26.66 35.25
CA HIS A 306 22.25 27.05 34.19
C HIS A 306 22.81 27.01 32.78
N TRP A 307 23.93 26.34 32.59
CA TRP A 307 24.59 26.35 31.29
C TRP A 307 23.73 25.89 30.13
N LYS A 308 22.81 24.96 30.40
CA LYS A 308 21.94 24.42 29.35
C LYS A 308 20.95 25.44 28.81
N GLU A 309 20.56 26.40 29.66
CA GLU A 309 19.54 27.38 29.28
C GLU A 309 20.13 28.79 29.20
N ARG A 310 20.57 29.15 28.01
CA ARG A 310 21.28 30.41 27.85
C ARG A 310 20.54 31.64 28.33
N LYS A 311 19.21 31.65 28.18
CA LYS A 311 18.42 32.80 28.61
C LYS A 311 18.38 32.88 30.12
N THR A 312 18.18 31.74 30.75
CA THR A 312 18.16 31.67 32.19
C THR A 312 19.56 31.95 32.74
N CYS A 313 20.57 31.39 32.07
CA CYS A 313 21.93 31.61 32.50
C CYS A 313 22.26 33.11 32.50
N ALA A 314 21.94 33.79 31.41
CA ALA A 314 22.21 35.21 31.31
C ALA A 314 21.45 35.99 32.37
N ALA A 315 20.20 35.59 32.62
CA ALA A 315 19.37 36.30 33.59
C ALA A 315 19.96 36.13 35.00
N GLN A 316 20.40 34.92 35.30
CA GLN A 316 20.91 34.66 36.63
C GLN A 316 22.22 35.42 36.88
N LEU A 317 23.03 35.56 35.85
CA LEU A 317 24.28 36.30 35.98
C LEU A 317 24.01 37.78 36.17
N VAL A 318 23.08 38.32 35.41
CA VAL A 318 22.78 39.74 35.50
C VAL A 318 22.08 40.10 36.82
N SER A 319 21.41 39.13 37.42
CA SER A 319 20.70 39.39 38.68
C SER A 319 21.52 38.99 39.92
N TYR A 320 22.77 38.58 39.71
CA TYR A 320 23.66 38.22 40.80
C TYR A 320 23.73 39.34 41.85
N PRO A 321 23.29 39.05 43.07
CA PRO A 321 23.26 40.05 44.14
C PRO A 321 24.57 40.11 44.95
N GLY A 322 24.76 41.21 45.66
CA GLY A 322 25.94 41.40 46.47
C GLY A 322 25.68 42.47 47.51
N LYS A 323 26.41 42.38 48.62
CA LYS A 323 26.27 43.33 49.72
C LYS A 323 26.47 44.78 49.26
N ASN A 324 27.45 45.00 48.38
CA ASN A 324 27.75 46.33 47.88
C ASN A 324 27.85 46.39 46.36
N LYS A 325 27.93 47.59 45.81
CA LYS A 325 28.00 47.78 44.38
C LYS A 325 29.34 47.33 43.77
N ILE A 326 29.25 46.48 42.75
CA ILE A 326 30.42 45.99 42.01
C ILE A 326 30.16 46.15 40.52
N PRO A 327 31.21 46.22 39.72
CA PRO A 327 31.06 46.36 38.26
C PRO A 327 30.68 45.01 37.65
N LEU A 328 29.48 44.55 37.97
CA LEU A 328 29.00 43.24 37.58
C LEU A 328 29.26 42.84 36.11
N ASN A 329 29.00 43.74 35.17
CA ASN A 329 29.25 43.45 33.76
C ASN A 329 30.69 43.05 33.49
N TYR A 330 31.62 43.73 34.14
CA TYR A 330 33.03 43.34 34.00
C TYR A 330 33.29 41.96 34.56
N HIS A 331 32.74 41.67 35.75
CA HIS A 331 32.93 40.38 36.38
C HIS A 331 32.35 39.26 35.54
N ILE A 332 31.16 39.50 34.99
CA ILE A 332 30.52 38.52 34.12
C ILE A 332 31.36 38.23 32.87
N VAL A 333 31.79 39.27 32.17
CA VAL A 333 32.54 39.10 30.96
C VAL A 333 33.87 38.43 31.29
N GLU A 334 34.48 38.84 32.40
CA GLU A 334 35.76 38.26 32.79
C GLU A 334 35.65 36.77 33.11
N VAL A 335 34.60 36.39 33.83
CA VAL A 335 34.36 35.00 34.20
C VAL A 335 34.08 34.15 32.97
N ILE A 336 33.41 34.74 31.99
CA ILE A 336 33.06 33.99 30.79
C ILE A 336 34.33 33.70 29.99
N PHE A 337 35.20 34.70 29.86
CA PHE A 337 36.47 34.45 29.19
C PHE A 337 37.37 33.53 30.01
N ALA A 338 37.30 33.62 31.34
CA ALA A 338 38.04 32.72 32.23
C ALA A 338 37.67 31.28 31.91
N GLU A 339 36.38 31.02 31.70
CA GLU A 339 35.94 29.67 31.34
C GLU A 339 36.38 29.28 29.94
N LEU A 340 36.11 30.14 28.97
CA LEU A 340 36.42 29.82 27.58
C LEU A 340 37.92 29.55 27.38
N PHE A 341 38.76 30.31 28.06
CA PHE A 341 40.19 30.17 27.88
C PHE A 341 40.80 29.25 28.93
N GLN A 342 39.98 28.65 29.78
CA GLN A 342 40.53 27.77 30.80
C GLN A 342 41.33 26.61 30.19
N LEU A 343 42.49 26.32 30.79
CA LEU A 343 43.27 25.19 30.38
C LEU A 343 43.23 24.15 31.50
N PRO A 344 43.14 22.88 31.14
CA PRO A 344 43.07 22.43 29.75
C PRO A 344 41.81 22.71 28.98
N ALA A 345 40.64 22.72 29.59
CA ALA A 345 39.42 22.88 28.82
C ALA A 345 38.41 23.68 29.58
N PRO A 346 37.52 24.36 28.86
CA PRO A 346 36.45 25.10 29.51
C PRO A 346 35.55 24.11 30.24
N PRO A 347 34.83 24.54 31.26
CA PRO A 347 33.90 23.66 31.95
C PRO A 347 32.79 23.19 31.01
N HIS A 348 32.44 24.00 30.00
CA HIS A 348 31.33 23.67 29.10
C HIS A 348 31.69 23.84 27.64
N ILE A 349 30.88 23.25 26.75
CA ILE A 349 31.15 23.33 25.33
C ILE A 349 31.37 24.79 24.91
N ASP A 350 32.43 25.02 24.13
CA ASP A 350 32.86 26.37 23.73
C ASP A 350 31.77 27.26 23.16
N VAL A 351 30.94 26.69 22.27
CA VAL A 351 29.91 27.46 21.59
C VAL A 351 28.92 28.07 22.58
N MET A 352 28.71 27.44 23.73
CA MET A 352 27.79 27.99 24.72
C MET A 352 28.17 29.44 25.11
N TYR A 353 29.45 29.69 25.26
CA TYR A 353 29.91 31.00 25.71
C TYR A 353 29.58 32.08 24.68
N THR A 354 29.66 31.72 23.42
CA THR A 354 29.38 32.65 22.35
C THR A 354 27.94 33.08 22.42
N THR A 355 27.04 32.11 22.56
CA THR A 355 25.63 32.44 22.60
C THR A 355 25.25 33.08 23.92
N LEU A 356 25.96 32.74 24.98
CA LEU A 356 25.70 33.35 26.29
C LEU A 356 26.01 34.84 26.24
N LEU A 357 27.14 35.18 25.63
CA LEU A 357 27.49 36.59 25.51
C LEU A 357 26.47 37.35 24.66
N ILE A 358 25.95 36.69 23.63
CA ILE A 358 24.90 37.28 22.81
C ILE A 358 23.64 37.50 23.63
N GLU A 359 23.25 36.53 24.46
CA GLU A 359 22.08 36.72 25.34
C GLU A 359 22.33 37.86 26.29
N LEU A 360 23.54 37.90 26.85
CA LEU A 360 23.87 38.97 27.77
C LEU A 360 23.78 40.32 27.10
N CYS A 361 24.28 40.42 25.87
CA CYS A 361 24.24 41.69 25.13
C CYS A 361 22.78 42.14 24.94
N LYS A 362 21.89 41.20 24.65
CA LYS A 362 20.47 41.51 24.48
C LYS A 362 19.82 41.95 25.78
N LEU A 363 20.27 41.35 26.88
CA LEU A 363 19.68 41.59 28.18
C LEU A 363 20.12 42.92 28.76
N GLN A 364 21.37 43.30 28.51
CA GLN A 364 21.89 44.57 29.00
C GLN A 364 22.46 45.36 27.84
N PRO A 365 21.59 45.75 26.90
CA PRO A 365 21.99 46.43 25.67
C PRO A 365 22.65 47.77 25.90
N GLY A 366 22.35 48.40 27.01
CA GLY A 366 22.91 49.71 27.26
C GLY A 366 24.25 49.70 27.98
N SER A 367 24.71 48.52 28.41
CA SER A 367 25.95 48.49 29.19
C SER A 367 26.94 47.38 28.89
N LEU A 368 26.44 46.20 28.57
CA LEU A 368 27.29 45.02 28.38
C LEU A 368 28.09 45.03 27.08
N PRO A 369 27.51 45.45 25.96
CA PRO A 369 28.25 45.51 24.70
C PRO A 369 29.52 46.34 24.78
N GLN A 370 29.47 47.49 25.45
CA GLN A 370 30.67 48.33 25.58
C GLN A 370 31.77 47.54 26.26
N VAL A 371 31.41 46.86 27.35
CA VAL A 371 32.37 46.08 28.12
C VAL A 371 32.94 44.95 27.28
N LEU A 372 32.08 44.25 26.56
CA LEU A 372 32.55 43.14 25.72
C LEU A 372 33.50 43.68 24.65
N ALA A 373 33.16 44.82 24.07
CA ALA A 373 34.01 45.43 23.05
C ALA A 373 35.34 45.85 23.66
N GLN A 374 35.28 46.33 24.89
CA GLN A 374 36.51 46.71 25.57
C GLN A 374 37.35 45.47 25.84
N ALA A 375 36.70 44.40 26.28
CA ALA A 375 37.38 43.14 26.54
C ALA A 375 38.05 42.57 25.28
N THR A 376 37.37 42.71 24.13
CA THR A 376 37.87 42.21 22.86
C THR A 376 39.14 42.96 22.45
N GLU A 377 39.11 44.27 22.63
CA GLU A 377 40.28 45.10 22.34
C GLU A 377 41.48 44.66 23.18
N MET A 378 41.23 44.41 24.45
CA MET A 378 42.26 44.02 25.39
C MET A 378 42.83 42.64 25.07
N LEU A 379 41.95 41.70 24.73
CA LEU A 379 42.40 40.38 24.35
C LEU A 379 43.28 40.50 23.10
N TYR A 380 42.82 41.27 22.14
CA TYR A 380 43.63 41.49 20.96
C TYR A 380 45.00 42.07 21.33
N MET A 381 45.00 43.09 22.16
CA MET A 381 46.24 43.80 22.50
C MET A 381 47.20 42.94 23.32
N ARG A 382 46.70 41.84 23.87
CA ARG A 382 47.55 40.99 24.70
C ARG A 382 47.92 39.67 24.03
N LEU A 383 47.61 39.57 22.75
CA LEU A 383 47.83 38.36 21.97
C LEU A 383 49.26 37.86 21.94
N ASP A 384 50.23 38.77 22.05
CA ASP A 384 51.64 38.39 21.93
C ASP A 384 52.06 37.21 22.79
N THR A 385 51.54 37.09 24.01
CA THR A 385 51.94 35.94 24.82
C THR A 385 50.78 35.03 25.17
N MET A 386 49.67 35.15 24.46
CA MET A 386 48.53 34.29 24.72
C MET A 386 48.86 32.88 24.23
N ASN A 387 48.54 31.89 25.05
CA ASN A 387 48.76 30.52 24.63
C ASN A 387 47.93 30.17 23.39
N THR A 388 48.56 29.46 22.47
CA THR A 388 47.96 29.07 21.21
C THR A 388 46.59 28.42 21.34
N THR A 389 46.43 27.54 22.31
CA THR A 389 45.15 26.86 22.48
C THR A 389 44.06 27.89 22.75
N CYS A 390 44.39 28.87 23.57
CA CYS A 390 43.44 29.93 23.90
C CYS A 390 43.22 30.82 22.70
N VAL A 391 44.25 31.03 21.89
CA VAL A 391 44.08 31.88 20.70
C VAL A 391 43.08 31.26 19.71
N ASP A 392 43.15 29.95 19.52
CA ASP A 392 42.18 29.27 18.65
C ASP A 392 40.74 29.54 19.13
N ARG A 393 40.53 29.42 20.44
CA ARG A 393 39.21 29.70 21.00
C ARG A 393 38.77 31.15 20.82
N PHE A 394 39.71 32.08 20.98
CA PHE A 394 39.49 33.50 20.77
C PHE A 394 39.08 33.71 19.29
N ILE A 395 39.86 33.12 18.38
CA ILE A 395 39.57 33.20 16.95
C ILE A 395 38.17 32.67 16.63
N ASN A 396 37.87 31.47 17.13
CA ASN A 396 36.58 30.84 16.84
C ASN A 396 35.44 31.57 17.48
N TRP A 397 35.68 32.10 18.68
CA TRP A 397 34.65 32.89 19.33
C TRP A 397 34.37 34.19 18.57
N PHE A 398 35.43 34.96 18.32
CA PHE A 398 35.27 36.30 17.77
C PHE A 398 34.66 36.30 16.37
N SER A 399 35.11 35.38 15.53
CA SER A 399 34.55 35.25 14.20
C SER A 399 33.06 34.90 14.25
N HIS A 400 32.71 33.95 15.11
CA HIS A 400 31.33 33.52 15.23
C HIS A 400 30.50 34.67 15.75
N HIS A 401 31.03 35.36 16.75
CA HIS A 401 30.37 36.52 17.32
C HIS A 401 30.11 37.58 16.25
N LEU A 402 31.12 37.88 15.45
CA LEU A 402 30.99 38.86 14.38
C LEU A 402 29.89 38.50 13.38
N SER A 403 29.73 37.20 13.12
CA SER A 403 28.75 36.73 12.15
C SER A 403 27.33 36.97 12.67
N ASN A 404 27.21 37.23 13.96
CA ASN A 404 25.92 37.51 14.56
C ASN A 404 25.66 38.99 14.67
N PHE A 405 26.62 39.80 14.22
CA PHE A 405 26.46 41.24 14.23
C PHE A 405 26.92 41.85 12.92
N GLN A 406 26.49 41.21 11.84
CA GLN A 406 26.76 41.65 10.47
C GLN A 406 28.23 41.86 10.18
N PHE A 407 29.07 41.11 10.86
CA PHE A 407 30.51 41.20 10.62
C PHE A 407 31.05 42.61 10.77
N ARG A 408 30.44 43.38 11.66
CA ARG A 408 30.84 44.76 11.91
C ARG A 408 31.94 44.88 12.94
N TRP A 409 33.10 45.38 12.55
CA TRP A 409 34.17 45.61 13.51
C TRP A 409 35.01 46.82 13.11
N SER A 410 35.59 47.49 14.09
CA SER A 410 36.45 48.62 13.77
C SER A 410 37.90 48.16 13.59
N TRP A 411 38.16 47.52 12.45
CA TRP A 411 39.47 46.94 12.16
C TRP A 411 40.60 47.95 12.28
N GLU A 412 40.31 49.21 11.94
CA GLU A 412 41.28 50.28 12.06
C GLU A 412 41.91 50.34 13.47
N ASP A 413 41.18 49.94 14.50
CA ASP A 413 41.76 49.89 15.86
C ASP A 413 42.94 48.95 15.94
N TRP A 414 42.98 48.00 15.01
CA TRP A 414 43.99 46.97 15.01
C TRP A 414 45.05 47.16 13.90
N SER A 415 45.21 48.39 13.42
CA SER A 415 46.20 48.66 12.36
C SER A 415 47.62 48.37 12.74
N ASP A 416 47.90 48.24 14.02
CA ASP A 416 49.26 47.91 14.43
C ASP A 416 49.71 46.54 13.92
N CYS A 417 48.77 45.67 13.53
CA CYS A 417 49.20 44.35 13.04
C CYS A 417 49.77 44.43 11.63
N LEU A 418 49.40 45.47 10.89
CA LEU A 418 49.75 45.60 9.47
C LEU A 418 51.24 45.70 9.17
N SER A 419 52.00 46.36 10.03
CA SER A 419 53.44 46.52 9.78
C SER A 419 54.27 45.42 10.43
N GLN A 420 53.62 44.50 11.12
CA GLN A 420 54.34 43.44 11.81
C GLN A 420 54.64 42.23 10.90
N ASP A 421 55.56 41.40 11.36
CA ASP A 421 55.85 40.12 10.73
C ASP A 421 54.52 39.36 10.65
N PRO A 422 54.11 38.95 9.46
CA PRO A 422 52.85 38.22 9.26
C PRO A 422 52.69 36.99 10.16
N GLU A 423 53.79 36.45 10.64
CA GLU A 423 53.73 35.28 11.53
C GLU A 423 53.45 35.69 12.97
N SER A 424 53.49 36.98 13.25
CA SER A 424 53.25 37.47 14.62
C SER A 424 51.82 37.21 15.03
N PRO A 425 51.59 37.02 16.33
CA PRO A 425 50.24 36.70 16.83
C PRO A 425 49.13 37.62 16.33
N LYS A 426 49.32 38.93 16.34
CA LYS A 426 48.27 39.86 15.90
C LYS A 426 47.81 39.71 14.44
N PRO A 427 48.70 39.89 13.46
CA PRO A 427 48.26 39.77 12.06
C PRO A 427 47.78 38.35 11.77
N LYS A 428 48.36 37.37 12.45
CA LYS A 428 47.91 36.00 12.26
C LYS A 428 46.50 35.80 12.79
N PHE A 429 46.23 36.35 13.97
CA PHE A 429 44.91 36.27 14.56
C PHE A 429 43.92 36.86 13.59
N VAL A 430 44.26 38.05 13.07
CA VAL A 430 43.37 38.73 12.13
C VAL A 430 43.09 37.91 10.88
N ARG A 431 44.14 37.33 10.30
CA ARG A 431 43.97 36.51 9.11
C ARG A 431 43.08 35.29 9.41
N GLU A 432 43.32 34.65 10.54
CA GLU A 432 42.54 33.47 10.94
C GLU A 432 41.07 33.83 11.22
N VAL A 433 40.87 34.96 11.87
CA VAL A 433 39.51 35.43 12.10
C VAL A 433 38.80 35.65 10.77
N LEU A 434 39.46 36.33 9.83
CA LEU A 434 38.83 36.60 8.53
C LEU A 434 38.54 35.30 7.75
N GLU A 435 39.40 34.32 7.92
CA GLU A 435 39.23 33.01 7.29
C GLU A 435 37.97 32.32 7.87
N LYS A 436 37.80 32.43 9.19
CA LYS A 436 36.60 31.88 9.84
C LYS A 436 35.33 32.58 9.38
N CYS A 437 35.40 33.91 9.29
CA CYS A 437 34.28 34.71 8.83
C CYS A 437 33.86 34.28 7.44
N MET A 438 34.83 34.04 6.57
CA MET A 438 34.50 33.59 5.23
C MET A 438 33.74 32.27 5.21
N ARG A 439 34.09 31.38 6.12
CA ARG A 439 33.44 30.09 6.21
C ARG A 439 31.96 30.20 6.62
N LEU A 440 31.59 31.33 7.23
CA LEU A 440 30.20 31.56 7.61
C LEU A 440 29.59 32.57 6.67
N SER A 441 30.26 32.81 5.56
CA SER A 441 29.84 33.83 4.65
C SER A 441 30.32 33.55 3.24
N TYR A 442 30.70 34.61 2.54
CA TYR A 442 31.14 34.53 1.14
C TYR A 442 32.44 35.29 0.98
N HIS A 443 33.26 34.89 0.01
CA HIS A 443 34.57 35.51 -0.19
C HIS A 443 34.57 37.02 -0.40
N GLN A 444 33.78 37.52 -1.34
CA GLN A 444 33.76 38.95 -1.65
C GLN A 444 33.16 39.77 -0.50
N ARG A 445 32.20 39.17 0.19
CA ARG A 445 31.54 39.77 1.34
C ARG A 445 32.61 40.08 2.39
N ILE A 446 33.46 39.11 2.68
CA ILE A 446 34.48 39.32 3.70
C ILE A 446 35.56 40.28 3.22
N LEU A 447 35.96 40.14 1.97
CA LEU A 447 36.92 41.06 1.40
C LEU A 447 36.42 42.49 1.61
N ASP A 448 35.11 42.69 1.53
CA ASP A 448 34.52 44.02 1.68
C ASP A 448 34.29 44.53 3.13
N ILE A 449 34.34 43.67 4.14
CA ILE A 449 34.11 44.15 5.51
C ILE A 449 35.31 44.87 6.12
N VAL A 450 36.49 44.67 5.54
CA VAL A 450 37.68 45.28 6.09
C VAL A 450 38.08 46.55 5.34
N PRO A 451 38.83 47.40 6.01
CA PRO A 451 39.39 48.59 5.34
C PRO A 451 40.42 48.12 4.30
N PRO A 452 40.61 48.93 3.27
CA PRO A 452 41.60 48.64 2.23
C PRO A 452 42.94 48.27 2.81
N THR A 453 43.31 48.85 3.95
CA THR A 453 44.61 48.51 4.52
C THR A 453 44.70 47.06 4.95
N PHE A 454 43.56 46.43 5.17
CA PHE A 454 43.54 45.04 5.63
C PHE A 454 43.30 44.01 4.53
N SER A 455 43.07 44.49 3.31
CA SER A 455 42.70 43.59 2.22
C SER A 455 43.62 42.38 2.01
N ALA A 456 44.92 42.56 2.24
CA ALA A 456 45.87 41.46 2.07
C ALA A 456 45.76 40.39 3.16
N LEU A 457 45.03 40.68 4.22
CA LEU A 457 44.88 39.72 5.32
C LEU A 457 43.66 38.83 5.11
N CYS A 458 42.86 39.17 4.10
CA CYS A 458 41.68 38.41 3.75
C CYS A 458 42.04 37.08 3.10
N PRO A 459 41.23 36.06 3.32
CA PRO A 459 41.50 34.74 2.78
C PRO A 459 41.43 34.72 1.26
N SER A 460 42.12 33.76 0.64
CA SER A 460 42.10 33.64 -0.81
C SER A 460 40.81 32.96 -1.24
N ASN A 461 40.37 33.24 -2.45
CA ASN A 461 39.17 32.62 -3.00
C ASN A 461 39.42 31.11 -2.98
N PRO A 462 38.53 30.37 -2.34
CA PRO A 462 38.70 28.92 -2.21
C PRO A 462 38.48 28.16 -3.52
N THR A 463 39.27 28.43 -4.54
CA THR A 463 39.10 27.73 -5.81
C THR A 463 39.91 26.46 -5.93
N CYS A 464 39.37 25.55 -6.72
CA CYS A 464 39.98 24.28 -7.05
C CYS A 464 41.20 24.51 -7.93
N ILE A 465 42.22 23.69 -7.77
CA ILE A 465 43.38 23.77 -8.65
C ILE A 465 43.51 22.43 -9.39
N TYR A 466 43.21 22.46 -10.69
CA TYR A 466 43.27 21.26 -11.51
C TYR A 466 44.55 21.23 -12.33
N LYS A 467 45.36 20.21 -12.08
CA LYS A 467 46.66 20.08 -12.71
C LYS A 467 46.61 19.85 -14.22
N TYR A 468 45.52 19.26 -14.68
CA TYR A 468 45.39 18.90 -16.09
C TYR A 468 44.28 19.66 -16.80
N GLY A 469 44.08 20.91 -16.43
CA GLY A 469 43.01 21.70 -17.00
C GLY A 469 43.38 22.40 -18.28
N ASP A 470 42.44 23.20 -18.80
CA ASP A 470 42.66 23.97 -20.02
C ASP A 470 43.76 24.99 -19.78
N GLU A 471 45.00 24.55 -19.75
CA GLU A 471 46.13 25.42 -19.52
C GLU A 471 47.36 24.58 -19.23
N SER A 472 47.11 23.31 -18.91
CA SER A 472 48.19 22.38 -18.62
C SER A 472 48.86 21.91 -19.90
N SER A 473 50.17 21.73 -19.83
CA SER A 473 50.92 21.24 -20.98
C SER A 473 50.70 19.74 -21.08
N ASN A 474 50.36 19.28 -22.28
CA ASN A 474 50.13 17.86 -22.53
C ASN A 474 51.38 17.02 -22.39
N SER A 475 52.47 17.66 -21.94
CA SER A 475 53.72 16.96 -21.72
C SER A 475 53.78 16.38 -20.32
N LEU A 476 52.83 16.78 -19.47
CA LEU A 476 52.77 16.25 -18.11
C LEU A 476 52.47 14.76 -18.11
N PRO A 477 53.13 14.01 -17.24
CA PRO A 477 52.92 12.57 -17.13
C PRO A 477 51.45 12.22 -16.91
N GLY A 478 50.96 11.25 -17.67
CA GLY A 478 49.60 10.78 -17.56
C GLY A 478 48.57 11.79 -18.03
N HIS A 479 49.03 12.83 -18.71
CA HIS A 479 48.14 13.87 -19.20
C HIS A 479 47.00 13.33 -20.05
N SER A 480 47.31 12.36 -20.91
CA SER A 480 46.31 11.80 -21.80
C SER A 480 45.29 10.96 -21.03
N VAL A 481 45.78 10.22 -20.05
CA VAL A 481 44.91 9.40 -19.23
C VAL A 481 43.98 10.27 -18.39
N ALA A 482 44.53 11.33 -17.81
CA ALA A 482 43.73 12.26 -17.03
C ALA A 482 42.53 12.71 -17.86
N LEU A 483 42.80 13.11 -19.10
CA LEU A 483 41.76 13.56 -20.02
C LEU A 483 40.74 12.45 -20.22
N CYS A 484 41.22 11.25 -20.50
CA CYS A 484 40.34 10.10 -20.68
C CYS A 484 39.47 9.89 -19.45
N LEU A 485 40.08 9.99 -18.27
CA LEU A 485 39.33 9.88 -17.02
C LEU A 485 38.26 10.94 -16.93
N ALA A 486 38.63 12.18 -17.26
CA ALA A 486 37.71 13.31 -17.21
C ALA A 486 36.45 13.03 -18.02
N VAL A 487 36.65 12.76 -19.32
CA VAL A 487 35.52 12.46 -20.19
C VAL A 487 34.78 11.24 -19.69
N ALA A 488 35.51 10.25 -19.20
CA ALA A 488 34.91 9.03 -18.69
C ALA A 488 34.01 9.29 -17.48
N PHE A 489 34.42 10.21 -16.62
CA PHE A 489 33.65 10.52 -15.42
C PHE A 489 32.34 11.18 -15.79
N LYS A 490 32.37 12.04 -16.81
CA LYS A 490 31.17 12.73 -17.27
C LYS A 490 30.15 11.73 -17.78
N SER A 491 30.63 10.70 -18.47
CA SER A 491 29.77 9.66 -19.03
C SER A 491 29.28 8.73 -17.94
N LYS A 492 29.57 9.09 -16.70
CA LYS A 492 29.19 8.29 -15.54
C LYS A 492 29.62 6.83 -15.72
N ALA A 493 30.92 6.61 -15.68
CA ALA A 493 31.49 5.29 -15.83
C ALA A 493 31.43 4.49 -14.53
N THR A 494 31.78 3.21 -14.62
CA THR A 494 31.81 2.34 -13.45
C THR A 494 33.24 2.23 -12.98
N ASN A 495 33.43 1.65 -11.80
CA ASN A 495 34.77 1.49 -11.26
C ASN A 495 35.66 0.73 -12.24
N ASP A 496 35.15 -0.38 -12.76
CA ASP A 496 35.90 -1.20 -13.71
C ASP A 496 36.31 -0.37 -14.92
N GLU A 497 35.41 0.50 -15.37
CA GLU A 497 35.68 1.37 -16.50
C GLU A 497 36.84 2.31 -16.17
N ILE A 498 36.86 2.85 -14.96
CA ILE A 498 37.95 3.72 -14.55
C ILE A 498 39.23 2.91 -14.38
N PHE A 499 39.12 1.77 -13.70
CA PHE A 499 40.27 0.88 -13.54
C PHE A 499 40.93 0.67 -14.89
N SER A 500 40.12 0.26 -15.87
CA SER A 500 40.62 0.00 -17.21
C SER A 500 41.50 1.14 -17.75
N ILE A 501 41.00 2.36 -17.64
CA ILE A 501 41.73 3.53 -18.09
C ILE A 501 43.04 3.72 -17.33
N LEU A 502 42.98 3.59 -16.01
CA LEU A 502 44.16 3.79 -15.16
C LEU A 502 45.31 2.85 -15.49
N LYS A 503 44.98 1.64 -15.95
CA LYS A 503 46.00 0.65 -16.27
C LYS A 503 46.99 1.13 -17.33
N ASP A 504 46.60 2.14 -18.10
CA ASP A 504 47.46 2.70 -19.13
C ASP A 504 48.44 3.70 -18.53
N VAL A 505 48.80 3.51 -17.27
CA VAL A 505 49.73 4.40 -16.58
C VAL A 505 50.94 3.62 -16.09
N PRO A 506 52.13 4.05 -16.51
CA PRO A 506 53.40 3.40 -16.12
C PRO A 506 53.70 3.54 -14.62
N ASN A 507 54.98 3.46 -14.28
CA ASN A 507 55.44 3.57 -12.89
C ASN A 507 56.91 3.18 -12.73
N PHE A 520 51.46 0.09 -5.57
CA PHE A 520 51.51 1.57 -5.35
C PHE A 520 51.99 2.32 -6.58
N ASN A 521 51.06 2.98 -7.25
CA ASN A 521 51.37 3.76 -8.44
C ASN A 521 50.98 5.22 -8.19
N PRO A 522 51.96 6.05 -7.86
CA PRO A 522 51.71 7.45 -7.49
C PRO A 522 51.08 8.23 -8.64
N LEU A 523 51.43 7.91 -9.88
CA LEU A 523 50.89 8.61 -11.02
C LEU A 523 49.43 8.26 -11.23
N LYS A 524 49.09 6.99 -10.99
CA LYS A 524 47.71 6.55 -11.11
C LYS A 524 46.88 7.32 -10.10
N ILE A 525 47.38 7.36 -8.87
CA ILE A 525 46.69 8.07 -7.80
C ILE A 525 46.50 9.54 -8.18
N GLU A 526 47.58 10.16 -8.64
CA GLU A 526 47.54 11.58 -9.00
C GLU A 526 46.52 11.94 -10.08
N VAL A 527 46.52 11.20 -11.19
CA VAL A 527 45.60 11.52 -12.27
C VAL A 527 44.16 11.20 -11.89
N PHE A 528 43.99 10.21 -11.02
CA PHE A 528 42.67 9.83 -10.57
C PHE A 528 42.09 10.83 -9.57
N VAL A 529 42.85 11.15 -8.54
CA VAL A 529 42.40 12.08 -7.52
C VAL A 529 42.19 13.49 -8.09
N GLN A 530 43.18 13.97 -8.84
CA GLN A 530 43.08 15.29 -9.46
C GLN A 530 41.81 15.39 -10.28
N THR A 531 41.57 14.38 -11.10
CA THR A 531 40.42 14.38 -11.99
C THR A 531 39.10 14.20 -11.27
N LEU A 532 39.04 13.27 -10.34
CA LEU A 532 37.81 13.06 -9.59
C LEU A 532 37.48 14.30 -8.75
N LEU A 533 38.46 14.83 -8.05
CA LEU A 533 38.22 15.98 -7.17
C LEU A 533 37.81 17.21 -7.97
N HIS A 534 38.49 17.45 -9.08
CA HIS A 534 38.17 18.58 -9.95
C HIS A 534 36.74 18.52 -10.49
N LEU A 535 36.24 17.32 -10.74
CA LEU A 535 34.91 17.20 -11.32
C LEU A 535 33.79 17.34 -10.28
N ALA A 536 34.09 17.00 -9.05
CA ALA A 536 33.10 17.12 -7.99
C ALA A 536 33.37 18.37 -7.18
N ALA A 537 34.16 19.26 -7.75
CA ALA A 537 34.58 20.47 -7.05
C ALA A 537 33.48 21.49 -6.74
N LYS A 538 32.26 21.22 -7.21
CA LYS A 538 31.13 22.14 -7.05
C LYS A 538 30.63 22.27 -5.62
N SER A 539 30.55 21.15 -4.91
CA SER A 539 30.02 21.17 -3.56
C SER A 539 30.62 20.06 -2.72
N PHE A 540 30.43 20.14 -1.41
CA PHE A 540 30.87 19.10 -0.51
C PHE A 540 30.14 17.83 -0.89
N SER A 541 28.82 17.95 -1.12
CA SER A 541 27.99 16.79 -1.44
C SER A 541 28.45 16.03 -2.69
N HIS A 542 28.82 16.77 -3.72
CA HIS A 542 29.30 16.16 -4.94
C HIS A 542 30.62 15.45 -4.67
N SER A 543 31.50 16.12 -3.94
CA SER A 543 32.78 15.52 -3.59
C SER A 543 32.57 14.28 -2.74
N PHE A 544 31.60 14.34 -1.82
CA PHE A 544 31.30 13.20 -0.98
C PHE A 544 30.79 12.01 -1.79
N SER A 545 29.83 12.26 -2.67
CA SER A 545 29.24 11.18 -3.45
C SER A 545 30.24 10.63 -4.48
N ALA A 546 31.14 11.49 -4.93
CA ALA A 546 32.18 11.05 -5.83
C ALA A 546 33.13 10.10 -5.11
N LEU A 547 33.45 10.41 -3.85
CA LEU A 547 34.31 9.54 -3.06
C LEU A 547 33.60 8.22 -2.80
N ALA A 548 32.29 8.31 -2.57
CA ALA A 548 31.50 7.13 -2.28
C ALA A 548 31.41 6.23 -3.51
N LYS A 549 31.12 6.84 -4.66
CA LYS A 549 30.95 6.12 -5.91
C LYS A 549 32.19 5.34 -6.33
N PHE A 550 33.36 5.95 -6.19
CA PHE A 550 34.60 5.33 -6.64
C PHE A 550 35.45 4.86 -5.49
N HIS A 551 34.77 4.45 -4.42
CA HIS A 551 35.41 3.94 -3.23
C HIS A 551 36.39 2.81 -3.56
N GLU A 552 35.93 1.86 -4.37
CA GLU A 552 36.74 0.70 -4.77
C GLU A 552 38.08 1.16 -5.32
N VAL A 553 38.03 2.17 -6.18
CA VAL A 553 39.25 2.70 -6.77
C VAL A 553 40.21 3.21 -5.70
N PHE A 554 39.70 4.00 -4.77
CA PHE A 554 40.53 4.53 -3.69
C PHE A 554 41.17 3.42 -2.89
N LYS A 555 40.36 2.49 -2.43
CA LYS A 555 40.83 1.38 -1.61
C LYS A 555 41.93 0.60 -2.31
N THR A 556 41.80 0.46 -3.62
CA THR A 556 42.77 -0.28 -4.39
C THR A 556 44.04 0.55 -4.59
N LEU A 557 43.87 1.79 -5.03
CA LEU A 557 44.99 2.67 -5.27
C LEU A 557 45.72 3.04 -3.99
N ALA A 558 44.97 3.14 -2.89
CA ALA A 558 45.55 3.49 -1.60
C ALA A 558 45.46 2.35 -0.59
N GLU A 559 45.87 1.17 -1.01
CA GLU A 559 45.85 0.03 -0.09
C GLU A 559 47.08 0.11 0.81
N SER A 560 48.16 0.68 0.28
CA SER A 560 49.40 0.82 1.04
C SER A 560 49.43 2.12 1.82
N ASP A 561 50.42 2.26 2.70
CA ASP A 561 50.57 3.48 3.48
C ASP A 561 51.02 4.61 2.57
N GLU A 562 51.90 4.29 1.63
CA GLU A 562 52.39 5.28 0.67
C GLU A 562 51.23 5.81 -0.16
N GLY A 563 50.34 4.91 -0.57
CA GLY A 563 49.17 5.27 -1.36
C GLY A 563 48.28 6.24 -0.59
N LYS A 564 48.01 5.92 0.66
CA LYS A 564 47.18 6.76 1.51
C LYS A 564 47.78 8.15 1.65
N LEU A 565 49.09 8.22 1.87
CA LEU A 565 49.75 9.51 1.97
C LEU A 565 49.67 10.27 0.66
N HIS A 566 49.84 9.57 -0.46
CA HIS A 566 49.83 10.24 -1.74
C HIS A 566 48.44 10.77 -2.09
N VAL A 567 47.40 10.09 -1.62
CA VAL A 567 46.05 10.58 -1.84
C VAL A 567 45.91 11.91 -1.12
N LEU A 568 46.29 11.94 0.15
CA LEU A 568 46.23 13.16 0.94
C LEU A 568 47.06 14.23 0.26
N ARG A 569 48.24 13.84 -0.22
CA ARG A 569 49.11 14.79 -0.87
C ARG A 569 48.49 15.39 -2.13
N VAL A 570 47.90 14.55 -2.97
CA VAL A 570 47.33 15.07 -4.19
C VAL A 570 46.10 15.88 -3.86
N MET A 571 45.31 15.40 -2.91
CA MET A 571 44.12 16.13 -2.48
C MET A 571 44.50 17.55 -2.06
N PHE A 572 45.58 17.66 -1.28
CA PHE A 572 46.04 18.98 -0.84
C PHE A 572 46.49 19.86 -2.02
N GLU A 573 47.11 19.25 -3.03
CA GLU A 573 47.57 20.00 -4.17
C GLU A 573 46.39 20.58 -4.92
N VAL A 574 45.26 19.89 -4.81
CA VAL A 574 44.03 20.29 -5.47
C VAL A 574 43.27 21.36 -4.68
N TRP A 575 43.20 21.18 -3.37
CA TRP A 575 42.33 22.02 -2.56
C TRP A 575 43.01 22.90 -1.54
N ARG A 576 44.30 23.17 -1.73
CA ARG A 576 45.05 23.99 -0.80
C ARG A 576 44.42 25.38 -0.57
N ASN A 577 43.69 25.89 -1.55
CA ASN A 577 43.05 27.19 -1.38
C ASN A 577 41.75 27.08 -0.55
N HIS A 578 41.35 25.87 -0.20
CA HIS A 578 40.05 25.67 0.43
C HIS A 578 40.15 24.78 1.67
N PRO A 579 40.72 25.30 2.75
CA PRO A 579 40.96 24.49 3.96
C PRO A 579 39.71 23.78 4.48
N GLN A 580 38.56 24.43 4.40
CA GLN A 580 37.34 23.77 4.87
C GLN A 580 37.05 22.51 4.06
N MET A 581 37.30 22.55 2.76
CA MET A 581 37.09 21.36 1.92
C MET A 581 38.09 20.26 2.30
N ILE A 582 39.35 20.65 2.51
CA ILE A 582 40.35 19.67 2.91
C ILE A 582 39.90 18.96 4.17
N ALA A 583 39.40 19.73 5.14
CA ALA A 583 38.96 19.14 6.41
C ALA A 583 37.88 18.08 6.23
N VAL A 584 36.80 18.42 5.52
CA VAL A 584 35.69 17.48 5.34
C VAL A 584 36.10 16.29 4.46
N LEU A 585 37.06 16.49 3.58
CA LEU A 585 37.51 15.39 2.73
C LEU A 585 38.31 14.40 3.56
N VAL A 586 39.23 14.92 4.38
CA VAL A 586 40.05 14.07 5.23
C VAL A 586 39.15 13.26 6.15
N ASP A 587 38.19 13.94 6.76
CA ASP A 587 37.25 13.31 7.65
C ASP A 587 36.47 12.18 6.94
N LYS A 588 36.00 12.45 5.73
CA LYS A 588 35.22 11.45 5.00
C LYS A 588 36.11 10.27 4.62
N MET A 589 37.34 10.58 4.24
CA MET A 589 38.28 9.54 3.85
C MET A 589 38.63 8.64 5.03
N ILE A 590 38.64 9.21 6.24
CA ILE A 590 38.91 8.42 7.42
C ILE A 590 37.72 7.54 7.77
N ARG A 591 36.52 8.12 7.73
CA ARG A 591 35.31 7.39 8.07
C ARG A 591 35.02 6.23 7.11
N THR A 592 35.44 6.36 5.84
CA THR A 592 35.20 5.31 4.86
C THR A 592 36.46 4.52 4.62
N GLN A 593 37.45 4.74 5.47
CA GLN A 593 38.71 4.02 5.44
C GLN A 593 39.55 4.15 4.17
N ILE A 594 39.39 5.25 3.45
CA ILE A 594 40.26 5.48 2.30
C ILE A 594 41.67 5.74 2.84
N VAL A 595 41.74 6.44 3.97
CA VAL A 595 42.99 6.59 4.70
C VAL A 595 42.74 6.26 6.14
N ASP A 596 43.82 6.15 6.90
CA ASP A 596 43.68 5.92 8.33
C ASP A 596 44.28 7.11 9.06
N CYS A 597 44.12 7.12 10.38
CA CYS A 597 44.60 8.25 11.16
C CYS A 597 46.12 8.40 11.15
N ALA A 598 46.83 7.28 11.04
CA ALA A 598 48.28 7.33 10.98
C ALA A 598 48.73 8.09 9.73
N ALA A 599 48.03 7.86 8.63
CA ALA A 599 48.39 8.53 7.39
C ALA A 599 48.17 10.03 7.53
N VAL A 600 47.07 10.41 8.16
CA VAL A 600 46.77 11.82 8.34
C VAL A 600 47.80 12.47 9.24
N ALA A 601 48.13 11.81 10.35
CA ALA A 601 49.14 12.34 11.24
C ALA A 601 50.45 12.53 10.49
N ASN A 602 50.82 11.55 9.67
CA ASN A 602 52.05 11.70 8.89
C ASN A 602 51.95 12.86 7.91
N TRP A 603 50.77 13.01 7.32
CA TRP A 603 50.54 14.08 6.36
C TRP A 603 50.63 15.47 7.01
N ILE A 604 50.09 15.59 8.22
CA ILE A 604 50.12 16.86 8.96
C ILE A 604 51.53 17.39 9.12
N PHE A 605 52.47 16.48 9.39
CA PHE A 605 53.85 16.85 9.62
C PHE A 605 54.70 16.77 8.37
N SER A 606 54.06 16.65 7.22
CA SER A 606 54.79 16.51 5.97
C SER A 606 55.31 17.82 5.41
N SER A 607 56.39 17.70 4.65
CA SER A 607 57.04 18.84 4.03
C SER A 607 56.08 19.67 3.19
N GLU A 608 55.15 19.01 2.51
CA GLU A 608 54.16 19.71 1.67
C GLU A 608 53.29 20.65 2.49
N LEU A 609 53.09 20.34 3.76
CA LEU A 609 52.27 21.15 4.64
C LEU A 609 53.08 22.14 5.46
N SER A 610 54.39 22.11 5.30
CA SER A 610 55.29 22.95 6.09
C SER A 610 54.95 24.42 6.11
N ARG A 611 54.59 24.98 4.96
CA ARG A 611 54.26 26.40 4.86
C ARG A 611 52.89 26.71 5.49
N ASP A 612 52.06 25.69 5.67
CA ASP A 612 50.76 25.91 6.29
C ASP A 612 50.69 25.37 7.72
N PHE A 613 51.81 24.82 8.18
CA PHE A 613 51.91 24.16 9.50
C PHE A 613 51.41 24.96 10.72
N THR A 614 51.51 26.28 10.69
CA THR A 614 51.05 27.06 11.83
C THR A 614 49.59 27.48 11.70
N ARG A 615 48.97 27.19 10.57
CA ARG A 615 47.58 27.61 10.40
C ARG A 615 46.58 26.76 11.20
N LEU A 616 45.50 27.39 11.64
CA LEU A 616 44.46 26.70 12.41
C LEU A 616 43.92 25.41 11.78
N PHE A 617 43.69 25.46 10.46
CA PHE A 617 43.02 24.33 9.81
C PHE A 617 43.78 23.01 9.99
N VAL A 618 45.10 23.09 9.99
CA VAL A 618 45.91 21.90 10.15
C VAL A 618 45.62 21.22 11.48
N TRP A 619 45.56 22.02 12.53
CA TRP A 619 45.32 21.52 13.88
C TRP A 619 43.86 21.11 14.08
N GLU A 620 42.96 21.77 13.36
CA GLU A 620 41.57 21.42 13.40
C GLU A 620 41.41 20.00 12.84
N ILE A 621 42.09 19.70 11.75
CA ILE A 621 42.05 18.37 11.15
C ILE A 621 42.72 17.34 12.05
N LEU A 622 43.90 17.68 12.57
CA LEU A 622 44.61 16.73 13.42
C LEU A 622 43.76 16.31 14.61
N HIS A 623 43.17 17.30 15.27
CA HIS A 623 42.35 17.00 16.43
C HIS A 623 41.04 16.29 16.11
N SER A 624 40.44 16.65 14.98
CA SER A 624 39.22 15.96 14.54
C SER A 624 39.59 14.50 14.27
N THR A 625 40.78 14.28 13.75
CA THR A 625 41.24 12.94 13.47
C THR A 625 41.43 12.17 14.76
N ILE A 626 42.06 12.81 15.74
CA ILE A 626 42.25 12.18 17.03
C ILE A 626 40.90 11.84 17.68
N ARG A 627 39.98 12.80 17.66
CA ARG A 627 38.65 12.62 18.24
C ARG A 627 37.88 11.43 17.63
N LYS A 628 37.96 11.28 16.31
CA LYS A 628 37.30 10.17 15.64
C LYS A 628 37.90 8.84 16.12
N MET A 629 39.22 8.79 16.23
CA MET A 629 39.89 7.60 16.72
C MET A 629 39.42 7.26 18.12
N ASN A 630 39.42 8.25 19.00
CA ASN A 630 38.97 8.04 20.37
C ASN A 630 37.54 7.52 20.40
N LYS A 631 36.64 8.17 19.66
CA LYS A 631 35.23 7.78 19.66
C LYS A 631 35.04 6.39 19.07
N HIS A 632 35.87 6.02 18.11
CA HIS A 632 35.76 4.70 17.53
C HIS A 632 36.06 3.67 18.61
N VAL A 633 37.10 3.93 19.40
CA VAL A 633 37.47 3.04 20.48
C VAL A 633 36.32 2.90 21.49
N LEU A 634 35.77 4.03 21.91
CA LEU A 634 34.65 4.02 22.84
C LEU A 634 33.47 3.23 22.25
N LYS A 635 33.19 3.45 20.97
CA LYS A 635 32.06 2.81 20.32
C LYS A 635 32.18 1.28 20.34
N ILE A 636 33.34 0.77 19.93
CA ILE A 636 33.54 -0.66 19.91
C ILE A 636 33.59 -1.24 21.32
N GLN A 637 34.18 -0.50 22.25
CA GLN A 637 34.22 -0.94 23.63
C GLN A 637 32.81 -1.14 24.15
N LYS A 638 31.92 -0.21 23.79
CA LYS A 638 30.54 -0.28 24.23
C LYS A 638 29.87 -1.54 23.74
N GLU A 639 29.95 -1.78 22.43
CA GLU A 639 29.36 -2.98 21.86
C GLU A 639 29.86 -4.21 22.64
N LEU A 640 31.17 -4.26 22.89
CA LEU A 640 31.79 -5.35 23.63
C LEU A 640 31.17 -5.51 25.02
N GLU A 641 31.02 -4.40 25.73
CA GLU A 641 30.42 -4.41 27.05
C GLU A 641 28.99 -4.93 26.98
N GLU A 642 28.23 -4.41 26.01
CA GLU A 642 26.84 -4.82 25.82
C GLU A 642 26.71 -6.34 25.64
N ALA A 643 27.70 -6.95 25.00
CA ALA A 643 27.70 -8.39 24.78
C ALA A 643 28.08 -9.15 26.05
N LYS A 644 28.72 -8.44 26.98
CA LYS A 644 29.10 -9.03 28.26
C LYS A 644 27.85 -9.41 29.03
N GLU A 645 26.84 -8.55 28.97
CA GLU A 645 25.57 -8.78 29.66
C GLU A 645 24.77 -9.88 28.97
N LYS A 646 24.82 -9.90 27.65
CA LYS A 646 24.13 -10.91 26.85
C LYS A 646 24.85 -12.26 26.97
N GLU A 657 31.91 -16.55 21.01
CA GLU A 657 32.23 -16.42 19.55
C GLU A 657 32.02 -14.99 19.06
N GLN A 658 31.24 -14.23 19.81
CA GLN A 658 30.97 -12.84 19.47
C GLN A 658 31.69 -11.91 20.45
N ILE A 659 31.23 -11.93 21.70
CA ILE A 659 31.82 -11.12 22.76
C ILE A 659 33.35 -11.21 22.75
N GLU A 660 33.86 -12.38 22.43
CA GLU A 660 35.31 -12.56 22.38
C GLU A 660 35.90 -12.00 21.09
N ARG A 661 35.23 -12.27 19.97
CA ARG A 661 35.66 -11.79 18.67
C ARG A 661 35.65 -10.27 18.61
N LEU A 662 34.72 -9.67 19.32
CA LEU A 662 34.59 -8.22 19.37
C LEU A 662 35.71 -7.68 20.24
N GLN A 663 36.18 -8.51 21.17
CA GLN A 663 37.26 -8.13 22.06
C GLN A 663 38.54 -7.91 21.27
N GLU A 664 38.63 -8.56 20.11
CA GLU A 664 39.79 -8.41 19.26
C GLU A 664 39.75 -7.09 18.52
N LYS A 665 38.54 -6.64 18.20
CA LYS A 665 38.36 -5.37 17.52
C LYS A 665 38.72 -4.21 18.43
N VAL A 666 38.47 -4.36 19.72
CA VAL A 666 38.79 -3.29 20.66
C VAL A 666 40.27 -3.16 20.91
N GLU A 667 40.98 -4.29 21.00
CA GLU A 667 42.41 -4.22 21.24
C GLU A 667 43.10 -3.62 20.02
N SER A 668 42.55 -3.87 18.84
CA SER A 668 43.11 -3.32 17.62
C SER A 668 42.88 -1.80 17.58
N ALA A 669 41.68 -1.38 18.00
CA ALA A 669 41.35 0.02 18.04
C ALA A 669 42.18 0.73 19.10
N GLN A 670 42.32 0.10 20.26
CA GLN A 670 43.12 0.66 21.33
C GLN A 670 44.57 0.79 20.87
N SER A 671 45.03 -0.16 20.06
CA SER A 671 46.38 -0.11 19.51
C SER A 671 46.50 1.03 18.49
N GLU A 672 45.54 1.12 17.58
CA GLU A 672 45.57 2.18 16.56
C GLU A 672 45.62 3.53 17.25
N GLN A 673 44.83 3.65 18.31
CA GLN A 673 44.75 4.89 19.05
C GLN A 673 46.07 5.20 19.73
N LYS A 674 46.62 4.23 20.45
CA LYS A 674 47.87 4.45 21.13
C LYS A 674 48.94 4.83 20.12
N ASN A 675 48.96 4.15 18.98
CA ASN A 675 49.94 4.40 17.93
C ASN A 675 49.80 5.78 17.31
N LEU A 676 48.57 6.24 17.19
CA LEU A 676 48.32 7.58 16.68
C LEU A 676 49.11 8.56 17.54
N PHE A 677 48.92 8.47 18.85
CA PHE A 677 49.62 9.37 19.77
C PHE A 677 51.12 9.22 19.69
N LEU A 678 51.59 7.98 19.63
CA LEU A 678 53.03 7.73 19.53
C LEU A 678 53.61 8.44 18.31
N VAL A 679 52.91 8.35 17.19
CA VAL A 679 53.41 9.00 15.98
C VAL A 679 53.40 10.51 16.11
N ILE A 680 52.29 11.06 16.60
CA ILE A 680 52.17 12.51 16.76
C ILE A 680 53.29 13.04 17.65
N PHE A 681 53.49 12.41 18.81
CA PHE A 681 54.57 12.83 19.70
C PHE A 681 55.95 12.68 19.04
N GLN A 682 56.16 11.58 18.34
CA GLN A 682 57.42 11.36 17.65
C GLN A 682 57.71 12.49 16.66
N ARG A 683 56.72 12.82 15.83
CA ARG A 683 56.87 13.89 14.87
C ARG A 683 57.18 15.24 15.55
N PHE A 684 56.47 15.54 16.63
CA PHE A 684 56.75 16.77 17.35
C PHE A 684 58.20 16.78 17.86
N ILE A 685 58.60 15.71 18.53
CA ILE A 685 59.95 15.61 19.06
C ILE A 685 60.96 15.83 17.93
N MET A 686 60.75 15.14 16.82
CA MET A 686 61.63 15.26 15.67
C MET A 686 61.75 16.69 15.12
N ILE A 687 60.63 17.34 14.84
CA ILE A 687 60.73 18.68 14.26
C ILE A 687 61.19 19.75 15.24
N LEU A 688 60.87 19.58 16.52
CA LEU A 688 61.33 20.53 17.52
C LEU A 688 62.84 20.36 17.74
N THR A 689 63.29 19.11 17.79
CA THR A 689 64.70 18.83 17.96
C THR A 689 65.45 19.45 16.81
N GLU A 690 64.92 19.27 15.61
CA GLU A 690 65.53 19.81 14.40
C GLU A 690 65.66 21.34 14.48
N HIS A 691 64.66 21.98 15.06
CA HIS A 691 64.68 23.43 15.22
C HIS A 691 65.66 23.83 16.32
N LEU A 692 65.56 23.14 17.46
CA LEU A 692 66.43 23.43 18.59
C LEU A 692 67.90 23.23 18.23
N VAL A 693 68.18 22.13 17.53
CA VAL A 693 69.54 21.82 17.10
C VAL A 693 70.11 22.89 16.18
N ARG A 694 69.31 23.28 15.19
CA ARG A 694 69.71 24.31 14.22
C ARG A 694 69.92 25.69 14.85
N CYS A 695 69.15 26.02 15.89
CA CYS A 695 69.29 27.31 16.54
C CYS A 695 70.60 27.39 17.32
N GLU A 696 71.05 26.25 17.85
CA GLU A 696 72.31 26.20 18.57
C GLU A 696 73.44 26.30 17.56
N THR A 697 73.39 25.44 16.55
CA THR A 697 74.36 25.42 15.48
C THR A 697 74.61 26.81 14.91
N ASP A 698 73.52 27.51 14.59
CA ASP A 698 73.63 28.84 13.98
C ASP A 698 73.68 29.99 14.99
N GLY A 699 73.50 29.68 16.26
CA GLY A 699 73.49 30.72 17.28
C GLY A 699 72.31 31.67 17.11
N THR A 700 71.20 31.17 16.58
CA THR A 700 70.02 31.99 16.38
C THR A 700 69.03 31.79 17.50
N SER A 701 68.12 32.75 17.67
CA SER A 701 67.14 32.69 18.73
C SER A 701 66.20 31.48 18.60
N VAL A 702 65.96 30.80 19.72
CA VAL A 702 65.08 29.66 19.76
C VAL A 702 63.64 30.11 19.62
N LEU A 703 63.32 31.19 20.32
CA LEU A 703 61.97 31.73 20.39
C LEU A 703 61.51 32.46 19.14
N THR A 704 61.06 31.72 18.14
CA THR A 704 60.50 32.33 16.94
C THR A 704 59.00 32.08 16.96
N PRO A 705 58.26 32.83 16.13
CA PRO A 705 56.83 32.58 15.98
C PRO A 705 56.57 31.13 15.62
N TRP A 706 57.40 30.56 14.74
CA TRP A 706 57.20 29.18 14.37
C TRP A 706 57.33 28.29 15.60
N TYR A 707 58.31 28.58 16.43
CA TYR A 707 58.52 27.76 17.62
C TYR A 707 57.39 27.95 18.62
N LYS A 708 56.93 29.18 18.78
CA LYS A 708 55.83 29.41 19.70
C LYS A 708 54.66 28.48 19.33
N ASN A 709 54.31 28.43 18.05
CA ASN A 709 53.22 27.56 17.59
C ASN A 709 53.51 26.10 17.85
N CYS A 710 54.67 25.65 17.40
CA CYS A 710 54.98 24.23 17.49
C CYS A 710 54.89 23.69 18.92
N ILE A 711 55.59 24.34 19.84
CA ILE A 711 55.64 23.86 21.21
C ILE A 711 54.25 23.98 21.88
N GLU A 712 53.51 25.01 21.55
CA GLU A 712 52.20 25.14 22.15
C GLU A 712 51.21 24.18 21.49
N ARG A 713 51.47 23.77 20.25
CA ARG A 713 50.65 22.75 19.60
C ARG A 713 50.92 21.37 20.24
N LEU A 714 52.16 21.15 20.67
CA LEU A 714 52.49 19.91 21.37
C LEU A 714 51.78 19.96 22.71
N GLN A 715 51.89 21.09 23.40
CA GLN A 715 51.21 21.28 24.67
C GLN A 715 49.70 20.99 24.53
N GLN A 716 49.13 21.42 23.42
CA GLN A 716 47.71 21.26 23.17
C GLN A 716 47.29 19.80 23.02
N ILE A 717 48.17 18.97 22.47
CA ILE A 717 47.86 17.54 22.37
C ILE A 717 47.61 17.00 23.76
N PHE A 718 48.49 17.32 24.70
CA PHE A 718 48.32 16.90 26.08
C PHE A 718 47.04 17.47 26.74
N LEU A 719 46.82 18.77 26.57
CA LEU A 719 45.66 19.41 27.20
C LEU A 719 44.31 18.89 26.69
N GLN A 720 44.18 18.70 25.39
CA GLN A 720 42.89 18.29 24.83
C GLN A 720 42.59 16.80 25.04
N HIS A 721 43.64 15.99 25.18
CA HIS A 721 43.40 14.57 25.35
C HIS A 721 44.03 13.98 26.60
N HIS A 722 44.14 14.80 27.65
CA HIS A 722 44.79 14.34 28.86
C HIS A 722 44.27 13.02 29.43
N GLN A 723 42.97 12.84 29.45
CA GLN A 723 42.38 11.63 30.02
C GLN A 723 42.86 10.36 29.30
N ILE A 724 42.90 10.42 27.98
CA ILE A 724 43.35 9.29 27.18
C ILE A 724 44.86 9.10 27.27
N ILE A 725 45.61 10.19 27.26
CA ILE A 725 47.07 10.11 27.26
C ILE A 725 47.61 9.57 28.58
N GLN A 726 46.88 9.81 29.66
CA GLN A 726 47.34 9.37 30.97
C GLN A 726 47.59 7.87 31.06
N GLN A 727 46.90 7.08 30.24
CA GLN A 727 47.14 5.64 30.22
C GLN A 727 48.43 5.27 29.48
N TYR A 728 49.01 6.22 28.75
CA TYR A 728 50.23 5.96 27.99
C TYR A 728 51.47 6.50 28.67
N MET A 729 51.31 7.04 29.88
CA MET A 729 52.42 7.68 30.58
C MET A 729 53.71 6.87 30.66
N VAL A 730 53.61 5.60 31.01
CA VAL A 730 54.79 4.73 31.13
C VAL A 730 55.46 4.60 29.77
N THR A 731 54.68 4.22 28.77
CA THR A 731 55.20 4.10 27.42
C THR A 731 55.84 5.40 26.94
N LEU A 732 55.13 6.51 27.12
CA LEU A 732 55.64 7.80 26.63
C LEU A 732 56.95 8.15 27.29
N GLU A 733 57.00 7.92 28.60
CA GLU A 733 58.19 8.22 29.36
C GLU A 733 59.34 7.29 28.99
N ASN A 734 59.04 6.02 28.70
CA ASN A 734 60.12 5.10 28.33
C ASN A 734 60.61 5.27 26.90
N LEU A 735 59.71 5.57 25.98
CA LEU A 735 60.08 5.63 24.57
C LEU A 735 60.44 7.00 24.02
N LEU A 736 59.73 8.03 24.47
CA LEU A 736 59.87 9.33 23.84
C LEU A 736 60.31 10.47 24.74
N PHE A 737 59.62 10.67 25.84
CA PHE A 737 59.97 11.79 26.72
C PHE A 737 60.93 11.29 27.79
N THR A 738 62.16 11.03 27.36
CA THR A 738 63.19 10.48 28.23
C THR A 738 64.04 11.60 28.83
N ALA A 739 64.83 11.25 29.83
CA ALA A 739 65.66 12.23 30.53
C ALA A 739 66.67 12.94 29.62
N GLU A 740 66.99 12.32 28.49
CA GLU A 740 67.94 12.90 27.55
C GLU A 740 67.30 13.84 26.53
N LEU A 741 65.97 13.90 26.51
CA LEU A 741 65.27 14.78 25.59
C LEU A 741 65.60 16.24 25.91
N ASP A 742 65.82 17.05 24.88
CA ASP A 742 66.06 18.48 25.07
C ASP A 742 65.01 19.07 26.03
N PRO A 743 65.48 19.80 27.04
CA PRO A 743 64.61 20.35 28.10
C PRO A 743 63.41 21.17 27.64
N HIS A 744 63.52 21.86 26.51
CA HIS A 744 62.38 22.61 25.98
C HIS A 744 61.22 21.67 25.72
N ILE A 745 61.53 20.50 25.16
CA ILE A 745 60.49 19.55 24.80
C ILE A 745 60.05 18.74 26.01
N LEU A 746 61.01 18.24 26.77
CA LEU A 746 60.72 17.43 27.93
C LEU A 746 59.86 18.18 28.95
N ALA A 747 60.06 19.49 29.04
CA ALA A 747 59.30 20.28 29.99
C ALA A 747 57.79 20.16 29.78
N VAL A 748 57.36 20.04 28.53
CA VAL A 748 55.94 19.91 28.24
C VAL A 748 55.38 18.65 28.87
N PHE A 749 56.12 17.55 28.73
CA PHE A 749 55.71 16.28 29.32
C PHE A 749 55.71 16.39 30.84
N GLN A 750 56.72 17.07 31.35
CA GLN A 750 56.83 17.25 32.80
C GLN A 750 55.70 18.14 33.29
N GLN A 751 55.33 19.14 32.50
CA GLN A 751 54.22 20.02 32.91
C GLN A 751 52.94 19.20 32.94
N PHE A 752 52.74 18.38 31.92
CA PHE A 752 51.57 17.53 31.86
C PHE A 752 51.46 16.57 33.03
N CYS A 753 52.59 15.95 33.38
CA CYS A 753 52.62 15.01 34.50
C CYS A 753 52.23 15.72 35.79
N ALA A 754 52.68 16.96 35.93
CA ALA A 754 52.40 17.76 37.11
C ALA A 754 50.91 18.06 37.31
N LEU A 755 50.08 17.79 36.31
CA LEU A 755 48.66 18.05 36.43
C LEU A 755 48.01 17.09 37.42
N GLN A 756 48.64 15.96 37.66
CA GLN A 756 48.09 14.99 38.60
C GLN A 756 49.14 14.43 39.56
N ALA A 757 50.27 15.11 39.68
CA ALA A 757 51.33 14.66 40.58
C ALA A 757 51.15 15.28 41.97
N GLU B 7 -2.02 -64.90 -11.40
CA GLU B 7 -2.14 -66.18 -12.17
C GLU B 7 -3.46 -66.86 -11.88
N THR B 8 -3.72 -67.11 -10.60
CA THR B 8 -4.95 -67.79 -10.19
C THR B 8 -6.10 -66.79 -10.11
N GLU B 9 -5.84 -65.63 -9.54
CA GLU B 9 -6.82 -64.57 -9.43
C GLU B 9 -7.08 -64.01 -10.81
N ASP B 10 -6.13 -64.26 -11.71
CA ASP B 10 -6.19 -63.80 -13.08
C ASP B 10 -7.04 -64.72 -13.95
N HIS B 11 -6.96 -66.02 -13.66
CA HIS B 11 -7.72 -67.01 -14.42
C HIS B 11 -9.20 -66.99 -14.03
N LEU B 12 -9.46 -66.66 -12.77
CA LEU B 12 -10.82 -66.58 -12.27
C LEU B 12 -11.53 -65.42 -12.96
N GLU B 13 -10.80 -64.33 -13.13
CA GLU B 13 -11.34 -63.16 -13.80
C GLU B 13 -11.76 -63.53 -15.20
N SER B 14 -10.90 -64.26 -15.90
CA SER B 14 -11.18 -64.68 -17.25
C SER B 14 -12.45 -65.52 -17.31
N LEU B 15 -12.56 -66.49 -16.41
CA LEU B 15 -13.73 -67.35 -16.36
C LEU B 15 -15.02 -66.56 -16.14
N ILE B 16 -14.96 -65.56 -15.27
CA ILE B 16 -16.14 -64.76 -14.97
C ILE B 16 -16.49 -63.83 -16.12
N CYS B 17 -15.48 -63.15 -16.65
CA CYS B 17 -15.71 -62.22 -17.75
C CYS B 17 -16.29 -62.92 -18.96
N LYS B 18 -15.89 -64.17 -19.19
CA LYS B 18 -16.31 -64.89 -20.39
C LYS B 18 -17.53 -65.82 -20.27
N VAL B 19 -18.06 -66.00 -19.08
CA VAL B 19 -19.24 -66.84 -18.95
C VAL B 19 -20.38 -66.17 -19.72
N GLY B 20 -21.09 -66.96 -20.53
CA GLY B 20 -22.18 -66.42 -21.31
C GLY B 20 -21.81 -66.22 -22.77
N GLU B 21 -20.51 -66.23 -23.06
CA GLU B 21 -20.06 -66.05 -24.44
C GLU B 21 -20.30 -67.32 -25.27
N LYS B 22 -20.05 -67.23 -26.57
CA LYS B 22 -20.21 -68.36 -27.47
C LYS B 22 -19.67 -69.64 -26.86
N SER B 23 -20.52 -70.66 -26.73
CA SER B 23 -20.07 -71.91 -26.14
C SER B 23 -20.73 -73.13 -26.73
N ALA B 24 -20.00 -74.25 -26.70
CA ALA B 24 -20.53 -75.52 -27.16
C ALA B 24 -21.59 -75.99 -26.17
N CYS B 25 -21.41 -75.61 -24.90
CA CYS B 25 -22.32 -75.99 -23.84
C CYS B 25 -23.36 -74.91 -23.58
N SER B 26 -24.42 -75.28 -22.86
CA SER B 26 -25.49 -74.34 -22.52
C SER B 26 -25.03 -73.34 -21.46
N LEU B 27 -25.72 -72.21 -21.42
CA LEU B 27 -25.43 -71.17 -20.44
C LEU B 27 -25.65 -71.74 -19.05
N GLU B 28 -26.75 -72.46 -18.90
CA GLU B 28 -27.12 -73.10 -17.65
C GLU B 28 -25.97 -73.97 -17.18
N SER B 29 -25.51 -74.83 -18.06
CA SER B 29 -24.42 -75.74 -17.74
C SER B 29 -23.17 -74.99 -17.33
N ASN B 30 -22.82 -73.96 -18.08
CA ASN B 30 -21.61 -73.18 -17.79
C ASN B 30 -21.71 -72.42 -16.47
N LEU B 31 -22.90 -71.90 -16.18
CA LEU B 31 -23.12 -71.20 -14.93
C LEU B 31 -22.91 -72.14 -13.75
N GLU B 32 -23.57 -73.30 -13.79
CA GLU B 32 -23.44 -74.27 -12.70
C GLU B 32 -21.98 -74.65 -12.57
N GLY B 33 -21.33 -74.91 -13.70
CA GLY B 33 -19.93 -75.24 -13.70
C GLY B 33 -19.10 -74.15 -13.06
N LEU B 34 -19.33 -72.90 -13.47
CA LEU B 34 -18.59 -71.75 -12.93
C LEU B 34 -18.84 -71.56 -11.44
N ALA B 35 -20.08 -71.81 -11.01
CA ALA B 35 -20.39 -71.70 -9.59
C ALA B 35 -19.54 -72.70 -8.81
N GLY B 36 -19.44 -73.91 -9.34
CA GLY B 36 -18.63 -74.95 -8.74
C GLY B 36 -17.19 -74.52 -8.61
N VAL B 37 -16.64 -73.99 -9.70
CA VAL B 37 -15.25 -73.55 -9.70
C VAL B 37 -14.99 -72.42 -8.72
N LEU B 38 -15.88 -71.44 -8.72
CA LEU B 38 -15.73 -70.30 -7.83
C LEU B 38 -15.86 -70.71 -6.35
N GLU B 39 -16.74 -71.65 -6.06
CA GLU B 39 -16.89 -72.09 -4.68
C GLU B 39 -15.61 -72.74 -4.20
N ALA B 40 -15.07 -73.64 -5.01
CA ALA B 40 -13.86 -74.38 -4.66
C ALA B 40 -12.66 -73.47 -4.43
N ASP B 41 -12.80 -72.19 -4.75
CA ASP B 41 -11.69 -71.25 -4.60
C ASP B 41 -11.97 -70.16 -3.59
N LEU B 42 -13.05 -70.30 -2.83
CA LEU B 42 -13.40 -69.32 -1.80
C LEU B 42 -12.44 -69.30 -0.62
N PRO B 43 -12.05 -70.48 -0.11
CA PRO B 43 -11.16 -70.55 1.04
C PRO B 43 -9.92 -69.67 0.85
N ASN B 44 -9.45 -69.59 -0.40
CA ASN B 44 -8.26 -68.81 -0.69
C ASN B 44 -8.50 -67.49 -1.42
N TYR B 45 -9.50 -67.45 -2.30
CA TYR B 45 -9.74 -66.25 -3.11
C TYR B 45 -11.12 -65.60 -2.94
N LYS B 46 -11.75 -65.81 -1.80
CA LYS B 46 -13.06 -65.21 -1.56
C LYS B 46 -13.00 -63.71 -1.83
N SER B 47 -11.95 -63.07 -1.31
CA SER B 47 -11.76 -61.62 -1.46
C SER B 47 -11.71 -61.16 -2.91
N LYS B 48 -10.89 -61.84 -3.71
CA LYS B 48 -10.75 -61.52 -5.12
C LYS B 48 -12.04 -61.82 -5.85
N ILE B 49 -12.63 -62.97 -5.58
CA ILE B 49 -13.87 -63.35 -6.23
C ILE B 49 -14.95 -62.32 -5.97
N LEU B 50 -14.97 -61.80 -4.75
CA LEU B 50 -15.95 -60.79 -4.38
C LEU B 50 -15.72 -59.54 -5.22
N ARG B 51 -14.45 -59.22 -5.46
CA ARG B 51 -14.09 -58.04 -6.23
C ARG B 51 -14.49 -58.19 -7.68
N LEU B 52 -14.11 -59.30 -8.28
CA LEU B 52 -14.40 -59.57 -9.68
C LEU B 52 -15.89 -59.49 -9.96
N LEU B 53 -16.70 -60.05 -9.06
CA LEU B 53 -18.15 -60.05 -9.24
C LEU B 53 -18.71 -58.64 -9.11
N CYS B 54 -18.21 -57.88 -8.14
CA CYS B 54 -18.68 -56.50 -7.99
C CYS B 54 -18.32 -55.71 -9.24
N THR B 55 -17.18 -56.06 -9.83
CA THR B 55 -16.70 -55.37 -11.02
C THR B 55 -17.59 -55.62 -12.25
N VAL B 56 -17.92 -56.88 -12.52
CA VAL B 56 -18.79 -57.18 -13.65
C VAL B 56 -20.18 -56.62 -13.41
N ALA B 57 -20.55 -56.50 -12.13
CA ALA B 57 -21.84 -55.94 -11.78
C ALA B 57 -21.88 -54.46 -12.17
N ARG B 58 -20.73 -53.82 -12.16
CA ARG B 58 -20.74 -52.41 -12.47
C ARG B 58 -20.28 -52.09 -13.89
N LEU B 59 -19.54 -53.01 -14.52
CA LEU B 59 -19.00 -52.73 -15.83
C LEU B 59 -19.66 -53.47 -16.99
N LEU B 60 -20.44 -54.51 -16.70
CA LEU B 60 -21.09 -55.30 -17.75
C LEU B 60 -22.60 -55.43 -17.57
N PRO B 61 -23.32 -54.32 -17.48
CA PRO B 61 -24.76 -54.35 -17.25
C PRO B 61 -25.50 -55.16 -18.32
N GLU B 62 -24.96 -55.20 -19.54
CA GLU B 62 -25.65 -55.94 -20.59
C GLU B 62 -25.75 -57.42 -20.20
N LYS B 63 -24.83 -57.88 -19.34
CA LYS B 63 -24.85 -59.27 -18.90
C LYS B 63 -25.46 -59.45 -17.49
N LEU B 64 -26.18 -58.43 -17.03
CA LEU B 64 -26.82 -58.41 -15.71
C LEU B 64 -27.38 -59.76 -15.23
N THR B 65 -28.34 -60.32 -15.95
CA THR B 65 -28.98 -61.54 -15.47
C THR B 65 -28.11 -62.78 -15.52
N ILE B 66 -27.06 -62.73 -16.32
CA ILE B 66 -26.12 -63.82 -16.31
C ILE B 66 -25.37 -63.79 -14.97
N TYR B 67 -24.89 -62.62 -14.59
CA TYR B 67 -24.12 -62.52 -13.36
C TYR B 67 -24.94 -62.65 -12.08
N THR B 68 -26.17 -62.15 -12.06
CA THR B 68 -26.98 -62.31 -10.86
C THR B 68 -27.26 -63.80 -10.65
N THR B 69 -27.52 -64.51 -11.75
CA THR B 69 -27.74 -65.93 -11.65
C THR B 69 -26.52 -66.60 -11.04
N LEU B 70 -25.35 -66.27 -11.56
CA LEU B 70 -24.11 -66.81 -11.04
C LEU B 70 -24.00 -66.55 -9.55
N VAL B 71 -24.22 -65.31 -9.13
CA VAL B 71 -24.16 -64.98 -7.72
C VAL B 71 -25.18 -65.84 -6.95
N GLY B 72 -26.40 -65.95 -7.49
CA GLY B 72 -27.42 -66.77 -6.87
C GLY B 72 -26.97 -68.20 -6.63
N LEU B 73 -26.36 -68.80 -7.65
CA LEU B 73 -25.90 -70.18 -7.52
C LEU B 73 -24.80 -70.27 -6.48
N LEU B 74 -23.96 -69.24 -6.44
CA LEU B 74 -22.85 -69.19 -5.51
C LEU B 74 -23.38 -69.09 -4.09
N ASN B 75 -24.44 -68.30 -3.91
CA ASN B 75 -25.07 -68.08 -2.63
C ASN B 75 -25.77 -69.36 -2.16
N ALA B 76 -26.35 -70.10 -3.09
CA ALA B 76 -27.01 -71.36 -2.75
C ALA B 76 -26.00 -72.34 -2.18
N ARG B 77 -24.74 -72.19 -2.59
CA ARG B 77 -23.66 -73.06 -2.10
C ARG B 77 -23.06 -72.57 -0.80
N ASN B 78 -22.87 -71.26 -0.69
CA ASN B 78 -22.25 -70.65 0.47
C ASN B 78 -23.01 -69.39 0.82
N TYR B 79 -23.96 -69.51 1.75
CA TYR B 79 -24.82 -68.41 2.16
C TYR B 79 -24.04 -67.23 2.73
N ASN B 80 -22.97 -67.51 3.48
CA ASN B 80 -22.16 -66.43 4.03
C ASN B 80 -21.53 -65.62 2.92
N PHE B 81 -21.16 -66.29 1.84
CA PHE B 81 -20.57 -65.59 0.72
C PHE B 81 -21.53 -64.55 0.17
N GLY B 82 -22.79 -64.93 0.00
CA GLY B 82 -23.80 -64.02 -0.51
C GLY B 82 -23.96 -62.83 0.39
N GLY B 83 -23.82 -63.06 1.70
CA GLY B 83 -23.94 -61.99 2.67
C GLY B 83 -22.80 -61.01 2.47
N GLU B 84 -21.61 -61.54 2.25
CA GLU B 84 -20.46 -60.68 2.04
C GLU B 84 -20.58 -59.96 0.70
N PHE B 85 -21.00 -60.68 -0.32
CA PHE B 85 -21.17 -60.05 -1.63
C PHE B 85 -22.13 -58.88 -1.54
N VAL B 86 -23.31 -59.14 -1.01
CA VAL B 86 -24.32 -58.11 -0.87
C VAL B 86 -23.79 -56.94 -0.04
N GLU B 87 -22.99 -57.28 0.97
CA GLU B 87 -22.38 -56.27 1.83
C GLU B 87 -21.40 -55.42 1.01
N ALA B 88 -20.58 -56.09 0.20
CA ALA B 88 -19.61 -55.41 -0.65
C ALA B 88 -20.28 -54.55 -1.73
N MET B 89 -21.37 -55.03 -2.28
CA MET B 89 -22.08 -54.29 -3.31
C MET B 89 -22.59 -52.97 -2.77
N ILE B 90 -23.09 -52.99 -1.54
CA ILE B 90 -23.59 -51.78 -0.90
C ILE B 90 -22.46 -50.78 -0.68
N ARG B 91 -21.28 -51.26 -0.33
CA ARG B 91 -20.12 -50.40 -0.15
C ARG B 91 -19.69 -49.84 -1.49
N GLN B 92 -19.74 -50.67 -2.52
CA GLN B 92 -19.38 -50.22 -3.85
C GLN B 92 -20.39 -49.18 -4.34
N LEU B 93 -21.66 -49.39 -4.03
CA LEU B 93 -22.67 -48.40 -4.38
C LEU B 93 -22.30 -47.04 -3.75
N LYS B 94 -22.06 -47.04 -2.44
CA LYS B 94 -21.67 -45.82 -1.75
C LYS B 94 -20.46 -45.18 -2.39
N GLU B 95 -19.47 -46.01 -2.69
CA GLU B 95 -18.24 -45.54 -3.30
C GLU B 95 -18.43 -44.90 -4.67
N SER B 96 -19.21 -45.53 -5.54
CA SER B 96 -19.45 -44.99 -6.87
C SER B 96 -20.14 -43.64 -6.80
N LEU B 97 -21.14 -43.53 -5.92
CA LEU B 97 -21.86 -42.29 -5.71
C LEU B 97 -20.90 -41.21 -5.24
N LYS B 98 -20.03 -41.58 -4.31
CA LYS B 98 -19.03 -40.66 -3.79
C LYS B 98 -18.20 -40.12 -4.92
N ALA B 99 -17.72 -41.02 -5.78
CA ALA B 99 -16.87 -40.65 -6.89
C ALA B 99 -17.64 -40.04 -8.07
N ASN B 100 -18.92 -39.75 -7.86
CA ASN B 100 -19.77 -39.18 -8.90
C ASN B 100 -19.98 -40.09 -10.10
N ASN B 101 -19.82 -41.39 -9.90
CA ASN B 101 -20.06 -42.31 -11.00
C ASN B 101 -21.51 -42.83 -10.91
N TYR B 102 -22.45 -41.91 -11.09
CA TYR B 102 -23.88 -42.20 -10.99
C TYR B 102 -24.29 -43.21 -12.05
N ASN B 103 -23.61 -43.15 -13.19
CA ASN B 103 -23.91 -44.08 -14.25
C ASN B 103 -23.62 -45.53 -13.88
N GLU B 104 -22.46 -45.76 -13.28
CA GLU B 104 -22.13 -47.09 -12.79
C GLU B 104 -23.04 -47.45 -11.62
N ALA B 105 -23.40 -46.46 -10.82
CA ALA B 105 -24.25 -46.74 -9.67
C ALA B 105 -25.59 -47.31 -10.11
N VAL B 106 -26.08 -46.87 -11.25
CA VAL B 106 -27.36 -47.39 -11.73
C VAL B 106 -27.27 -48.90 -11.94
N TYR B 107 -26.17 -49.36 -12.50
CA TYR B 107 -26.02 -50.78 -12.79
C TYR B 107 -25.95 -51.59 -11.50
N LEU B 108 -25.30 -51.03 -10.49
CA LEU B 108 -25.22 -51.64 -9.19
C LEU B 108 -26.63 -51.80 -8.62
N VAL B 109 -27.43 -50.75 -8.70
CA VAL B 109 -28.79 -50.78 -8.16
C VAL B 109 -29.61 -51.82 -8.91
N ARG B 110 -29.41 -51.89 -10.22
CA ARG B 110 -30.08 -52.84 -11.06
C ARG B 110 -29.66 -54.28 -10.66
N PHE B 111 -28.40 -54.45 -10.34
CA PHE B 111 -27.87 -55.76 -10.00
C PHE B 111 -28.50 -56.23 -8.69
N LEU B 112 -28.57 -55.33 -7.72
CA LEU B 112 -29.18 -55.64 -6.43
C LEU B 112 -30.63 -55.99 -6.63
N SER B 113 -31.29 -55.25 -7.51
CA SER B 113 -32.69 -55.46 -7.81
C SER B 113 -32.90 -56.86 -8.36
N ASP B 114 -32.16 -57.20 -9.40
CA ASP B 114 -32.33 -58.49 -10.05
C ASP B 114 -31.95 -59.62 -9.09
N LEU B 115 -31.06 -59.34 -8.15
CA LEU B 115 -30.68 -60.33 -7.15
C LEU B 115 -31.88 -60.77 -6.33
N VAL B 116 -32.94 -59.95 -6.30
CA VAL B 116 -34.16 -60.30 -5.61
C VAL B 116 -34.84 -61.49 -6.34
N ASN B 117 -34.83 -61.44 -7.68
CA ASN B 117 -35.39 -62.52 -8.49
C ASN B 117 -34.56 -63.78 -8.32
N CYS B 118 -33.29 -63.59 -8.02
CA CYS B 118 -32.41 -64.73 -7.79
C CYS B 118 -32.57 -65.22 -6.36
N HIS B 119 -33.43 -64.54 -5.60
CA HIS B 119 -33.65 -64.81 -4.18
C HIS B 119 -32.37 -64.71 -3.34
N VAL B 120 -31.45 -63.85 -3.75
CA VAL B 120 -30.26 -63.59 -2.96
C VAL B 120 -30.55 -62.45 -1.96
N ILE B 121 -31.46 -61.56 -2.34
CA ILE B 121 -31.85 -60.42 -1.51
C ILE B 121 -33.36 -60.45 -1.31
N ALA B 122 -33.79 -60.29 -0.06
CA ALA B 122 -35.21 -60.30 0.22
C ALA B 122 -35.82 -59.07 -0.43
N ALA B 123 -37.03 -59.23 -0.95
CA ALA B 123 -37.71 -58.15 -1.63
C ALA B 123 -37.86 -56.87 -0.81
N PRO B 124 -38.26 -56.98 0.47
CA PRO B 124 -38.46 -55.79 1.30
C PRO B 124 -37.20 -54.95 1.46
N SER B 125 -36.03 -55.55 1.27
CA SER B 125 -34.81 -54.74 1.31
C SER B 125 -34.77 -53.72 0.16
N MET B 126 -35.24 -54.13 -1.03
CA MET B 126 -35.20 -53.20 -2.16
C MET B 126 -36.34 -52.20 -2.08
N VAL B 127 -37.49 -52.63 -1.57
CA VAL B 127 -38.60 -51.71 -1.32
C VAL B 127 -38.09 -50.60 -0.41
N ALA B 128 -37.35 -50.97 0.63
CA ALA B 128 -36.82 -49.99 1.57
C ALA B 128 -35.82 -49.07 0.88
N MET B 129 -34.91 -49.64 0.10
CA MET B 129 -33.94 -48.81 -0.61
C MET B 129 -34.63 -47.83 -1.52
N PHE B 130 -35.63 -48.32 -2.26
CA PHE B 130 -36.33 -47.46 -3.18
C PHE B 130 -37.15 -46.39 -2.46
N GLU B 131 -37.64 -46.70 -1.26
CA GLU B 131 -38.32 -45.69 -0.45
C GLU B 131 -37.31 -44.58 -0.17
N ASN B 132 -36.11 -44.97 0.19
CA ASN B 132 -35.05 -44.02 0.47
C ASN B 132 -34.64 -43.20 -0.75
N PHE B 133 -34.59 -43.85 -1.91
CA PHE B 133 -34.24 -43.13 -3.13
C PHE B 133 -35.30 -42.07 -3.40
N VAL B 134 -36.55 -42.43 -3.20
CA VAL B 134 -37.64 -41.53 -3.51
C VAL B 134 -37.75 -40.36 -2.50
N SER B 135 -37.28 -40.59 -1.28
CA SER B 135 -37.27 -39.53 -0.28
C SER B 135 -36.34 -38.41 -0.71
N VAL B 136 -35.39 -38.72 -1.59
CA VAL B 136 -34.50 -37.70 -2.12
C VAL B 136 -35.31 -36.59 -2.79
N THR B 137 -36.41 -36.96 -3.45
CA THR B 137 -37.26 -35.97 -4.10
C THR B 137 -37.92 -35.05 -3.08
N GLN B 138 -37.69 -35.34 -1.80
CA GLN B 138 -38.29 -34.56 -0.73
C GLN B 138 -37.22 -33.73 -0.04
N GLU B 139 -35.99 -33.83 -0.51
CA GLU B 139 -34.92 -33.04 0.05
C GLU B 139 -35.11 -31.60 -0.37
N GLU B 140 -34.95 -30.68 0.58
CA GLU B 140 -35.13 -29.27 0.29
C GLU B 140 -33.85 -28.63 -0.23
N ASP B 141 -34.00 -27.75 -1.22
CA ASP B 141 -32.87 -27.01 -1.77
C ASP B 141 -31.73 -27.85 -2.33
N VAL B 142 -32.08 -28.83 -3.17
CA VAL B 142 -31.08 -29.64 -3.85
C VAL B 142 -31.42 -29.60 -5.35
N PRO B 143 -30.42 -29.80 -6.19
CA PRO B 143 -30.61 -29.74 -7.64
C PRO B 143 -31.64 -30.76 -8.12
N GLN B 144 -32.42 -30.38 -9.13
CA GLN B 144 -33.39 -31.30 -9.69
C GLN B 144 -32.70 -32.55 -10.26
N VAL B 145 -31.52 -32.37 -10.85
CA VAL B 145 -30.80 -33.50 -11.43
C VAL B 145 -30.44 -34.50 -10.38
N ARG B 146 -30.38 -34.06 -9.13
CA ARG B 146 -30.08 -34.98 -8.05
C ARG B 146 -31.29 -35.86 -7.78
N ARG B 147 -32.45 -35.24 -7.67
CA ARG B 147 -33.68 -35.96 -7.39
C ARG B 147 -34.00 -36.90 -8.55
N ASP B 148 -33.74 -36.42 -9.77
CA ASP B 148 -33.96 -37.19 -10.99
C ASP B 148 -33.18 -38.48 -11.02
N TRP B 149 -31.91 -38.41 -10.67
CA TRP B 149 -31.09 -39.60 -10.73
C TRP B 149 -31.62 -40.73 -9.86
N TYR B 150 -31.97 -40.41 -8.62
CA TYR B 150 -32.50 -41.39 -7.69
C TYR B 150 -33.81 -41.96 -8.17
N VAL B 151 -34.62 -41.13 -8.81
CA VAL B 151 -35.88 -41.60 -9.34
C VAL B 151 -35.61 -42.50 -10.54
N TYR B 152 -34.65 -42.10 -11.37
CA TYR B 152 -34.28 -42.86 -12.55
C TYR B 152 -33.73 -44.24 -12.16
N ALA B 153 -32.83 -44.26 -11.18
CA ALA B 153 -32.23 -45.50 -10.73
C ALA B 153 -33.29 -46.46 -10.19
N PHE B 154 -34.32 -45.91 -9.57
CA PHE B 154 -35.42 -46.71 -9.07
C PHE B 154 -36.28 -47.25 -10.22
N LEU B 155 -36.86 -46.35 -11.01
CA LEU B 155 -37.73 -46.74 -12.08
C LEU B 155 -37.06 -47.69 -13.09
N SER B 156 -35.81 -47.42 -13.44
CA SER B 156 -35.13 -48.21 -14.45
C SER B 156 -34.77 -49.62 -13.98
N SER B 157 -35.00 -49.91 -12.70
CA SER B 157 -34.76 -51.24 -12.16
C SER B 157 -36.01 -52.10 -12.27
N LEU B 158 -37.16 -51.45 -12.41
CA LEU B 158 -38.44 -52.15 -12.37
C LEU B 158 -38.67 -53.21 -13.48
N PRO B 159 -38.17 -53.00 -14.69
CA PRO B 159 -38.34 -54.04 -15.72
C PRO B 159 -37.80 -55.34 -15.19
N TRP B 160 -36.80 -55.28 -14.32
CA TRP B 160 -36.23 -56.50 -13.77
C TRP B 160 -36.92 -57.01 -12.52
N VAL B 161 -37.19 -56.10 -11.58
CA VAL B 161 -37.64 -56.51 -10.23
C VAL B 161 -39.05 -56.06 -9.88
N GLY B 162 -39.67 -55.28 -10.75
CA GLY B 162 -41.00 -54.74 -10.49
C GLY B 162 -42.02 -55.79 -10.07
N LYS B 163 -42.06 -56.91 -10.79
CA LYS B 163 -43.04 -57.94 -10.51
C LYS B 163 -42.93 -58.48 -9.10
N GLU B 164 -41.73 -58.87 -8.73
CA GLU B 164 -41.51 -59.43 -7.41
C GLU B 164 -41.80 -58.42 -6.29
N LEU B 165 -41.37 -57.17 -6.46
CA LEU B 165 -41.60 -56.15 -5.41
C LEU B 165 -43.10 -55.93 -5.22
N TYR B 166 -43.84 -55.90 -6.31
CA TYR B 166 -45.26 -55.63 -6.24
C TYR B 166 -46.01 -56.82 -5.67
N GLU B 167 -45.52 -58.03 -5.91
CA GLU B 167 -46.17 -59.23 -5.41
C GLU B 167 -45.98 -59.36 -3.91
N LYS B 168 -44.84 -58.86 -3.41
CA LYS B 168 -44.52 -58.94 -1.99
C LYS B 168 -45.04 -57.76 -1.19
N LYS B 169 -45.00 -56.56 -1.76
CA LYS B 169 -45.38 -55.36 -1.04
C LYS B 169 -46.14 -54.38 -1.92
N ASP B 170 -47.26 -54.80 -2.48
CA ASP B 170 -47.98 -53.92 -3.40
C ASP B 170 -48.38 -52.58 -2.79
N ALA B 171 -48.84 -52.58 -1.54
CA ALA B 171 -49.28 -51.35 -0.89
C ALA B 171 -48.11 -50.40 -0.69
N GLU B 172 -46.99 -50.95 -0.24
CA GLU B 172 -45.80 -50.17 -0.01
C GLU B 172 -45.29 -49.60 -1.34
N MET B 173 -45.43 -50.38 -2.41
CA MET B 173 -44.97 -49.92 -3.71
C MET B 173 -45.89 -48.81 -4.23
N ASP B 174 -47.19 -48.97 -4.00
CA ASP B 174 -48.17 -47.97 -4.43
C ASP B 174 -47.86 -46.60 -3.80
N ARG B 175 -47.42 -46.63 -2.54
CA ARG B 175 -47.06 -45.39 -1.86
C ARG B 175 -45.82 -44.76 -2.49
N ILE B 176 -44.84 -45.58 -2.83
CA ILE B 176 -43.65 -45.07 -3.47
C ILE B 176 -44.01 -44.45 -4.82
N PHE B 177 -44.83 -45.15 -5.59
CA PHE B 177 -45.27 -44.64 -6.88
C PHE B 177 -46.01 -43.32 -6.77
N ALA B 178 -46.87 -43.21 -5.76
CA ALA B 178 -47.61 -41.98 -5.54
C ALA B 178 -46.64 -40.83 -5.34
N ASN B 179 -45.63 -41.06 -4.50
CA ASN B 179 -44.66 -40.03 -4.21
C ASN B 179 -43.85 -39.73 -5.46
N THR B 180 -43.56 -40.78 -6.23
CA THR B 180 -42.76 -40.58 -7.43
C THR B 180 -43.54 -39.73 -8.42
N GLU B 181 -44.79 -40.11 -8.65
CA GLU B 181 -45.67 -39.39 -9.58
C GLU B 181 -45.80 -37.91 -9.22
N SER B 182 -46.04 -37.63 -7.95
CA SER B 182 -46.20 -36.25 -7.52
C SER B 182 -44.91 -35.46 -7.79
N TYR B 183 -43.76 -36.09 -7.53
CA TYR B 183 -42.50 -35.44 -7.88
C TYR B 183 -42.40 -35.16 -9.39
N LEU B 184 -42.58 -36.19 -10.22
CA LEU B 184 -42.46 -36.00 -11.66
C LEU B 184 -43.38 -34.91 -12.21
N LYS B 185 -44.55 -34.74 -11.57
CA LYS B 185 -45.52 -33.77 -12.02
C LYS B 185 -45.08 -32.32 -11.82
N ARG B 186 -44.16 -32.10 -10.90
CA ARG B 186 -43.70 -30.74 -10.61
C ARG B 186 -42.26 -30.47 -11.05
N ARG B 187 -41.72 -31.36 -11.88
CA ARG B 187 -40.36 -31.16 -12.40
C ARG B 187 -40.36 -30.03 -13.41
N GLN B 188 -39.30 -29.24 -13.42
CA GLN B 188 -39.18 -28.24 -14.46
C GLN B 188 -38.69 -28.92 -15.76
N LYS B 189 -39.18 -28.45 -16.89
CA LYS B 189 -38.85 -29.03 -18.18
C LYS B 189 -38.06 -28.05 -19.05
N THR B 190 -37.42 -27.08 -18.41
CA THR B 190 -36.72 -26.02 -19.10
C THR B 190 -35.62 -26.53 -20.05
N HIS B 191 -34.98 -27.63 -19.68
CA HIS B 191 -33.92 -28.20 -20.48
C HIS B 191 -34.38 -28.84 -21.80
N VAL B 192 -35.63 -29.29 -21.88
CA VAL B 192 -36.08 -30.07 -23.03
C VAL B 192 -35.73 -29.51 -24.43
N PRO B 193 -36.13 -28.27 -24.72
CA PRO B 193 -35.89 -27.71 -26.06
C PRO B 193 -34.42 -27.69 -26.46
N MET B 194 -33.50 -27.65 -25.49
CA MET B 194 -32.09 -27.61 -25.80
C MET B 194 -31.50 -29.01 -26.08
N LEU B 195 -32.27 -30.05 -25.79
CA LEU B 195 -31.75 -31.40 -25.94
C LEU B 195 -32.50 -32.25 -26.96
N GLN B 196 -33.61 -31.75 -27.49
CA GLN B 196 -34.33 -32.52 -28.49
C GLN B 196 -33.63 -32.50 -29.85
N VAL B 197 -33.54 -33.67 -30.48
CA VAL B 197 -33.00 -33.74 -31.82
C VAL B 197 -33.97 -33.08 -32.82
N TRP B 198 -35.27 -33.21 -32.55
CA TRP B 198 -36.30 -32.53 -33.37
C TRP B 198 -37.29 -31.85 -32.44
N THR B 199 -37.87 -30.73 -32.87
CA THR B 199 -38.89 -30.06 -32.07
C THR B 199 -40.29 -30.46 -32.54
N ALA B 200 -40.38 -31.00 -33.75
CA ALA B 200 -41.67 -31.45 -34.26
C ALA B 200 -42.25 -32.51 -33.35
N ASP B 201 -43.57 -32.51 -33.20
CA ASP B 201 -44.24 -33.51 -32.37
C ASP B 201 -44.56 -34.76 -33.18
N LYS B 202 -44.57 -34.60 -34.50
CA LYS B 202 -44.86 -35.69 -35.40
C LYS B 202 -43.69 -35.92 -36.32
N PRO B 203 -43.47 -37.18 -36.70
CA PRO B 203 -44.28 -38.30 -36.23
C PRO B 203 -43.95 -38.83 -34.82
N HIS B 204 -42.79 -38.49 -34.27
CA HIS B 204 -42.49 -38.97 -32.93
C HIS B 204 -42.05 -37.87 -31.99
N PRO B 205 -42.76 -37.69 -30.88
CA PRO B 205 -42.31 -36.73 -29.88
C PRO B 205 -40.96 -37.17 -29.32
N GLN B 206 -40.04 -36.23 -29.17
CA GLN B 206 -38.80 -36.53 -28.51
C GLN B 206 -39.07 -36.20 -27.05
N GLU B 207 -39.30 -37.24 -26.27
CA GLU B 207 -39.76 -37.09 -24.89
C GLU B 207 -38.66 -36.94 -23.84
N GLU B 208 -38.97 -36.20 -22.78
CA GLU B 208 -38.03 -36.08 -21.67
C GLU B 208 -37.86 -37.49 -21.07
N TYR B 209 -36.63 -37.88 -20.78
CA TYR B 209 -36.36 -39.26 -20.36
C TYR B 209 -37.14 -39.76 -19.15
N LEU B 210 -37.40 -38.92 -18.16
CA LEU B 210 -38.18 -39.35 -17.01
C LEU B 210 -39.67 -39.49 -17.31
N ASP B 211 -40.20 -38.62 -18.15
CA ASP B 211 -41.61 -38.74 -18.54
C ASP B 211 -41.79 -40.04 -19.37
N CYS B 212 -40.76 -40.41 -20.11
CA CYS B 212 -40.87 -41.56 -20.98
C CYS B 212 -40.80 -42.83 -20.16
N LEU B 213 -39.81 -42.90 -19.29
CA LEU B 213 -39.62 -44.06 -18.44
C LEU B 213 -40.84 -44.25 -17.56
N TRP B 214 -41.41 -43.15 -17.05
CA TRP B 214 -42.61 -43.24 -16.22
C TRP B 214 -43.74 -43.91 -16.99
N ALA B 215 -44.00 -43.43 -18.19
CA ALA B 215 -45.03 -44.01 -19.03
C ALA B 215 -44.72 -45.48 -19.28
N GLN B 216 -43.45 -45.77 -19.56
CA GLN B 216 -43.05 -47.16 -19.72
C GLN B 216 -43.35 -47.99 -18.48
N ILE B 217 -43.03 -47.46 -17.31
CA ILE B 217 -43.31 -48.18 -16.08
C ILE B 217 -44.83 -48.34 -15.87
N GLN B 218 -45.62 -47.31 -16.22
CA GLN B 218 -47.07 -47.39 -16.05
C GLN B 218 -47.64 -48.48 -16.95
N LYS B 219 -47.08 -48.63 -18.14
CA LYS B 219 -47.54 -49.68 -19.04
C LYS B 219 -47.20 -51.05 -18.50
N LEU B 220 -46.01 -51.19 -17.93
CA LEU B 220 -45.58 -52.44 -17.32
C LEU B 220 -46.51 -52.82 -16.16
N LYS B 221 -46.85 -51.82 -15.35
CA LYS B 221 -47.76 -52.03 -14.21
C LYS B 221 -49.12 -52.48 -14.75
N LYS B 222 -49.62 -51.78 -15.77
CA LYS B 222 -50.88 -52.17 -16.37
C LYS B 222 -50.79 -53.62 -16.87
N ASP B 223 -49.60 -54.02 -17.31
CA ASP B 223 -49.40 -55.39 -17.78
C ASP B 223 -49.09 -56.36 -16.66
N ARG B 224 -49.38 -55.98 -15.43
CA ARG B 224 -49.13 -56.83 -14.26
C ARG B 224 -47.65 -57.19 -14.12
N TRP B 225 -46.78 -56.27 -14.53
CA TRP B 225 -45.36 -56.43 -14.34
C TRP B 225 -44.76 -57.55 -15.19
N GLN B 226 -45.44 -57.89 -16.27
CA GLN B 226 -44.93 -58.90 -17.20
C GLN B 226 -44.30 -58.19 -18.37
N GLU B 227 -43.08 -58.58 -18.73
CA GLU B 227 -42.46 -58.07 -19.95
C GLU B 227 -41.97 -59.23 -20.80
N ARG B 228 -41.61 -58.95 -22.04
CA ARG B 228 -41.37 -60.03 -23.00
C ARG B 228 -39.97 -60.08 -23.58
N HIS B 229 -39.01 -59.40 -22.97
CA HIS B 229 -37.68 -59.34 -23.59
C HIS B 229 -36.52 -59.88 -22.75
N ILE B 230 -36.54 -59.59 -21.45
CA ILE B 230 -35.42 -59.93 -20.62
C ILE B 230 -35.18 -61.43 -20.47
N LEU B 231 -33.95 -61.85 -20.73
CA LEU B 231 -33.58 -63.24 -20.51
C LEU B 231 -33.16 -63.42 -19.07
N ARG B 232 -33.65 -64.48 -18.45
CA ARG B 232 -33.41 -64.70 -17.03
C ARG B 232 -32.99 -66.14 -16.80
N PRO B 233 -31.68 -66.38 -16.86
CA PRO B 233 -31.13 -67.71 -16.67
C PRO B 233 -31.53 -68.30 -15.33
N TYR B 234 -31.73 -67.45 -14.32
CA TYR B 234 -32.10 -67.96 -13.00
C TYR B 234 -33.39 -68.78 -12.99
N LEU B 235 -34.25 -68.58 -13.98
CA LEU B 235 -35.50 -69.32 -14.03
C LEU B 235 -35.28 -70.80 -14.35
N ALA B 236 -34.07 -71.14 -14.77
CA ALA B 236 -33.75 -72.54 -15.05
C ALA B 236 -33.33 -73.25 -13.79
N PHE B 237 -33.19 -72.50 -12.69
CA PHE B 237 -32.70 -73.07 -11.46
C PHE B 237 -33.68 -72.89 -10.32
N ASP B 238 -34.96 -72.94 -10.65
CA ASP B 238 -36.03 -72.75 -9.68
C ASP B 238 -35.88 -73.66 -8.47
N SER B 239 -35.34 -74.85 -8.67
CA SER B 239 -35.18 -75.78 -7.56
C SER B 239 -34.08 -75.33 -6.60
N ILE B 240 -32.94 -74.91 -7.15
CA ILE B 240 -31.83 -74.46 -6.33
C ILE B 240 -32.07 -73.13 -5.62
N LEU B 241 -32.49 -72.13 -6.38
CA LEU B 241 -32.70 -70.81 -5.81
C LEU B 241 -34.04 -70.76 -5.10
N CYS B 242 -34.07 -70.16 -3.92
CA CYS B 242 -35.31 -70.11 -3.16
C CYS B 242 -35.22 -69.04 -2.08
N GLU B 243 -36.37 -68.60 -1.59
CA GLU B 243 -36.44 -67.53 -0.61
C GLU B 243 -35.67 -67.76 0.69
N ALA B 244 -35.49 -69.02 1.07
CA ALA B 244 -34.75 -69.35 2.29
C ALA B 244 -33.28 -68.95 2.19
N LEU B 245 -32.82 -68.63 0.99
CA LEU B 245 -31.44 -68.24 0.80
C LEU B 245 -31.27 -66.73 0.80
N GLN B 246 -32.35 -66.01 1.05
CA GLN B 246 -32.36 -64.54 1.04
C GLN B 246 -31.51 -63.89 2.13
N HIS B 247 -31.02 -62.69 1.84
CA HIS B 247 -30.28 -61.85 2.77
C HIS B 247 -31.02 -60.54 2.93
N ASN B 248 -30.96 -59.95 4.12
CA ASN B 248 -31.51 -58.63 4.30
C ASN B 248 -30.36 -57.64 4.10
N LEU B 249 -30.62 -56.54 3.44
CA LEU B 249 -29.57 -55.56 3.18
C LEU B 249 -29.33 -54.66 4.37
N PRO B 250 -28.08 -54.29 4.59
CA PRO B 250 -27.73 -53.28 5.60
C PRO B 250 -28.40 -51.99 5.15
N PRO B 251 -28.61 -51.06 6.08
CA PRO B 251 -29.29 -49.79 5.75
C PRO B 251 -28.53 -49.01 4.68
N PHE B 252 -29.27 -48.30 3.85
CA PHE B 252 -28.64 -47.46 2.86
C PHE B 252 -29.34 -46.13 2.82
N THR B 253 -28.55 -45.07 2.96
CA THR B 253 -29.07 -43.73 2.88
C THR B 253 -28.24 -42.97 1.87
N PRO B 254 -28.92 -42.39 0.89
CA PRO B 254 -28.23 -41.64 -0.17
C PRO B 254 -27.38 -40.55 0.44
N PRO B 255 -26.09 -40.53 0.11
CA PRO B 255 -25.21 -39.49 0.62
C PRO B 255 -25.83 -38.13 0.34
N PRO B 256 -25.75 -37.24 1.32
CA PRO B 256 -26.33 -35.90 1.18
C PRO B 256 -25.69 -35.14 0.03
N HIS B 257 -26.44 -34.20 -0.53
CA HIS B 257 -25.96 -33.32 -1.58
C HIS B 257 -24.84 -32.43 -1.02
N THR B 258 -23.76 -32.26 -1.78
CA THR B 258 -22.65 -31.39 -1.39
C THR B 258 -22.19 -30.50 -2.54
N GLU B 259 -21.21 -29.65 -2.26
CA GLU B 259 -20.62 -28.77 -3.28
C GLU B 259 -20.05 -29.57 -4.44
N ASP B 260 -19.19 -30.53 -4.11
CA ASP B 260 -18.51 -31.34 -5.12
C ASP B 260 -19.42 -32.34 -5.85
N SER B 261 -20.71 -32.35 -5.51
CA SER B 261 -21.65 -33.30 -6.11
C SER B 261 -21.90 -33.00 -7.58
N VAL B 262 -21.72 -34.02 -8.42
CA VAL B 262 -21.97 -33.86 -9.86
C VAL B 262 -22.93 -34.93 -10.40
N TYR B 263 -24.13 -34.50 -10.78
CA TYR B 263 -25.16 -35.40 -11.27
C TYR B 263 -25.28 -35.36 -12.78
N PRO B 264 -25.72 -36.47 -13.35
CA PRO B 264 -25.89 -36.54 -14.80
C PRO B 264 -26.86 -35.49 -15.31
N MET B 265 -26.58 -34.98 -16.49
CA MET B 265 -27.54 -34.11 -17.15
C MET B 265 -28.78 -34.92 -17.49
N PRO B 266 -29.90 -34.24 -17.68
CA PRO B 266 -31.12 -34.92 -18.12
C PRO B 266 -30.97 -35.29 -19.58
N ARG B 267 -31.88 -36.12 -20.09
CA ARG B 267 -31.83 -36.55 -21.47
C ARG B 267 -33.19 -36.50 -22.10
N VAL B 268 -33.18 -36.56 -23.42
CA VAL B 268 -34.39 -36.65 -24.22
C VAL B 268 -34.25 -37.92 -25.02
N ILE B 269 -35.32 -38.71 -25.08
CA ILE B 269 -35.26 -40.00 -25.77
C ILE B 269 -35.33 -39.81 -27.27
N PHE B 270 -34.28 -40.25 -27.95
CA PHE B 270 -34.26 -40.22 -29.39
C PHE B 270 -35.28 -41.22 -29.92
N ARG B 271 -36.10 -40.81 -30.87
CA ARG B 271 -37.11 -41.71 -31.39
C ARG B 271 -37.36 -41.46 -32.87
N MET B 272 -37.21 -42.48 -33.70
CA MET B 272 -37.44 -42.31 -35.12
C MET B 272 -38.23 -43.46 -35.73
N PHE B 273 -38.23 -44.61 -35.08
CA PHE B 273 -38.96 -45.76 -35.64
C PHE B 273 -40.19 -46.16 -34.87
N ASP B 274 -41.17 -46.69 -35.61
CA ASP B 274 -42.27 -47.38 -34.96
C ASP B 274 -42.62 -48.63 -35.77
N TYR B 275 -43.60 -49.37 -35.27
CA TYR B 275 -43.99 -50.63 -35.88
C TYR B 275 -44.35 -50.53 -37.37
N THR B 276 -44.78 -49.35 -37.84
CA THR B 276 -45.12 -49.19 -39.25
C THR B 276 -43.89 -49.12 -40.16
N ASP B 277 -42.73 -48.90 -39.57
CA ASP B 277 -41.50 -48.83 -40.36
C ASP B 277 -40.96 -50.20 -40.72
N ASP B 278 -41.45 -51.24 -40.02
CA ASP B 278 -41.08 -52.62 -40.34
C ASP B 278 -42.35 -53.46 -40.31
N PRO B 279 -43.31 -53.14 -41.19
CA PRO B 279 -44.67 -53.65 -41.10
C PRO B 279 -44.86 -55.13 -41.39
N GLU B 280 -43.82 -55.83 -41.83
CA GLU B 280 -43.94 -57.26 -42.04
C GLU B 280 -43.07 -58.05 -41.08
N GLY B 281 -42.40 -57.35 -40.18
CA GLY B 281 -41.53 -58.00 -39.22
C GLY B 281 -42.27 -58.31 -37.94
N PRO B 282 -41.52 -58.72 -36.93
CA PRO B 282 -42.11 -58.99 -35.61
C PRO B 282 -42.53 -57.63 -35.10
N VAL B 283 -43.71 -57.49 -34.52
CA VAL B 283 -44.14 -56.16 -34.10
C VAL B 283 -43.11 -55.51 -33.21
N MET B 284 -42.66 -54.33 -33.62
CA MET B 284 -41.70 -53.57 -32.84
C MET B 284 -42.28 -53.22 -31.49
N PRO B 285 -41.49 -53.43 -30.44
CA PRO B 285 -41.87 -52.99 -29.10
C PRO B 285 -42.12 -51.48 -29.15
N GLY B 286 -43.27 -51.05 -28.64
CA GLY B 286 -43.63 -49.65 -28.68
C GLY B 286 -42.71 -48.72 -27.89
N SER B 287 -42.86 -47.44 -28.14
CA SER B 287 -42.10 -46.39 -27.45
C SER B 287 -42.31 -46.39 -25.96
N HIS B 288 -43.49 -46.76 -25.53
CA HIS B 288 -43.80 -46.75 -24.11
C HIS B 288 -43.76 -48.14 -23.49
N SER B 289 -43.01 -49.03 -24.12
CA SER B 289 -42.84 -50.38 -23.58
C SER B 289 -41.49 -50.47 -22.87
N VAL B 290 -41.42 -51.26 -21.81
CA VAL B 290 -40.13 -51.44 -21.17
C VAL B 290 -39.22 -52.27 -22.04
N GLU B 291 -39.79 -53.05 -22.96
CA GLU B 291 -38.94 -53.84 -23.87
C GLU B 291 -38.06 -52.90 -24.70
N ARG B 292 -38.66 -51.84 -25.22
CA ARG B 292 -37.91 -50.84 -25.99
C ARG B 292 -36.85 -50.18 -25.13
N PHE B 293 -37.20 -49.90 -23.88
CA PHE B 293 -36.26 -49.29 -22.95
C PHE B 293 -35.07 -50.23 -22.73
N VAL B 294 -35.35 -51.48 -22.39
CA VAL B 294 -34.30 -52.41 -22.08
C VAL B 294 -33.40 -52.70 -23.30
N ILE B 295 -34.02 -52.94 -24.45
CA ILE B 295 -33.28 -53.23 -25.67
C ILE B 295 -32.29 -52.10 -25.94
N GLU B 296 -32.79 -50.87 -25.90
CA GLU B 296 -31.95 -49.71 -26.21
C GLU B 296 -30.86 -49.53 -25.16
N GLU B 297 -31.24 -49.64 -23.88
CA GLU B 297 -30.26 -49.52 -22.81
C GLU B 297 -29.13 -50.55 -23.00
N ASN B 298 -29.49 -51.79 -23.25
CA ASN B 298 -28.51 -52.83 -23.44
C ASN B 298 -27.64 -52.57 -24.68
N LEU B 299 -28.26 -52.10 -25.75
CA LEU B 299 -27.51 -51.83 -26.97
C LEU B 299 -26.50 -50.70 -26.75
N HIS B 300 -26.93 -49.65 -26.03
CA HIS B 300 -26.02 -48.56 -25.70
C HIS B 300 -24.86 -49.11 -24.88
N CYS B 301 -25.18 -49.97 -23.92
CA CYS B 301 -24.17 -50.54 -23.05
C CYS B 301 -23.18 -51.44 -23.82
N ILE B 302 -23.69 -52.15 -24.81
CA ILE B 302 -22.81 -52.96 -25.64
C ILE B 302 -21.85 -52.07 -26.41
N ILE B 303 -22.36 -50.99 -26.98
CA ILE B 303 -21.51 -50.06 -27.67
C ILE B 303 -20.46 -49.51 -26.71
N LYS B 304 -20.89 -49.23 -25.47
CA LYS B 304 -19.99 -48.70 -24.47
C LYS B 304 -18.86 -49.68 -24.16
N SER B 305 -19.18 -50.97 -24.11
CA SER B 305 -18.17 -51.96 -23.79
C SER B 305 -17.21 -52.23 -24.93
N HIS B 306 -17.64 -51.99 -26.16
CA HIS B 306 -16.84 -52.40 -27.31
C HIS B 306 -16.56 -51.31 -28.34
N TRP B 307 -16.78 -50.05 -27.98
CA TRP B 307 -16.62 -48.95 -28.92
C TRP B 307 -15.25 -48.87 -29.59
N LYS B 308 -14.21 -49.29 -28.90
CA LYS B 308 -12.86 -49.23 -29.45
C LYS B 308 -12.65 -50.21 -30.60
N GLU B 309 -13.33 -51.36 -30.55
CA GLU B 309 -13.17 -52.39 -31.57
C GLU B 309 -14.41 -52.52 -32.46
N ARG B 310 -14.41 -51.83 -33.57
CA ARG B 310 -15.60 -51.79 -34.43
C ARG B 310 -16.15 -53.13 -34.88
N LYS B 311 -15.28 -54.09 -35.19
CA LYS B 311 -15.72 -55.42 -35.62
C LYS B 311 -16.40 -56.16 -34.50
N THR B 312 -15.78 -56.12 -33.33
CA THR B 312 -16.33 -56.73 -32.16
C THR B 312 -17.64 -56.06 -31.79
N CYS B 313 -17.65 -54.73 -31.81
CA CYS B 313 -18.84 -53.97 -31.48
C CYS B 313 -20.00 -54.39 -32.39
N ALA B 314 -19.74 -54.42 -33.70
CA ALA B 314 -20.77 -54.84 -34.64
C ALA B 314 -21.26 -56.26 -34.36
N ALA B 315 -20.33 -57.18 -34.14
CA ALA B 315 -20.70 -58.57 -33.88
C ALA B 315 -21.56 -58.68 -32.61
N GLN B 316 -21.21 -57.91 -31.58
CA GLN B 316 -21.93 -57.98 -30.31
C GLN B 316 -23.33 -57.42 -30.47
N LEU B 317 -23.48 -56.37 -31.27
CA LEU B 317 -24.80 -55.81 -31.51
C LEU B 317 -25.67 -56.82 -32.26
N VAL B 318 -25.11 -57.42 -33.31
CA VAL B 318 -25.86 -58.34 -34.15
C VAL B 318 -26.29 -59.62 -33.40
N SER B 319 -25.45 -60.06 -32.47
CA SER B 319 -25.75 -61.25 -31.68
C SER B 319 -26.53 -60.97 -30.40
N TYR B 320 -26.96 -59.72 -30.20
CA TYR B 320 -27.77 -59.36 -29.04
C TYR B 320 -28.98 -60.28 -28.90
N PRO B 321 -29.04 -61.01 -27.79
CA PRO B 321 -30.13 -61.95 -27.53
C PRO B 321 -31.31 -61.32 -26.80
N GLY B 322 -32.46 -61.96 -26.92
CA GLY B 322 -33.67 -61.52 -26.25
C GLY B 322 -34.62 -62.68 -26.12
N LYS B 323 -35.60 -62.57 -25.23
CA LYS B 323 -36.56 -63.63 -24.99
C LYS B 323 -37.38 -63.92 -26.24
N ASN B 324 -37.80 -62.86 -26.92
CA ASN B 324 -38.62 -63.02 -28.13
C ASN B 324 -38.03 -62.29 -29.32
N LYS B 325 -38.59 -62.57 -30.50
CA LYS B 325 -38.11 -61.96 -31.74
C LYS B 325 -38.43 -60.47 -31.82
N ILE B 326 -37.43 -59.67 -32.15
CA ILE B 326 -37.56 -58.23 -32.28
C ILE B 326 -36.88 -57.82 -33.58
N PRO B 327 -37.18 -56.62 -34.09
CA PRO B 327 -36.55 -56.13 -35.34
C PRO B 327 -35.18 -55.53 -35.00
N LEU B 328 -34.25 -56.42 -34.70
CA LEU B 328 -32.97 -56.00 -34.18
C LEU B 328 -32.21 -55.01 -35.06
N ASN B 329 -32.28 -55.17 -36.38
CA ASN B 329 -31.60 -54.23 -37.26
C ASN B 329 -32.09 -52.81 -37.04
N TYR B 330 -33.41 -52.66 -36.86
CA TYR B 330 -33.99 -51.36 -36.60
C TYR B 330 -33.50 -50.80 -35.27
N HIS B 331 -33.49 -51.62 -34.23
CA HIS B 331 -33.05 -51.16 -32.91
C HIS B 331 -31.59 -50.74 -32.95
N ILE B 332 -30.78 -51.53 -33.64
CA ILE B 332 -29.37 -51.20 -33.77
C ILE B 332 -29.15 -49.87 -34.47
N VAL B 333 -29.79 -49.69 -35.62
CA VAL B 333 -29.63 -48.45 -36.37
C VAL B 333 -30.13 -47.24 -35.58
N GLU B 334 -31.26 -47.43 -34.89
CA GLU B 334 -31.85 -46.37 -34.07
C GLU B 334 -30.94 -45.96 -32.91
N VAL B 335 -30.39 -46.94 -32.23
CA VAL B 335 -29.53 -46.69 -31.09
C VAL B 335 -28.29 -45.96 -31.57
N ILE B 336 -27.79 -46.35 -32.74
CA ILE B 336 -26.62 -45.68 -33.28
C ILE B 336 -26.91 -44.20 -33.57
N PHE B 337 -28.03 -43.91 -34.23
CA PHE B 337 -28.36 -42.52 -34.50
C PHE B 337 -28.74 -41.80 -33.18
N ALA B 338 -29.25 -42.53 -32.20
CA ALA B 338 -29.54 -41.94 -30.90
C ALA B 338 -28.25 -41.43 -30.30
N GLU B 339 -27.17 -42.20 -30.45
CA GLU B 339 -25.91 -41.77 -29.92
C GLU B 339 -25.31 -40.64 -30.73
N LEU B 340 -25.25 -40.81 -32.05
CA LEU B 340 -24.68 -39.79 -32.91
C LEU B 340 -25.33 -38.43 -32.71
N PHE B 341 -26.64 -38.41 -32.58
CA PHE B 341 -27.36 -37.16 -32.50
C PHE B 341 -27.62 -36.70 -31.07
N GLN B 342 -27.07 -37.41 -30.09
CA GLN B 342 -27.28 -37.02 -28.69
C GLN B 342 -26.75 -35.62 -28.36
N LEU B 343 -27.55 -34.86 -27.64
CA LEU B 343 -27.18 -33.54 -27.17
C LEU B 343 -27.05 -33.63 -25.66
N PRO B 344 -26.06 -32.94 -25.10
CA PRO B 344 -25.09 -32.15 -25.87
C PRO B 344 -24.17 -32.92 -26.84
N ALA B 345 -23.66 -34.06 -26.43
CA ALA B 345 -22.69 -34.77 -27.29
C ALA B 345 -22.88 -36.27 -27.27
N PRO B 346 -22.39 -36.95 -28.31
CA PRO B 346 -22.47 -38.40 -28.37
C PRO B 346 -21.57 -38.99 -27.29
N PRO B 347 -21.85 -40.20 -26.84
CA PRO B 347 -21.01 -40.85 -25.84
C PRO B 347 -19.58 -41.07 -26.36
N HIS B 348 -19.45 -41.22 -27.67
CA HIS B 348 -18.15 -41.52 -28.26
C HIS B 348 -17.86 -40.65 -29.47
N ILE B 349 -16.61 -40.69 -29.92
CA ILE B 349 -16.19 -39.87 -31.05
C ILE B 349 -17.08 -40.17 -32.25
N ASP B 350 -17.49 -39.11 -32.94
CA ASP B 350 -18.48 -39.20 -34.02
C ASP B 350 -18.12 -40.19 -35.12
N VAL B 351 -16.87 -40.16 -35.56
CA VAL B 351 -16.45 -40.99 -36.67
C VAL B 351 -16.63 -42.48 -36.37
N MET B 352 -16.60 -42.86 -35.09
CA MET B 352 -16.79 -44.27 -34.74
C MET B 352 -18.12 -44.80 -35.29
N TYR B 353 -19.19 -44.01 -35.18
CA TYR B 353 -20.50 -44.45 -35.67
C TYR B 353 -20.48 -44.70 -37.18
N THR B 354 -19.76 -43.85 -37.91
CA THR B 354 -19.67 -44.05 -39.35
C THR B 354 -19.11 -45.42 -39.70
N THR B 355 -17.97 -45.77 -39.09
CA THR B 355 -17.33 -47.04 -39.41
C THR B 355 -18.10 -48.20 -38.82
N LEU B 356 -18.75 -47.98 -37.67
CA LEU B 356 -19.56 -49.01 -37.06
C LEU B 356 -20.71 -49.44 -38.00
N LEU B 357 -21.39 -48.47 -38.60
CA LEU B 357 -22.47 -48.77 -39.53
C LEU B 357 -21.93 -49.49 -40.78
N ILE B 358 -20.72 -49.14 -41.18
CA ILE B 358 -20.10 -49.82 -42.30
C ILE B 358 -19.82 -51.28 -41.95
N GLU B 359 -19.28 -51.53 -40.77
CA GLU B 359 -19.02 -52.89 -40.33
C GLU B 359 -20.33 -53.66 -40.22
N LEU B 360 -21.37 -52.99 -39.73
CA LEU B 360 -22.70 -53.61 -39.63
C LEU B 360 -23.22 -54.00 -41.01
N CYS B 361 -23.08 -53.10 -41.96
CA CYS B 361 -23.52 -53.38 -43.32
C CYS B 361 -22.81 -54.61 -43.87
N LYS B 362 -21.51 -54.75 -43.58
CA LYS B 362 -20.73 -55.88 -44.05
C LYS B 362 -21.14 -57.17 -43.37
N LEU B 363 -21.53 -57.05 -42.11
CA LEU B 363 -21.90 -58.21 -41.32
C LEU B 363 -23.28 -58.72 -41.63
N GLN B 364 -24.19 -57.82 -42.00
CA GLN B 364 -25.56 -58.19 -42.31
C GLN B 364 -25.95 -57.60 -43.66
N PRO B 365 -25.27 -58.04 -44.71
CA PRO B 365 -25.40 -57.44 -46.05
C PRO B 365 -26.77 -57.61 -46.66
N GLY B 366 -27.51 -58.64 -46.26
CA GLY B 366 -28.81 -58.88 -46.86
C GLY B 366 -29.97 -58.17 -46.17
N SER B 367 -29.70 -57.47 -45.08
CA SER B 367 -30.81 -56.88 -44.33
C SER B 367 -30.57 -55.51 -43.72
N LEU B 368 -29.37 -55.25 -43.24
CA LEU B 368 -29.07 -53.99 -42.55
C LEU B 368 -28.99 -52.77 -43.48
N PRO B 369 -28.33 -52.90 -44.63
CA PRO B 369 -28.26 -51.80 -45.59
C PRO B 369 -29.61 -51.20 -45.94
N GLN B 370 -30.64 -52.00 -46.17
CA GLN B 370 -31.97 -51.47 -46.48
C GLN B 370 -32.50 -50.67 -45.31
N VAL B 371 -32.24 -51.15 -44.09
CA VAL B 371 -32.69 -50.44 -42.89
C VAL B 371 -31.99 -49.08 -42.78
N LEU B 372 -30.69 -49.08 -43.02
CA LEU B 372 -29.90 -47.87 -42.95
C LEU B 372 -30.36 -46.90 -44.05
N ALA B 373 -30.60 -47.41 -45.25
CA ALA B 373 -31.07 -46.55 -46.34
C ALA B 373 -32.43 -45.93 -45.99
N GLN B 374 -33.30 -46.74 -45.41
CA GLN B 374 -34.63 -46.29 -44.98
C GLN B 374 -34.51 -45.23 -43.87
N ALA B 375 -33.61 -45.45 -42.92
CA ALA B 375 -33.40 -44.48 -41.85
C ALA B 375 -32.86 -43.21 -42.45
N THR B 376 -32.01 -43.34 -43.46
CA THR B 376 -31.44 -42.16 -44.10
C THR B 376 -32.54 -41.33 -44.73
N GLU B 377 -33.46 -42.02 -45.39
CA GLU B 377 -34.57 -41.30 -46.03
C GLU B 377 -35.41 -40.58 -44.99
N MET B 378 -35.69 -41.25 -43.88
CA MET B 378 -36.47 -40.65 -42.80
C MET B 378 -35.77 -39.44 -42.17
N LEU B 379 -34.47 -39.53 -41.94
CA LEU B 379 -33.75 -38.41 -41.38
C LEU B 379 -33.84 -37.21 -42.32
N TYR B 380 -33.72 -37.45 -43.62
CA TYR B 380 -33.82 -36.35 -44.57
C TYR B 380 -35.20 -35.72 -44.52
N MET B 381 -36.21 -36.57 -44.52
CA MET B 381 -37.58 -36.10 -44.55
C MET B 381 -37.98 -35.37 -43.28
N ARG B 382 -37.21 -35.54 -42.21
CA ARG B 382 -37.53 -34.86 -40.95
C ARG B 382 -36.60 -33.69 -40.63
N LEU B 383 -35.82 -33.29 -41.62
CA LEU B 383 -34.84 -32.22 -41.45
C LEU B 383 -35.37 -30.86 -41.00
N ASP B 384 -36.62 -30.54 -41.37
CA ASP B 384 -37.19 -29.22 -41.09
C ASP B 384 -37.12 -28.76 -39.62
N THR B 385 -37.22 -29.69 -38.67
CA THR B 385 -37.10 -29.27 -37.27
C THR B 385 -35.92 -29.90 -36.59
N MET B 386 -34.99 -30.43 -37.35
CA MET B 386 -33.82 -31.04 -36.75
C MET B 386 -32.88 -29.97 -36.22
N ASN B 387 -32.36 -30.17 -35.02
CA ASN B 387 -31.45 -29.18 -34.45
C ASN B 387 -30.16 -29.06 -35.23
N THR B 388 -29.76 -27.81 -35.48
CA THR B 388 -28.55 -27.52 -36.23
C THR B 388 -27.36 -28.38 -35.82
N THR B 389 -27.15 -28.55 -34.52
CA THR B 389 -26.00 -29.36 -34.08
C THR B 389 -26.09 -30.80 -34.64
N CYS B 390 -27.30 -31.34 -34.67
CA CYS B 390 -27.50 -32.71 -35.13
C CYS B 390 -27.38 -32.78 -36.65
N VAL B 391 -27.87 -31.74 -37.33
CA VAL B 391 -27.79 -31.65 -38.78
C VAL B 391 -26.34 -31.70 -39.25
N ASP B 392 -25.47 -30.95 -38.60
CA ASP B 392 -24.05 -30.95 -38.95
C ASP B 392 -23.55 -32.39 -38.91
N ARG B 393 -23.86 -33.09 -37.82
CA ARG B 393 -23.40 -34.44 -37.65
C ARG B 393 -23.96 -35.37 -38.75
N PHE B 394 -25.22 -35.16 -39.10
CA PHE B 394 -25.91 -35.90 -40.16
C PHE B 394 -25.17 -35.66 -41.50
N ILE B 395 -24.84 -34.40 -41.76
CA ILE B 395 -24.12 -33.99 -42.96
C ILE B 395 -22.75 -34.66 -43.01
N ASN B 396 -22.05 -34.61 -41.89
CA ASN B 396 -20.71 -35.17 -41.83
C ASN B 396 -20.71 -36.69 -41.92
N TRP B 397 -21.69 -37.33 -41.28
CA TRP B 397 -21.84 -38.77 -41.36
C TRP B 397 -22.19 -39.21 -42.79
N PHE B 398 -23.27 -38.64 -43.34
CA PHE B 398 -23.79 -39.08 -44.62
C PHE B 398 -22.79 -38.89 -45.76
N SER B 399 -22.15 -37.73 -45.82
CA SER B 399 -21.14 -37.48 -46.85
C SER B 399 -19.98 -38.47 -46.72
N HIS B 400 -19.52 -38.71 -45.50
CA HIS B 400 -18.43 -39.65 -45.27
C HIS B 400 -18.89 -41.08 -45.65
N HIS B 401 -20.09 -41.43 -45.22
CA HIS B 401 -20.66 -42.74 -45.56
C HIS B 401 -20.68 -42.91 -47.09
N LEU B 402 -21.23 -41.93 -47.80
CA LEU B 402 -21.28 -41.98 -49.25
C LEU B 402 -19.91 -42.21 -49.88
N SER B 403 -18.88 -41.61 -49.31
CA SER B 403 -17.54 -41.74 -49.85
C SER B 403 -17.02 -43.18 -49.80
N ASN B 404 -17.63 -43.99 -48.95
CA ASN B 404 -17.25 -45.38 -48.78
C ASN B 404 -18.08 -46.32 -49.66
N PHE B 405 -19.05 -45.75 -50.39
CA PHE B 405 -19.85 -46.53 -51.31
C PHE B 405 -19.95 -45.82 -52.65
N GLN B 406 -18.79 -45.40 -53.14
CA GLN B 406 -18.66 -44.78 -54.45
C GLN B 406 -19.61 -43.62 -54.70
N PHE B 407 -19.95 -42.90 -53.64
CA PHE B 407 -20.81 -41.73 -53.73
C PHE B 407 -22.13 -42.02 -54.43
N ARG B 408 -22.69 -43.20 -54.22
CA ARG B 408 -23.94 -43.57 -54.87
C ARG B 408 -25.14 -43.27 -53.99
N TRP B 409 -26.06 -42.49 -54.51
CA TRP B 409 -27.27 -42.20 -53.77
C TRP B 409 -28.39 -41.90 -54.74
N SER B 410 -29.61 -42.23 -54.35
CA SER B 410 -30.75 -41.95 -55.21
C SER B 410 -31.25 -40.53 -54.95
N TRP B 411 -30.52 -39.54 -55.44
CA TRP B 411 -30.86 -38.12 -55.19
C TRP B 411 -32.28 -37.72 -55.57
N GLU B 412 -32.80 -38.32 -56.63
CA GLU B 412 -34.15 -37.99 -57.08
C GLU B 412 -35.19 -38.22 -56.00
N ASP B 413 -34.87 -39.08 -55.03
CA ASP B 413 -35.76 -39.31 -53.90
C ASP B 413 -35.96 -38.01 -53.12
N TRP B 414 -35.02 -37.10 -53.27
CA TRP B 414 -35.05 -35.86 -52.50
C TRP B 414 -35.28 -34.64 -53.41
N SER B 415 -35.96 -34.87 -54.53
CA SER B 415 -36.25 -33.77 -55.45
C SER B 415 -37.10 -32.68 -54.81
N ASP B 416 -37.82 -33.00 -53.73
CA ASP B 416 -38.64 -31.99 -53.06
C ASP B 416 -37.84 -30.77 -52.59
N CYS B 417 -36.54 -30.92 -52.41
CA CYS B 417 -35.71 -29.81 -51.95
C CYS B 417 -35.50 -28.76 -53.04
N LEU B 418 -35.67 -29.16 -54.28
CA LEU B 418 -35.38 -28.29 -55.41
C LEU B 418 -36.25 -27.04 -55.56
N SER B 419 -37.52 -27.13 -55.16
CA SER B 419 -38.41 -25.99 -55.34
C SER B 419 -38.58 -25.20 -54.04
N GLN B 420 -37.77 -25.52 -53.04
CA GLN B 420 -37.84 -24.84 -51.76
C GLN B 420 -36.87 -23.68 -51.69
N ASP B 421 -37.13 -22.75 -50.77
CA ASP B 421 -36.20 -21.67 -50.46
C ASP B 421 -34.84 -22.33 -50.21
N PRO B 422 -33.81 -21.89 -50.92
CA PRO B 422 -32.46 -22.45 -50.79
C PRO B 422 -31.90 -22.45 -49.37
N GLU B 423 -32.47 -21.61 -48.51
CA GLU B 423 -32.02 -21.54 -47.13
C GLU B 423 -32.71 -22.60 -46.26
N SER B 424 -33.71 -23.29 -46.83
CA SER B 424 -34.45 -24.31 -46.08
C SER B 424 -33.57 -25.51 -45.72
N PRO B 425 -33.89 -26.18 -44.61
CA PRO B 425 -33.06 -27.30 -44.15
C PRO B 425 -32.74 -28.33 -45.23
N LYS B 426 -33.71 -28.77 -46.03
CA LYS B 426 -33.44 -29.80 -47.04
C LYS B 426 -32.41 -29.42 -48.14
N PRO B 427 -32.67 -28.38 -48.92
CA PRO B 427 -31.70 -27.98 -49.94
C PRO B 427 -30.36 -27.62 -49.32
N LYS B 428 -30.37 -27.03 -48.13
CA LYS B 428 -29.13 -26.65 -47.51
C LYS B 428 -28.33 -27.90 -47.13
N PHE B 429 -29.04 -28.90 -46.63
CA PHE B 429 -28.43 -30.16 -46.28
C PHE B 429 -27.75 -30.77 -47.48
N VAL B 430 -28.45 -30.79 -48.60
CA VAL B 430 -27.92 -31.37 -49.82
C VAL B 430 -26.67 -30.62 -50.25
N ARG B 431 -26.73 -29.29 -50.28
CA ARG B 431 -25.57 -28.50 -50.65
C ARG B 431 -24.40 -28.80 -49.72
N GLU B 432 -24.64 -28.83 -48.42
CA GLU B 432 -23.54 -29.06 -47.49
C GLU B 432 -22.95 -30.45 -47.65
N VAL B 433 -23.81 -31.43 -47.90
CA VAL B 433 -23.36 -32.80 -48.11
C VAL B 433 -22.47 -32.89 -49.37
N LEU B 434 -22.92 -32.25 -50.44
CA LEU B 434 -22.17 -32.29 -51.70
C LEU B 434 -20.84 -31.57 -51.54
N GLU B 435 -20.84 -30.52 -50.74
CA GLU B 435 -19.63 -29.80 -50.42
C GLU B 435 -18.68 -30.74 -49.68
N LYS B 436 -19.20 -31.46 -48.67
CA LYS B 436 -18.38 -32.43 -47.97
C LYS B 436 -17.89 -33.53 -48.88
N CYS B 437 -18.73 -33.96 -49.82
CA CYS B 437 -18.31 -35.01 -50.73
C CYS B 437 -17.13 -34.54 -51.57
N MET B 438 -17.20 -33.30 -52.05
CA MET B 438 -16.10 -32.75 -52.83
C MET B 438 -14.78 -32.72 -52.07
N ARG B 439 -14.86 -32.45 -50.77
CA ARG B 439 -13.66 -32.40 -49.94
C ARG B 439 -12.96 -33.75 -49.87
N LEU B 440 -13.72 -34.82 -50.11
CA LEU B 440 -13.14 -36.15 -50.12
C LEU B 440 -12.99 -36.64 -51.54
N SER B 441 -13.16 -35.73 -52.50
CA SER B 441 -13.13 -36.11 -53.89
C SER B 441 -12.64 -34.96 -54.77
N TYR B 442 -13.25 -34.83 -55.94
CA TYR B 442 -12.88 -33.82 -56.93
C TYR B 442 -14.15 -33.13 -57.43
N HIS B 443 -14.00 -31.89 -57.88
CA HIS B 443 -15.14 -31.09 -58.33
C HIS B 443 -16.03 -31.72 -59.41
N GLN B 444 -15.43 -32.14 -60.51
CA GLN B 444 -16.22 -32.68 -61.61
C GLN B 444 -16.87 -34.00 -61.24
N ARG B 445 -16.16 -34.81 -60.46
CA ARG B 445 -16.65 -36.10 -59.98
C ARG B 445 -17.96 -35.88 -59.22
N ILE B 446 -17.95 -34.94 -58.29
CA ILE B 446 -19.14 -34.67 -57.51
C ILE B 446 -20.24 -34.06 -58.36
N LEU B 447 -19.87 -33.13 -59.22
CA LEU B 447 -20.84 -32.50 -60.10
C LEU B 447 -21.54 -33.59 -60.91
N ASP B 448 -20.79 -34.66 -61.19
CA ASP B 448 -21.31 -35.76 -61.99
C ASP B 448 -22.11 -36.83 -61.24
N ILE B 449 -22.13 -36.81 -59.90
CA ILE B 449 -22.88 -37.85 -59.17
C ILE B 449 -24.36 -37.53 -59.03
N VAL B 450 -24.75 -36.30 -59.28
CA VAL B 450 -26.13 -35.92 -59.07
C VAL B 450 -26.88 -35.80 -60.40
N PRO B 451 -28.20 -35.90 -60.34
CA PRO B 451 -29.01 -35.72 -61.54
C PRO B 451 -28.92 -34.27 -61.97
N PRO B 452 -29.10 -34.02 -63.26
CA PRO B 452 -29.04 -32.66 -63.81
C PRO B 452 -29.86 -31.66 -62.99
N THR B 453 -30.99 -32.08 -62.44
CA THR B 453 -31.82 -31.18 -61.63
C THR B 453 -31.12 -30.67 -60.37
N PHE B 454 -30.10 -31.38 -59.91
CA PHE B 454 -29.39 -31.00 -58.68
C PHE B 454 -28.08 -30.25 -58.93
N SER B 455 -27.71 -30.12 -60.19
CA SER B 455 -26.40 -29.54 -60.53
C SER B 455 -26.08 -28.20 -59.85
N ALA B 456 -27.07 -27.34 -59.69
CA ALA B 456 -26.86 -26.05 -59.02
C ALA B 456 -26.65 -26.17 -57.52
N LEU B 457 -26.83 -27.36 -56.98
CA LEU B 457 -26.63 -27.54 -55.55
C LEU B 457 -25.18 -27.95 -55.28
N CYS B 458 -24.45 -28.25 -56.35
CA CYS B 458 -23.07 -28.68 -56.23
C CYS B 458 -22.14 -27.53 -55.87
N PRO B 459 -21.10 -27.83 -55.12
CA PRO B 459 -20.17 -26.79 -54.68
C PRO B 459 -19.44 -26.17 -55.85
N SER B 460 -18.99 -24.92 -55.69
CA SER B 460 -18.21 -24.27 -56.73
C SER B 460 -16.79 -24.83 -56.75
N ASN B 461 -16.14 -24.75 -57.91
CA ASN B 461 -14.76 -25.17 -58.02
C ASN B 461 -13.92 -24.29 -57.10
N PRO B 462 -13.16 -24.88 -56.19
CA PRO B 462 -12.39 -24.11 -55.21
C PRO B 462 -11.22 -23.34 -55.81
N THR B 463 -11.52 -22.34 -56.64
CA THR B 463 -10.44 -21.59 -57.29
C THR B 463 -10.03 -20.33 -56.53
N CYS B 464 -8.73 -20.10 -56.53
CA CYS B 464 -8.12 -18.90 -55.95
C CYS B 464 -8.63 -17.67 -56.69
N ILE B 465 -8.83 -16.57 -55.98
CA ILE B 465 -9.21 -15.31 -56.63
C ILE B 465 -8.14 -14.25 -56.38
N TYR B 466 -7.43 -13.87 -57.43
CA TYR B 466 -6.37 -12.86 -57.34
C TYR B 466 -6.86 -11.51 -57.82
N LYS B 467 -6.70 -10.50 -56.97
CA LYS B 467 -7.17 -9.16 -57.27
C LYS B 467 -6.30 -8.44 -58.30
N TYR B 468 -5.03 -8.83 -58.38
CA TYR B 468 -4.09 -8.13 -59.27
C TYR B 468 -3.53 -9.02 -60.37
N GLY B 469 -4.38 -9.88 -60.94
CA GLY B 469 -3.93 -10.82 -61.96
C GLY B 469 -4.07 -10.33 -63.39
N ASP B 470 -3.87 -11.24 -64.34
CA ASP B 470 -4.00 -10.93 -65.76
C ASP B 470 -5.46 -10.71 -66.11
N GLU B 471 -6.00 -9.58 -65.68
CA GLU B 471 -7.40 -9.25 -65.91
C GLU B 471 -7.77 -8.01 -65.14
N SER B 472 -6.93 -7.67 -64.17
CA SER B 472 -7.16 -6.52 -63.31
C SER B 472 -6.61 -5.25 -63.94
N SER B 473 -7.34 -4.15 -63.75
CA SER B 473 -6.91 -2.86 -64.27
C SER B 473 -5.76 -2.33 -63.42
N ASN B 474 -4.72 -1.85 -64.08
CA ASN B 474 -3.58 -1.30 -63.40
C ASN B 474 -3.92 0.00 -62.65
N SER B 475 -5.20 0.37 -62.70
CA SER B 475 -5.68 1.55 -62.00
C SER B 475 -6.07 1.22 -60.56
N LEU B 476 -5.76 0.01 -60.13
CA LEU B 476 -6.05 -0.41 -58.76
C LEU B 476 -4.96 0.05 -57.81
N PRO B 477 -5.37 0.53 -56.64
CA PRO B 477 -4.45 0.99 -55.61
C PRO B 477 -3.37 -0.04 -55.33
N GLY B 478 -2.11 0.33 -55.55
CA GLY B 478 -1.00 -0.56 -55.27
C GLY B 478 -0.77 -1.63 -56.31
N HIS B 479 -1.53 -1.57 -57.40
CA HIS B 479 -1.40 -2.55 -58.46
C HIS B 479 0.06 -2.81 -58.81
N SER B 480 0.81 -1.72 -59.01
CA SER B 480 2.22 -1.83 -59.37
C SER B 480 3.05 -2.53 -58.30
N VAL B 481 2.84 -2.17 -57.04
CA VAL B 481 3.59 -2.80 -55.95
C VAL B 481 3.29 -4.29 -55.92
N ALA B 482 2.03 -4.63 -56.09
CA ALA B 482 1.63 -6.02 -56.13
C ALA B 482 2.48 -6.76 -57.13
N LEU B 483 2.68 -6.14 -58.30
CA LEU B 483 3.47 -6.76 -59.36
C LEU B 483 4.89 -7.05 -58.91
N CYS B 484 5.52 -6.07 -58.26
CA CYS B 484 6.90 -6.27 -57.80
C CYS B 484 6.97 -7.41 -56.80
N LEU B 485 6.02 -7.45 -55.87
CA LEU B 485 5.97 -8.53 -54.91
C LEU B 485 5.95 -9.85 -55.64
N ALA B 486 5.10 -9.93 -56.66
CA ALA B 486 4.95 -11.14 -57.46
C ALA B 486 6.32 -11.60 -57.95
N VAL B 487 7.08 -10.67 -58.52
CA VAL B 487 8.41 -11.00 -59.01
C VAL B 487 9.30 -11.37 -57.84
N ALA B 488 9.25 -10.56 -56.79
CA ALA B 488 10.07 -10.78 -55.62
C ALA B 488 9.84 -12.15 -55.03
N PHE B 489 8.58 -12.56 -54.93
CA PHE B 489 8.27 -13.87 -54.39
C PHE B 489 8.81 -14.98 -55.28
N LYS B 490 8.48 -14.92 -56.57
CA LYS B 490 8.92 -15.95 -57.51
C LYS B 490 10.42 -16.15 -57.47
N SER B 491 11.16 -15.07 -57.66
CA SER B 491 12.62 -15.12 -57.70
C SER B 491 13.22 -15.22 -56.32
N LYS B 492 12.46 -15.75 -55.37
CA LYS B 492 12.90 -15.89 -53.98
C LYS B 492 13.17 -14.49 -53.43
N ALA B 493 13.20 -14.36 -52.11
CA ALA B 493 13.41 -13.05 -51.52
C ALA B 493 13.28 -13.11 -50.01
N THR B 494 14.25 -12.53 -49.32
CA THR B 494 14.23 -12.48 -47.86
C THR B 494 13.06 -11.62 -47.42
N ASN B 495 12.68 -11.73 -46.15
CA ASN B 495 11.58 -10.93 -45.64
C ASN B 495 11.86 -9.45 -45.85
N ASP B 496 13.10 -9.05 -45.58
CA ASP B 496 13.52 -7.67 -45.73
C ASP B 496 13.28 -7.13 -47.13
N GLU B 497 13.54 -7.96 -48.13
CA GLU B 497 13.30 -7.57 -49.52
C GLU B 497 11.84 -7.18 -49.71
N ILE B 498 10.94 -7.93 -49.05
CA ILE B 498 9.50 -7.66 -49.16
C ILE B 498 9.13 -6.38 -48.41
N PHE B 499 9.67 -6.24 -47.20
CA PHE B 499 9.43 -5.05 -46.40
C PHE B 499 9.80 -3.84 -47.25
N SER B 500 11.01 -3.90 -47.81
CA SER B 500 11.52 -2.85 -48.66
C SER B 500 10.51 -2.45 -49.75
N ILE B 501 9.95 -3.46 -50.42
CA ILE B 501 8.98 -3.21 -51.48
C ILE B 501 7.68 -2.64 -50.95
N LEU B 502 7.25 -3.12 -49.80
CA LEU B 502 5.97 -2.67 -49.23
C LEU B 502 5.98 -1.21 -48.77
N LYS B 503 7.17 -0.63 -48.62
CA LYS B 503 7.27 0.76 -48.20
C LYS B 503 6.82 1.73 -49.28
N ASP B 504 6.74 1.24 -50.52
CA ASP B 504 6.30 2.05 -51.64
C ASP B 504 4.78 2.11 -51.74
N VAL B 505 4.10 1.63 -50.68
CA VAL B 505 2.64 1.62 -50.66
C VAL B 505 2.11 2.80 -49.84
N PRO B 506 1.22 3.58 -50.44
CA PRO B 506 0.61 4.73 -49.76
C PRO B 506 -0.16 4.35 -48.49
N ASN B 507 -1.45 4.68 -48.44
CA ASN B 507 -2.26 4.38 -47.26
C ASN B 507 -3.69 4.86 -47.42
N PHE B 520 -0.70 0.68 -38.83
CA PHE B 520 -1.74 -0.06 -39.62
C PHE B 520 -2.00 0.55 -41.00
N ASN B 521 -1.59 -0.16 -42.05
CA ASN B 521 -1.83 0.26 -43.42
C ASN B 521 -2.53 -0.88 -44.15
N PRO B 522 -3.84 -0.74 -44.30
CA PRO B 522 -4.67 -1.79 -44.90
C PRO B 522 -4.20 -2.21 -46.28
N LEU B 523 -3.75 -1.27 -47.10
CA LEU B 523 -3.34 -1.57 -48.47
C LEU B 523 -2.05 -2.38 -48.53
N LYS B 524 -1.17 -2.21 -47.55
CA LYS B 524 0.06 -2.99 -47.52
C LYS B 524 -0.33 -4.45 -47.26
N ILE B 525 -1.27 -4.64 -46.35
CA ILE B 525 -1.72 -5.97 -46.01
C ILE B 525 -2.36 -6.59 -47.22
N GLU B 526 -3.24 -5.84 -47.87
CA GLU B 526 -3.96 -6.33 -49.02
C GLU B 526 -3.03 -6.79 -50.15
N VAL B 527 -2.09 -5.95 -50.56
CA VAL B 527 -1.20 -6.35 -51.64
C VAL B 527 -0.32 -7.52 -51.22
N PHE B 528 0.10 -7.53 -49.96
CA PHE B 528 0.96 -8.60 -49.46
C PHE B 528 0.22 -9.93 -49.34
N VAL B 529 -0.97 -9.91 -48.74
CA VAL B 529 -1.73 -11.14 -48.57
C VAL B 529 -2.18 -11.72 -49.90
N GLN B 530 -2.76 -10.88 -50.75
CA GLN B 530 -3.22 -11.30 -52.07
C GLN B 530 -2.11 -11.98 -52.87
N THR B 531 -0.94 -11.36 -52.93
CA THR B 531 0.14 -11.90 -53.75
C THR B 531 0.70 -13.18 -53.19
N LEU B 532 0.99 -13.18 -51.90
CA LEU B 532 1.54 -14.34 -51.24
C LEU B 532 0.62 -15.56 -51.35
N LEU B 533 -0.67 -15.38 -51.10
CA LEU B 533 -1.61 -16.51 -51.16
C LEU B 533 -1.76 -17.00 -52.60
N HIS B 534 -1.87 -16.06 -53.53
CA HIS B 534 -1.99 -16.40 -54.94
C HIS B 534 -0.85 -17.29 -55.41
N LEU B 535 0.36 -16.97 -54.97
CA LEU B 535 1.54 -17.73 -55.39
C LEU B 535 1.69 -19.06 -54.68
N ALA B 536 0.96 -19.24 -53.59
CA ALA B 536 1.04 -20.48 -52.84
C ALA B 536 -0.27 -21.26 -52.94
N ALA B 537 -1.07 -20.93 -53.96
CA ALA B 537 -2.40 -21.51 -54.15
C ALA B 537 -2.36 -22.97 -54.59
N LYS B 538 -1.17 -23.46 -54.89
CA LYS B 538 -1.02 -24.82 -55.39
C LYS B 538 -1.59 -25.85 -54.42
N SER B 539 -1.21 -25.76 -53.16
CA SER B 539 -1.62 -26.73 -52.16
C SER B 539 -1.57 -26.16 -50.75
N PHE B 540 -2.00 -26.95 -49.77
CA PHE B 540 -1.97 -26.56 -48.38
C PHE B 540 -0.52 -26.34 -47.96
N SER B 541 0.30 -27.34 -48.22
CA SER B 541 1.71 -27.29 -47.89
C SER B 541 2.39 -26.03 -48.43
N HIS B 542 2.09 -25.67 -49.67
CA HIS B 542 2.65 -24.48 -50.28
C HIS B 542 2.22 -23.22 -49.52
N SER B 543 0.97 -23.21 -49.07
CA SER B 543 0.45 -22.06 -48.34
C SER B 543 1.03 -22.00 -46.92
N PHE B 544 1.12 -23.15 -46.26
CA PHE B 544 1.66 -23.22 -44.91
C PHE B 544 3.09 -22.71 -44.90
N SER B 545 3.87 -23.15 -45.89
CA SER B 545 5.27 -22.78 -45.96
C SER B 545 5.43 -21.30 -46.32
N ALA B 546 4.50 -20.77 -47.09
CA ALA B 546 4.53 -19.36 -47.44
C ALA B 546 4.26 -18.54 -46.18
N LEU B 547 3.38 -19.04 -45.31
CA LEU B 547 3.10 -18.35 -44.05
C LEU B 547 4.28 -18.46 -43.10
N ALA B 548 4.99 -19.57 -43.18
CA ALA B 548 6.14 -19.80 -42.32
C ALA B 548 7.33 -18.96 -42.76
N LYS B 549 7.57 -18.92 -44.06
CA LYS B 549 8.70 -18.18 -44.59
C LYS B 549 8.57 -16.69 -44.26
N PHE B 550 7.44 -16.11 -44.65
CA PHE B 550 7.22 -14.71 -44.43
C PHE B 550 6.46 -14.40 -43.17
N HIS B 551 6.72 -15.18 -42.13
CA HIS B 551 6.10 -15.00 -40.83
C HIS B 551 6.32 -13.57 -40.29
N GLU B 552 7.57 -13.12 -40.28
CA GLU B 552 7.91 -11.77 -39.80
C GLU B 552 7.02 -10.68 -40.36
N VAL B 553 6.85 -10.65 -41.69
CA VAL B 553 6.05 -9.64 -42.34
C VAL B 553 4.63 -9.64 -41.81
N PHE B 554 4.07 -10.83 -41.64
CA PHE B 554 2.72 -10.99 -41.09
C PHE B 554 2.64 -10.32 -39.73
N LYS B 555 3.49 -10.79 -38.82
CA LYS B 555 3.53 -10.25 -37.47
C LYS B 555 3.60 -8.73 -37.53
N THR B 556 4.48 -8.22 -38.37
CA THR B 556 4.64 -6.78 -38.50
C THR B 556 3.40 -6.10 -39.02
N LEU B 557 2.88 -6.58 -40.15
CA LEU B 557 1.70 -5.98 -40.74
C LEU B 557 0.46 -6.10 -39.84
N ALA B 558 0.30 -7.25 -39.20
CA ALA B 558 -0.85 -7.51 -38.36
C ALA B 558 -0.53 -7.43 -36.88
N GLU B 559 0.45 -6.61 -36.52
CA GLU B 559 0.81 -6.43 -35.12
C GLU B 559 -0.38 -5.90 -34.33
N SER B 560 -1.24 -5.18 -35.03
CA SER B 560 -2.45 -4.61 -34.42
C SER B 560 -3.70 -5.44 -34.67
N ASP B 561 -4.70 -5.21 -33.83
CA ASP B 561 -5.96 -5.91 -33.94
C ASP B 561 -6.63 -5.67 -35.29
N GLU B 562 -6.63 -4.42 -35.75
CA GLU B 562 -7.26 -4.09 -37.02
C GLU B 562 -6.53 -4.74 -38.18
N GLY B 563 -5.22 -4.94 -38.02
CA GLY B 563 -4.41 -5.58 -39.04
C GLY B 563 -4.78 -7.05 -39.14
N LYS B 564 -4.93 -7.68 -37.98
CA LYS B 564 -5.29 -9.08 -37.90
C LYS B 564 -6.62 -9.32 -38.61
N LEU B 565 -7.60 -8.47 -38.30
CA LEU B 565 -8.90 -8.52 -38.91
C LEU B 565 -8.81 -8.33 -40.42
N HIS B 566 -7.86 -7.49 -40.84
CA HIS B 566 -7.71 -7.20 -42.26
C HIS B 566 -7.01 -8.35 -42.98
N VAL B 567 -6.09 -9.01 -42.30
CA VAL B 567 -5.46 -10.17 -42.89
C VAL B 567 -6.53 -11.22 -43.17
N LEU B 568 -7.40 -11.46 -42.19
CA LEU B 568 -8.46 -12.44 -42.35
C LEU B 568 -9.41 -12.02 -43.47
N ARG B 569 -9.74 -10.73 -43.49
CA ARG B 569 -10.64 -10.20 -44.52
C ARG B 569 -10.08 -10.44 -45.92
N VAL B 570 -8.81 -10.11 -46.12
CA VAL B 570 -8.22 -10.26 -47.45
C VAL B 570 -8.06 -11.74 -47.79
N MET B 571 -7.68 -12.54 -46.81
CA MET B 571 -7.53 -13.97 -47.06
C MET B 571 -8.87 -14.52 -47.55
N PHE B 572 -9.94 -14.10 -46.89
CA PHE B 572 -11.26 -14.54 -47.26
C PHE B 572 -11.60 -14.09 -48.69
N GLU B 573 -11.16 -12.87 -49.04
CA GLU B 573 -11.42 -12.34 -50.37
C GLU B 573 -10.65 -13.14 -51.44
N VAL B 574 -9.57 -13.77 -51.01
CA VAL B 574 -8.78 -14.59 -51.91
C VAL B 574 -9.35 -16.02 -52.01
N TRP B 575 -9.71 -16.59 -50.87
CA TRP B 575 -10.09 -18.00 -50.83
C TRP B 575 -11.55 -18.33 -50.56
N ARG B 576 -12.45 -17.38 -50.76
CA ARG B 576 -13.87 -17.62 -50.49
C ARG B 576 -14.46 -18.84 -51.23
N ASN B 577 -13.90 -19.21 -52.38
CA ASN B 577 -14.39 -20.37 -53.13
C ASN B 577 -13.90 -21.68 -52.55
N HIS B 578 -13.02 -21.61 -51.56
CA HIS B 578 -12.35 -22.80 -51.05
C HIS B 578 -12.34 -22.86 -49.52
N PRO B 579 -13.52 -23.11 -48.93
CA PRO B 579 -13.68 -23.08 -47.48
C PRO B 579 -12.67 -23.94 -46.74
N GLN B 580 -12.30 -25.09 -47.28
CA GLN B 580 -11.34 -25.93 -46.59
C GLN B 580 -9.99 -25.23 -46.45
N MET B 581 -9.56 -24.52 -47.50
CA MET B 581 -8.33 -23.75 -47.42
C MET B 581 -8.44 -22.65 -46.35
N ILE B 582 -9.56 -21.93 -46.34
CA ILE B 582 -9.79 -20.90 -45.32
C ILE B 582 -9.57 -21.49 -43.94
N ALA B 583 -10.21 -22.64 -43.69
CA ALA B 583 -10.12 -23.28 -42.39
C ALA B 583 -8.68 -23.59 -41.99
N VAL B 584 -7.89 -24.13 -42.92
CA VAL B 584 -6.52 -24.50 -42.54
C VAL B 584 -5.62 -23.28 -42.42
N LEU B 585 -5.88 -22.25 -43.19
CA LEU B 585 -5.11 -21.04 -43.07
C LEU B 585 -5.37 -20.38 -41.70
N VAL B 586 -6.64 -20.27 -41.33
CA VAL B 586 -7.00 -19.64 -40.06
C VAL B 586 -6.33 -20.37 -38.92
N ASP B 587 -6.38 -21.69 -38.97
CA ASP B 587 -5.80 -22.53 -37.94
C ASP B 587 -4.29 -22.30 -37.83
N LYS B 588 -3.62 -22.24 -38.98
CA LYS B 588 -2.19 -22.02 -39.02
C LYS B 588 -1.87 -20.63 -38.50
N MET B 589 -2.66 -19.65 -38.90
CA MET B 589 -2.43 -18.28 -38.44
C MET B 589 -2.57 -18.17 -36.92
N ILE B 590 -3.53 -18.90 -36.35
CA ILE B 590 -3.70 -18.89 -34.90
C ILE B 590 -2.52 -19.57 -34.26
N ARG B 591 -2.16 -20.75 -34.77
CA ARG B 591 -1.06 -21.50 -34.16
C ARG B 591 0.29 -20.79 -34.23
N THR B 592 0.48 -19.94 -35.24
CA THR B 592 1.75 -19.21 -35.35
C THR B 592 1.59 -17.76 -34.92
N GLN B 593 0.49 -17.50 -34.23
CA GLN B 593 0.21 -16.21 -33.62
C GLN B 593 0.12 -15.02 -34.59
N ILE B 594 -0.17 -15.29 -35.86
CA ILE B 594 -0.37 -14.24 -36.84
C ILE B 594 -1.64 -13.50 -36.46
N VAL B 595 -2.64 -14.28 -36.02
CA VAL B 595 -3.84 -13.70 -35.46
C VAL B 595 -4.12 -14.48 -34.20
N ASP B 596 -5.10 -14.01 -33.42
CA ASP B 596 -5.50 -14.72 -32.23
C ASP B 596 -6.95 -15.13 -32.35
N CYS B 597 -7.39 -15.94 -31.40
CA CYS B 597 -8.74 -16.46 -31.40
C CYS B 597 -9.79 -15.34 -31.43
N ALA B 598 -9.53 -14.26 -30.68
CA ALA B 598 -10.42 -13.11 -30.64
C ALA B 598 -10.63 -12.46 -32.00
N ALA B 599 -9.54 -12.27 -32.72
CA ALA B 599 -9.64 -11.72 -34.06
C ALA B 599 -10.48 -12.67 -34.94
N VAL B 600 -10.27 -13.96 -34.80
CA VAL B 600 -11.03 -14.91 -35.61
C VAL B 600 -12.50 -14.85 -35.23
N ALA B 601 -12.78 -14.79 -33.94
CA ALA B 601 -14.15 -14.73 -33.49
C ALA B 601 -14.81 -13.49 -34.05
N ASN B 602 -14.13 -12.35 -33.99
CA ASN B 602 -14.72 -11.15 -34.54
C ASN B 602 -14.93 -11.26 -36.04
N TRP B 603 -13.95 -11.85 -36.72
CA TRP B 603 -14.06 -12.06 -38.16
C TRP B 603 -15.30 -12.92 -38.50
N ILE B 604 -15.53 -13.96 -37.69
CA ILE B 604 -16.69 -14.82 -37.92
C ILE B 604 -17.99 -14.02 -38.01
N PHE B 605 -18.14 -13.04 -37.12
CA PHE B 605 -19.37 -12.27 -37.11
C PHE B 605 -19.30 -11.02 -37.99
N SER B 606 -18.21 -10.85 -38.73
CA SER B 606 -18.04 -9.67 -39.58
C SER B 606 -18.98 -9.65 -40.77
N SER B 607 -19.18 -8.46 -41.31
CA SER B 607 -20.10 -8.22 -42.41
C SER B 607 -19.67 -8.93 -43.69
N GLU B 608 -18.38 -9.13 -43.84
CA GLU B 608 -17.88 -9.80 -45.03
C GLU B 608 -18.31 -11.28 -45.08
N LEU B 609 -18.61 -11.86 -43.91
CA LEU B 609 -19.02 -13.26 -43.84
C LEU B 609 -20.53 -13.43 -43.70
N SER B 610 -21.25 -12.31 -43.75
CA SER B 610 -22.70 -12.31 -43.57
C SER B 610 -23.44 -13.26 -44.51
N ARG B 611 -22.97 -13.33 -45.75
CA ARG B 611 -23.64 -14.15 -46.75
C ARG B 611 -23.32 -15.63 -46.59
N ASP B 612 -22.24 -15.94 -45.89
CA ASP B 612 -21.84 -17.32 -45.67
C ASP B 612 -22.05 -17.74 -44.23
N PHE B 613 -22.64 -16.86 -43.43
CA PHE B 613 -22.77 -17.06 -41.98
C PHE B 613 -23.47 -18.36 -41.54
N THR B 614 -24.39 -18.88 -42.35
CA THR B 614 -25.09 -20.11 -41.96
C THR B 614 -24.39 -21.36 -42.50
N ARG B 615 -23.33 -21.18 -43.27
CA ARG B 615 -22.63 -22.32 -43.84
C ARG B 615 -21.83 -23.07 -42.79
N LEU B 616 -21.78 -24.39 -42.91
CA LEU B 616 -21.02 -25.20 -41.97
C LEU B 616 -19.60 -24.75 -41.73
N PHE B 617 -18.89 -24.39 -42.79
CA PHE B 617 -17.46 -24.12 -42.62
C PHE B 617 -17.19 -23.01 -41.61
N VAL B 618 -18.08 -22.03 -41.55
CA VAL B 618 -17.94 -20.91 -40.63
C VAL B 618 -17.90 -21.40 -39.21
N TRP B 619 -18.80 -22.31 -38.89
CA TRP B 619 -18.88 -22.86 -37.55
C TRP B 619 -17.80 -23.87 -37.30
N GLU B 620 -17.38 -24.57 -38.35
CA GLU B 620 -16.27 -25.48 -38.21
C GLU B 620 -15.03 -24.68 -37.79
N ILE B 621 -14.82 -23.54 -38.43
CA ILE B 621 -13.67 -22.71 -38.08
C ILE B 621 -13.77 -22.16 -36.64
N LEU B 622 -14.91 -21.58 -36.29
CA LEU B 622 -15.08 -21.04 -34.94
C LEU B 622 -14.83 -22.09 -33.86
N HIS B 623 -15.39 -23.28 -34.04
CA HIS B 623 -15.21 -24.33 -33.05
C HIS B 623 -13.80 -24.88 -32.99
N SER B 624 -13.14 -24.93 -34.13
CA SER B 624 -11.75 -25.34 -34.13
C SER B 624 -10.94 -24.26 -33.40
N THR B 625 -11.34 -23.00 -33.56
CA THR B 625 -10.69 -21.90 -32.85
C THR B 625 -10.85 -22.05 -31.33
N ILE B 626 -12.09 -22.30 -30.89
CA ILE B 626 -12.36 -22.48 -29.46
C ILE B 626 -11.55 -23.65 -28.91
N ARG B 627 -11.54 -24.78 -29.63
CA ARG B 627 -10.80 -25.96 -29.18
C ARG B 627 -9.33 -25.65 -28.95
N LYS B 628 -8.71 -24.93 -29.87
CA LYS B 628 -7.29 -24.59 -29.71
C LYS B 628 -7.12 -23.76 -28.45
N MET B 629 -8.02 -22.82 -28.23
CA MET B 629 -7.95 -22.01 -27.02
C MET B 629 -8.07 -22.91 -25.80
N ASN B 630 -9.06 -23.80 -25.81
CA ASN B 630 -9.28 -24.72 -24.69
C ASN B 630 -8.08 -25.59 -24.42
N LYS B 631 -7.48 -26.12 -25.48
CA LYS B 631 -6.30 -26.96 -25.31
C LYS B 631 -5.14 -26.12 -24.84
N HIS B 632 -5.10 -24.85 -25.25
CA HIS B 632 -4.04 -23.98 -24.78
C HIS B 632 -4.09 -23.89 -23.25
N VAL B 633 -5.29 -23.68 -22.72
CA VAL B 633 -5.47 -23.58 -21.28
C VAL B 633 -5.05 -24.84 -20.57
N LEU B 634 -5.42 -25.99 -21.12
CA LEU B 634 -5.04 -27.28 -20.52
C LEU B 634 -3.52 -27.50 -20.56
N LYS B 635 -2.87 -27.04 -21.62
CA LYS B 635 -1.42 -27.22 -21.75
C LYS B 635 -0.69 -26.42 -20.66
N ILE B 636 -1.03 -25.15 -20.55
CA ILE B 636 -0.39 -24.31 -19.55
C ILE B 636 -0.74 -24.76 -18.14
N GLN B 637 -1.98 -25.19 -17.94
CA GLN B 637 -2.39 -25.68 -16.63
C GLN B 637 -1.56 -26.89 -16.23
N LYS B 638 -1.28 -27.75 -17.21
CA LYS B 638 -0.52 -28.96 -16.95
C LYS B 638 0.90 -28.62 -16.50
N GLU B 639 1.50 -27.63 -17.16
CA GLU B 639 2.86 -27.21 -16.84
C GLU B 639 2.92 -26.62 -15.43
N LEU B 640 1.79 -26.10 -14.96
CA LEU B 640 1.70 -25.57 -13.61
C LEU B 640 1.58 -26.73 -12.64
N GLU B 641 0.86 -27.76 -13.06
CA GLU B 641 0.64 -28.95 -12.25
C GLU B 641 1.88 -29.83 -12.16
N GLU B 642 2.64 -29.88 -13.26
CA GLU B 642 3.83 -30.73 -13.31
C GLU B 642 5.04 -30.07 -12.64
N ALA B 643 4.94 -28.77 -12.37
CA ALA B 643 6.02 -28.06 -11.69
C ALA B 643 5.89 -28.30 -10.19
N LYS B 644 4.74 -27.93 -9.65
CA LYS B 644 4.46 -28.13 -8.23
C LYS B 644 4.90 -29.52 -7.78
N GLU B 645 4.64 -30.53 -8.61
CA GLU B 645 5.04 -31.90 -8.30
C GLU B 645 6.56 -32.02 -8.23
N GLU B 656 11.41 -21.59 -7.07
CA GLU B 656 9.98 -21.20 -6.90
C GLU B 656 9.59 -20.10 -7.87
N GLU B 657 10.50 -19.75 -8.77
CA GLU B 657 10.21 -18.71 -9.74
C GLU B 657 9.08 -19.12 -10.67
N GLN B 658 9.35 -20.12 -11.50
CA GLN B 658 8.37 -20.61 -12.46
C GLN B 658 6.97 -20.63 -11.88
N ILE B 659 6.76 -21.46 -10.85
CA ILE B 659 5.47 -21.58 -10.19
C ILE B 659 4.80 -20.23 -9.97
N GLU B 660 5.61 -19.21 -9.70
CA GLU B 660 5.09 -17.87 -9.47
C GLU B 660 4.56 -17.27 -10.78
N ARG B 661 5.25 -17.54 -11.88
CA ARG B 661 4.83 -17.02 -13.17
C ARG B 661 3.82 -17.94 -13.83
N LEU B 662 3.96 -19.24 -13.59
CA LEU B 662 3.03 -20.21 -14.15
C LEU B 662 1.60 -19.89 -13.74
N GLN B 663 1.39 -19.65 -12.46
CA GLN B 663 0.06 -19.30 -11.96
C GLN B 663 -0.42 -18.03 -12.66
N GLU B 664 0.52 -17.14 -12.96
CA GLU B 664 0.23 -15.89 -13.65
C GLU B 664 -0.12 -16.13 -15.10
N LYS B 665 0.50 -17.15 -15.69
CA LYS B 665 0.24 -17.50 -17.08
C LYS B 665 -1.10 -18.20 -17.20
N VAL B 666 -1.44 -19.00 -16.18
CA VAL B 666 -2.70 -19.72 -16.15
C VAL B 666 -3.88 -18.77 -16.08
N GLU B 667 -3.77 -17.73 -15.27
CA GLU B 667 -4.86 -16.77 -15.12
C GLU B 667 -5.03 -15.99 -16.42
N SER B 668 -3.93 -15.77 -17.12
CA SER B 668 -3.96 -15.06 -18.38
C SER B 668 -4.63 -15.95 -19.44
N ALA B 669 -4.16 -17.18 -19.55
CA ALA B 669 -4.75 -18.14 -20.48
C ALA B 669 -6.25 -18.26 -20.22
N GLN B 670 -6.60 -18.46 -18.95
CA GLN B 670 -7.99 -18.57 -18.56
C GLN B 670 -8.80 -17.33 -18.95
N SER B 671 -8.19 -16.15 -18.80
CA SER B 671 -8.86 -14.91 -19.21
C SER B 671 -9.06 -14.91 -20.73
N GLU B 672 -8.02 -15.28 -21.47
CA GLU B 672 -8.13 -15.37 -22.92
C GLU B 672 -9.35 -16.22 -23.28
N GLN B 673 -9.42 -17.38 -22.62
CA GLN B 673 -10.48 -18.36 -22.86
C GLN B 673 -11.84 -17.79 -22.54
N LYS B 674 -12.01 -17.32 -21.31
CA LYS B 674 -13.27 -16.71 -20.90
C LYS B 674 -13.67 -15.59 -21.84
N ASN B 675 -12.75 -14.67 -22.08
CA ASN B 675 -13.07 -13.54 -22.93
C ASN B 675 -13.35 -13.94 -24.38
N LEU B 676 -12.81 -15.08 -24.79
CA LEU B 676 -13.13 -15.59 -26.10
C LEU B 676 -14.63 -15.91 -26.12
N PHE B 677 -15.08 -16.66 -25.13
CA PHE B 677 -16.51 -16.98 -25.02
C PHE B 677 -17.37 -15.72 -24.86
N LEU B 678 -16.92 -14.80 -23.99
CA LEU B 678 -17.64 -13.54 -23.80
C LEU B 678 -17.85 -12.80 -25.12
N VAL B 679 -16.77 -12.70 -25.90
CA VAL B 679 -16.84 -12.06 -27.21
C VAL B 679 -17.86 -12.79 -28.09
N ILE B 680 -17.77 -14.12 -28.10
CA ILE B 680 -18.70 -14.89 -28.92
C ILE B 680 -20.13 -14.63 -28.48
N PHE B 681 -20.39 -14.70 -27.17
CA PHE B 681 -21.75 -14.45 -26.69
C PHE B 681 -22.23 -13.04 -27.02
N GLN B 682 -21.40 -12.02 -26.76
CA GLN B 682 -21.76 -10.64 -27.09
C GLN B 682 -22.16 -10.49 -28.56
N ARG B 683 -21.41 -11.11 -29.47
CA ARG B 683 -21.75 -11.02 -30.88
C ARG B 683 -23.10 -11.70 -31.17
N PHE B 684 -23.30 -12.89 -30.60
CA PHE B 684 -24.56 -13.56 -30.80
C PHE B 684 -25.70 -12.69 -30.30
N ILE B 685 -25.57 -12.18 -29.08
CA ILE B 685 -26.63 -11.38 -28.51
C ILE B 685 -26.93 -10.18 -29.39
N MET B 686 -25.88 -9.57 -29.91
CA MET B 686 -25.99 -8.39 -30.74
C MET B 686 -26.77 -8.68 -32.05
N ILE B 687 -26.31 -9.67 -32.80
CA ILE B 687 -27.01 -9.96 -34.06
C ILE B 687 -28.39 -10.53 -33.83
N LEU B 688 -28.56 -11.32 -32.78
CA LEU B 688 -29.88 -11.88 -32.50
C LEU B 688 -30.84 -10.77 -32.10
N THR B 689 -30.35 -9.81 -31.32
CA THR B 689 -31.20 -8.71 -30.86
C THR B 689 -31.66 -7.89 -32.05
N GLU B 690 -30.74 -7.61 -32.95
CA GLU B 690 -31.06 -6.84 -34.15
C GLU B 690 -32.22 -7.49 -34.90
N HIS B 691 -32.11 -8.80 -35.09
CA HIS B 691 -33.14 -9.54 -35.81
C HIS B 691 -34.48 -9.44 -35.09
N LEU B 692 -34.44 -9.71 -33.79
CA LEU B 692 -35.65 -9.72 -32.97
C LEU B 692 -36.34 -8.35 -32.93
N VAL B 693 -35.53 -7.28 -32.87
CA VAL B 693 -36.08 -5.94 -32.88
C VAL B 693 -36.73 -5.65 -34.22
N ARG B 694 -36.01 -5.97 -35.29
CA ARG B 694 -36.54 -5.73 -36.63
C ARG B 694 -37.87 -6.47 -36.78
N CYS B 695 -37.88 -7.74 -36.40
CA CYS B 695 -39.09 -8.54 -36.53
C CYS B 695 -40.25 -7.91 -35.75
N GLU B 696 -39.98 -7.44 -34.55
CA GLU B 696 -41.00 -6.81 -33.73
C GLU B 696 -41.52 -5.54 -34.41
N THR B 697 -40.64 -4.86 -35.13
CA THR B 697 -40.98 -3.63 -35.85
C THR B 697 -41.88 -3.89 -37.05
N ASP B 698 -41.46 -4.77 -37.95
CA ASP B 698 -42.22 -5.05 -39.15
C ASP B 698 -43.31 -6.10 -38.96
N GLY B 699 -43.28 -6.77 -37.81
CA GLY B 699 -44.28 -7.77 -37.52
C GLY B 699 -44.15 -9.04 -38.34
N THR B 700 -42.98 -9.27 -38.94
CA THR B 700 -42.77 -10.49 -39.69
C THR B 700 -42.31 -11.60 -38.76
N SER B 701 -42.46 -12.83 -39.23
CA SER B 701 -42.07 -14.00 -38.49
C SER B 701 -40.64 -13.94 -37.96
N VAL B 702 -40.48 -14.28 -36.70
CA VAL B 702 -39.17 -14.31 -36.08
C VAL B 702 -38.39 -15.52 -36.59
N LEU B 703 -39.10 -16.63 -36.78
CA LEU B 703 -38.50 -17.87 -37.19
C LEU B 703 -38.20 -17.97 -38.69
N THR B 704 -37.01 -17.51 -39.07
CA THR B 704 -36.55 -17.63 -40.45
C THR B 704 -35.41 -18.63 -40.47
N PRO B 705 -35.09 -19.13 -41.65
CA PRO B 705 -33.94 -20.03 -41.77
C PRO B 705 -32.74 -19.39 -41.11
N TRP B 706 -32.49 -18.10 -41.38
CA TRP B 706 -31.37 -17.41 -40.74
C TRP B 706 -31.43 -17.47 -39.22
N TYR B 707 -32.61 -17.22 -38.67
CA TYR B 707 -32.78 -17.21 -37.23
C TYR B 707 -32.51 -18.58 -36.64
N LYS B 708 -33.13 -19.59 -37.24
CA LYS B 708 -32.94 -20.97 -36.78
C LYS B 708 -31.45 -21.31 -36.70
N ASN B 709 -30.68 -20.94 -37.71
CA ASN B 709 -29.26 -21.23 -37.65
C ASN B 709 -28.65 -20.49 -36.49
N CYS B 710 -28.89 -19.18 -36.45
CA CYS B 710 -28.24 -18.33 -35.46
C CYS B 710 -28.50 -18.76 -34.02
N ILE B 711 -29.76 -18.97 -33.67
CA ILE B 711 -30.09 -19.30 -32.30
C ILE B 711 -29.54 -20.67 -31.91
N GLU B 712 -29.51 -21.58 -32.87
CA GLU B 712 -29.06 -22.94 -32.61
C GLU B 712 -27.53 -23.01 -32.62
N ARG B 713 -26.88 -22.09 -33.31
CA ARG B 713 -25.42 -22.00 -33.23
C ARG B 713 -25.05 -21.46 -31.84
N LEU B 714 -25.88 -20.59 -31.29
CA LEU B 714 -25.65 -20.07 -29.93
C LEU B 714 -25.82 -21.23 -28.95
N GLN B 715 -26.91 -21.96 -29.12
CA GLN B 715 -27.16 -23.14 -28.32
C GLN B 715 -25.96 -24.09 -28.43
N GLN B 716 -25.44 -24.23 -29.64
CA GLN B 716 -24.34 -25.16 -29.84
C GLN B 716 -23.09 -24.80 -29.04
N ILE B 717 -22.82 -23.50 -28.89
CA ILE B 717 -21.66 -23.09 -28.09
C ILE B 717 -21.78 -23.63 -26.68
N PHE B 718 -22.95 -23.47 -26.07
CA PHE B 718 -23.21 -23.95 -24.73
C PHE B 718 -23.12 -25.47 -24.69
N LEU B 719 -23.72 -26.13 -25.67
CA LEU B 719 -23.70 -27.58 -25.67
C LEU B 719 -22.30 -28.16 -25.81
N GLN B 720 -21.49 -27.54 -26.66
CA GLN B 720 -20.18 -28.09 -26.96
C GLN B 720 -19.15 -27.85 -25.85
N HIS B 721 -19.32 -26.76 -25.10
CA HIS B 721 -18.33 -26.41 -24.09
C HIS B 721 -18.94 -26.16 -22.72
N HIS B 722 -20.02 -26.88 -22.43
CA HIS B 722 -20.75 -26.68 -21.17
C HIS B 722 -19.90 -26.73 -19.90
N GLN B 723 -18.96 -27.65 -19.83
CA GLN B 723 -18.17 -27.76 -18.61
C GLN B 723 -17.36 -26.49 -18.37
N ILE B 724 -16.84 -25.93 -19.44
CA ILE B 724 -16.06 -24.70 -19.35
C ILE B 724 -16.95 -23.49 -19.04
N ILE B 725 -18.04 -23.33 -19.78
CA ILE B 725 -18.93 -22.19 -19.62
C ILE B 725 -19.61 -22.13 -18.24
N GLN B 726 -19.81 -23.30 -17.63
CA GLN B 726 -20.39 -23.40 -16.29
C GLN B 726 -19.57 -22.61 -15.27
N GLN B 727 -18.29 -22.41 -15.55
CA GLN B 727 -17.43 -21.65 -14.67
C GLN B 727 -17.75 -20.16 -14.73
N TYR B 728 -18.49 -19.77 -15.77
CA TYR B 728 -18.74 -18.35 -16.05
C TYR B 728 -20.15 -17.88 -15.76
N MET B 729 -20.96 -18.72 -15.11
CA MET B 729 -22.37 -18.40 -14.88
C MET B 729 -22.63 -17.01 -14.32
N VAL B 730 -21.92 -16.65 -13.27
CA VAL B 730 -22.10 -15.34 -12.61
C VAL B 730 -21.83 -14.21 -13.57
N THR B 731 -20.66 -14.23 -14.19
CA THR B 731 -20.30 -13.22 -15.17
C THR B 731 -21.36 -13.15 -16.28
N LEU B 732 -21.79 -14.30 -16.80
CA LEU B 732 -22.77 -14.33 -17.88
C LEU B 732 -24.11 -13.74 -17.44
N GLU B 733 -24.57 -14.15 -16.27
CA GLU B 733 -25.83 -13.66 -15.76
C GLU B 733 -25.76 -12.14 -15.51
N ASN B 734 -24.64 -11.67 -14.97
CA ASN B 734 -24.54 -10.25 -14.67
C ASN B 734 -24.26 -9.33 -15.85
N LEU B 735 -23.52 -9.83 -16.84
CA LEU B 735 -23.10 -8.97 -17.94
C LEU B 735 -23.75 -9.17 -19.30
N LEU B 736 -24.17 -10.39 -19.60
CA LEU B 736 -24.69 -10.65 -20.94
C LEU B 736 -26.12 -11.16 -20.97
N PHE B 737 -26.32 -12.34 -20.39
CA PHE B 737 -27.64 -12.91 -20.36
C PHE B 737 -28.39 -12.40 -19.14
N THR B 738 -28.80 -11.13 -19.22
CA THR B 738 -29.45 -10.44 -18.11
C THR B 738 -30.96 -10.53 -18.23
N ALA B 739 -31.65 -10.26 -17.14
CA ALA B 739 -33.11 -10.34 -17.10
C ALA B 739 -33.81 -9.51 -18.18
N GLU B 740 -33.13 -8.49 -18.68
CA GLU B 740 -33.73 -7.59 -19.67
C GLU B 740 -33.54 -8.04 -21.13
N LEU B 741 -32.75 -9.10 -21.31
CA LEU B 741 -32.47 -9.59 -22.66
C LEU B 741 -33.75 -10.19 -23.24
N ASP B 742 -33.98 -10.01 -24.53
CA ASP B 742 -35.13 -10.61 -25.19
C ASP B 742 -35.20 -12.10 -24.80
N PRO B 743 -36.40 -12.55 -24.42
CA PRO B 743 -36.62 -13.93 -23.97
C PRO B 743 -36.18 -15.03 -24.94
N HIS B 744 -36.25 -14.79 -26.25
CA HIS B 744 -35.80 -15.78 -27.21
C HIS B 744 -34.35 -16.13 -26.96
N ILE B 745 -33.57 -15.13 -26.60
CA ILE B 745 -32.14 -15.31 -26.36
C ILE B 745 -31.88 -15.83 -24.96
N LEU B 746 -32.52 -15.19 -23.99
CA LEU B 746 -32.39 -15.59 -22.58
C LEU B 746 -32.71 -17.06 -22.39
N ALA B 747 -33.75 -17.52 -23.09
CA ALA B 747 -34.17 -18.92 -22.99
C ALA B 747 -33.01 -19.90 -23.13
N VAL B 748 -32.09 -19.60 -24.04
CA VAL B 748 -30.95 -20.47 -24.28
C VAL B 748 -30.06 -20.56 -23.05
N PHE B 749 -29.84 -19.42 -22.41
CA PHE B 749 -29.05 -19.40 -21.20
C PHE B 749 -29.76 -20.20 -20.13
N GLN B 750 -31.06 -20.03 -20.02
CA GLN B 750 -31.86 -20.70 -19.00
C GLN B 750 -31.89 -22.20 -19.25
N GLN B 751 -32.00 -22.58 -20.52
CA GLN B 751 -31.98 -23.98 -20.87
C GLN B 751 -30.63 -24.56 -20.45
N PHE B 752 -29.57 -23.80 -20.70
CA PHE B 752 -28.23 -24.25 -20.36
C PHE B 752 -28.06 -24.45 -18.84
N CYS B 753 -28.58 -23.50 -18.07
CA CYS B 753 -28.51 -23.61 -16.62
C CYS B 753 -29.28 -24.84 -16.15
N ALA B 754 -30.44 -25.05 -16.76
CA ALA B 754 -31.28 -26.20 -16.43
C ALA B 754 -30.58 -27.55 -16.52
N LEU B 755 -29.47 -27.62 -17.25
CA LEU B 755 -28.76 -28.89 -17.44
C LEU B 755 -28.17 -29.44 -16.15
N GLN B 756 -27.98 -28.56 -15.17
CA GLN B 756 -27.39 -29.00 -13.91
C GLN B 756 -28.12 -28.43 -12.69
N ALA B 757 -29.29 -27.85 -12.93
CA ALA B 757 -30.11 -27.30 -11.86
C ALA B 757 -30.93 -28.38 -11.17
N GLU C 7 -27.05 -22.22 15.14
CA GLU C 7 -28.42 -22.23 14.55
C GLU C 7 -29.36 -21.30 15.31
N THR C 8 -29.79 -21.75 16.48
CA THR C 8 -30.71 -20.99 17.32
C THR C 8 -30.17 -19.60 17.62
N GLU C 9 -28.87 -19.53 17.92
CA GLU C 9 -28.22 -18.25 18.18
C GLU C 9 -28.44 -17.33 16.98
N ASP C 10 -28.09 -17.83 15.79
CA ASP C 10 -28.28 -17.10 14.55
C ASP C 10 -29.73 -16.75 14.32
N HIS C 11 -30.62 -17.66 14.71
CA HIS C 11 -32.05 -17.45 14.56
C HIS C 11 -32.51 -16.29 15.44
N LEU C 12 -32.10 -16.34 16.71
CA LEU C 12 -32.45 -15.30 17.66
C LEU C 12 -32.00 -13.94 17.14
N GLU C 13 -30.77 -13.87 16.64
CA GLU C 13 -30.24 -12.63 16.09
C GLU C 13 -31.14 -12.14 14.96
N SER C 14 -31.60 -13.07 14.15
CA SER C 14 -32.45 -12.71 13.03
C SER C 14 -33.77 -12.11 13.51
N LEU C 15 -34.39 -12.77 14.48
CA LEU C 15 -35.67 -12.30 15.01
C LEU C 15 -35.52 -10.91 15.58
N ILE C 16 -34.49 -10.73 16.40
CA ILE C 16 -34.23 -9.43 17.03
C ILE C 16 -33.94 -8.36 15.99
N CYS C 17 -33.19 -8.73 14.96
CA CYS C 17 -32.84 -7.76 13.94
C CYS C 17 -34.03 -7.33 13.08
N LYS C 18 -34.98 -8.24 12.86
CA LYS C 18 -36.12 -7.93 12.00
C LYS C 18 -37.36 -7.30 12.64
N VAL C 19 -37.49 -7.42 13.95
CA VAL C 19 -38.66 -6.85 14.62
C VAL C 19 -38.79 -5.38 14.26
N GLY C 20 -40.01 -4.97 13.90
CA GLY C 20 -40.26 -3.59 13.51
C GLY C 20 -40.26 -3.39 12.00
N GLU C 21 -39.89 -4.43 11.27
CA GLU C 21 -39.88 -4.36 9.82
C GLU C 21 -41.24 -4.76 9.26
N LYS C 22 -41.39 -4.58 7.94
CA LYS C 22 -42.60 -4.95 7.21
C LYS C 22 -43.18 -6.25 7.74
N SER C 23 -44.40 -6.18 8.27
CA SER C 23 -45.04 -7.39 8.78
C SER C 23 -46.56 -7.37 8.62
N ALA C 24 -47.14 -8.58 8.62
CA ALA C 24 -48.58 -8.72 8.50
C ALA C 24 -49.25 -8.54 9.86
N CYS C 25 -48.47 -8.74 10.92
CA CYS C 25 -48.96 -8.57 12.28
C CYS C 25 -48.49 -7.23 12.80
N SER C 26 -49.21 -6.70 13.79
CA SER C 26 -48.89 -5.42 14.38
C SER C 26 -47.52 -5.41 15.08
N LEU C 27 -47.01 -4.22 15.35
CA LEU C 27 -45.76 -4.09 16.07
C LEU C 27 -45.91 -4.67 17.47
N GLU C 28 -47.03 -4.34 18.12
CA GLU C 28 -47.31 -4.85 19.47
C GLU C 28 -47.32 -6.37 19.48
N SER C 29 -47.96 -6.96 18.48
CA SER C 29 -48.02 -8.41 18.40
C SER C 29 -46.62 -8.98 18.20
N ASN C 30 -45.87 -8.35 17.30
CA ASN C 30 -44.52 -8.81 17.02
C ASN C 30 -43.59 -8.62 18.22
N LEU C 31 -43.68 -7.48 18.88
CA LEU C 31 -42.86 -7.24 20.05
C LEU C 31 -43.16 -8.25 21.14
N GLU C 32 -44.45 -8.36 21.49
CA GLU C 32 -44.87 -9.29 22.53
C GLU C 32 -44.42 -10.70 22.21
N GLY C 33 -44.63 -11.11 20.97
CA GLY C 33 -44.26 -12.45 20.53
C GLY C 33 -42.77 -12.71 20.67
N LEU C 34 -41.96 -11.72 20.31
CA LEU C 34 -40.52 -11.83 20.42
C LEU C 34 -40.10 -11.95 21.87
N ALA C 35 -40.72 -11.15 22.74
CA ALA C 35 -40.41 -11.19 24.16
C ALA C 35 -40.65 -12.58 24.73
N GLY C 36 -41.74 -13.21 24.31
CA GLY C 36 -42.04 -14.55 24.75
C GLY C 36 -41.01 -15.53 24.22
N VAL C 37 -40.62 -15.31 22.97
CA VAL C 37 -39.64 -16.17 22.33
C VAL C 37 -38.29 -16.06 23.03
N LEU C 38 -37.90 -14.83 23.39
CA LEU C 38 -36.63 -14.62 24.06
C LEU C 38 -36.62 -15.21 25.47
N GLU C 39 -37.67 -14.94 26.24
CA GLU C 39 -37.77 -15.47 27.60
C GLU C 39 -37.65 -16.99 27.62
N ALA C 40 -38.31 -17.65 26.67
CA ALA C 40 -38.30 -19.10 26.60
C ALA C 40 -36.92 -19.66 26.25
N ASP C 41 -36.01 -18.78 25.83
CA ASP C 41 -34.66 -19.22 25.48
C ASP C 41 -33.63 -18.74 26.50
N LEU C 42 -34.09 -18.09 27.56
CA LEU C 42 -33.19 -17.62 28.61
C LEU C 42 -32.41 -18.73 29.31
N PRO C 43 -33.06 -19.85 29.58
CA PRO C 43 -32.39 -20.96 30.29
C PRO C 43 -31.10 -21.40 29.63
N ASN C 44 -31.01 -21.27 28.30
CA ASN C 44 -29.80 -21.72 27.58
C ASN C 44 -29.08 -20.63 26.78
N TYR C 45 -29.74 -19.50 26.52
CA TYR C 45 -29.13 -18.46 25.69
C TYR C 45 -29.15 -17.07 26.29
N LYS C 46 -29.39 -16.98 27.60
CA LYS C 46 -29.45 -15.68 28.25
C LYS C 46 -28.25 -14.81 27.89
N SER C 47 -27.06 -15.41 27.98
CA SER C 47 -25.83 -14.70 27.68
C SER C 47 -25.83 -14.22 26.23
N LYS C 48 -26.17 -15.11 25.30
CA LYS C 48 -26.27 -14.75 23.90
C LYS C 48 -27.28 -13.62 23.73
N ILE C 49 -28.47 -13.79 24.30
CA ILE C 49 -29.55 -12.81 24.19
C ILE C 49 -29.16 -11.42 24.71
N LEU C 50 -28.44 -11.39 25.82
CA LEU C 50 -27.97 -10.14 26.40
C LEU C 50 -27.06 -9.43 25.42
N ARG C 51 -26.19 -10.21 24.77
CA ARG C 51 -25.24 -9.68 23.81
C ARG C 51 -25.92 -9.09 22.58
N LEU C 52 -26.87 -9.83 22.01
CA LEU C 52 -27.61 -9.40 20.83
C LEU C 52 -28.36 -8.09 21.10
N LEU C 53 -28.94 -7.95 22.29
CA LEU C 53 -29.68 -6.75 22.62
C LEU C 53 -28.74 -5.56 22.80
N CYS C 54 -27.64 -5.79 23.51
CA CYS C 54 -26.65 -4.74 23.71
C CYS C 54 -26.16 -4.27 22.35
N THR C 55 -26.04 -5.21 21.43
CA THR C 55 -25.57 -4.91 20.10
C THR C 55 -26.54 -4.03 19.30
N VAL C 56 -27.84 -4.36 19.31
CA VAL C 56 -28.77 -3.50 18.57
C VAL C 56 -28.87 -2.15 19.25
N ALA C 57 -28.56 -2.10 20.54
CA ALA C 57 -28.59 -0.83 21.26
C ALA C 57 -27.47 0.08 20.77
N ARG C 58 -26.35 -0.52 20.38
CA ARG C 58 -25.24 0.30 19.88
C ARG C 58 -25.28 0.52 18.37
N LEU C 59 -25.80 -0.45 17.63
CA LEU C 59 -25.74 -0.39 16.17
C LEU C 59 -26.97 0.13 15.44
N LEU C 60 -28.15 0.08 16.08
CA LEU C 60 -29.39 0.45 15.38
C LEU C 60 -30.16 1.51 16.13
N PRO C 61 -29.55 2.67 16.35
CA PRO C 61 -30.19 3.74 17.12
C PRO C 61 -31.46 4.23 16.44
N GLU C 62 -31.53 4.15 15.11
CA GLU C 62 -32.74 4.56 14.39
C GLU C 62 -33.95 3.78 14.88
N LYS C 63 -33.71 2.58 15.40
CA LYS C 63 -34.78 1.73 15.94
C LYS C 63 -34.84 1.73 17.47
N LEU C 64 -34.24 2.74 18.08
CA LEU C 64 -34.14 2.86 19.52
C LEU C 64 -35.42 2.50 20.31
N THR C 65 -36.53 3.17 20.03
CA THR C 65 -37.74 2.93 20.81
C THR C 65 -38.39 1.57 20.57
N ILE C 66 -38.11 0.93 19.45
CA ILE C 66 -38.61 -0.42 19.25
C ILE C 66 -37.87 -1.35 20.21
N TYR C 67 -36.56 -1.18 20.29
CA TYR C 67 -35.75 -2.05 21.13
C TYR C 67 -35.87 -1.82 22.64
N THR C 68 -36.03 -0.59 23.08
CA THR C 68 -36.21 -0.36 24.49
C THR C 68 -37.54 -0.98 24.90
N THR C 69 -38.54 -0.90 24.02
CA THR C 69 -39.83 -1.51 24.32
C THR C 69 -39.64 -3.00 24.50
N LEU C 70 -38.89 -3.62 23.60
CA LEU C 70 -38.66 -5.05 23.68
C LEU C 70 -38.00 -5.43 25.02
N VAL C 71 -37.00 -4.65 25.41
CA VAL C 71 -36.32 -4.88 26.68
C VAL C 71 -37.33 -4.73 27.83
N GLY C 72 -38.16 -3.70 27.73
CA GLY C 72 -39.20 -3.46 28.71
C GLY C 72 -40.13 -4.64 28.89
N LEU C 73 -40.54 -5.25 27.78
CA LEU C 73 -41.47 -6.38 27.83
C LEU C 73 -40.80 -7.62 28.40
N LEU C 74 -39.54 -7.80 28.00
CA LEU C 74 -38.77 -8.92 28.51
C LEU C 74 -38.59 -8.77 30.02
N ASN C 75 -38.19 -7.57 30.44
CA ASN C 75 -37.99 -7.26 31.85
C ASN C 75 -39.26 -7.54 32.66
N ALA C 76 -40.42 -7.24 32.07
CA ALA C 76 -41.70 -7.48 32.70
C ALA C 76 -41.94 -8.97 32.88
N ARG C 77 -41.30 -9.78 32.05
CA ARG C 77 -41.41 -11.22 32.16
C ARG C 77 -40.37 -11.78 33.14
N ASN C 78 -39.23 -11.14 33.20
CA ASN C 78 -38.14 -11.60 34.06
C ASN C 78 -37.33 -10.39 34.53
N TYR C 79 -37.60 -9.97 35.76
CA TYR C 79 -36.99 -8.78 36.34
C TYR C 79 -35.48 -8.92 36.47
N ASN C 80 -35.04 -10.11 36.86
CA ASN C 80 -33.61 -10.37 37.00
C ASN C 80 -32.88 -10.14 35.69
N PHE C 81 -33.49 -10.60 34.60
CA PHE C 81 -32.89 -10.42 33.28
C PHE C 81 -32.66 -8.94 33.01
N GLY C 82 -33.69 -8.13 33.27
CA GLY C 82 -33.58 -6.69 33.08
C GLY C 82 -32.42 -6.12 33.86
N GLY C 83 -32.24 -6.59 35.09
CA GLY C 83 -31.12 -6.16 35.89
C GLY C 83 -29.79 -6.50 35.24
N GLU C 84 -29.68 -7.73 34.76
CA GLU C 84 -28.48 -8.18 34.08
C GLU C 84 -28.27 -7.43 32.77
N PHE C 85 -29.36 -7.12 32.07
CA PHE C 85 -29.24 -6.36 30.83
C PHE C 85 -28.69 -4.98 31.12
N VAL C 86 -29.28 -4.29 32.07
CA VAL C 86 -28.84 -2.96 32.43
C VAL C 86 -27.38 -3.01 32.90
N GLU C 87 -27.06 -4.07 33.63
CA GLU C 87 -25.73 -4.28 34.16
C GLU C 87 -24.76 -4.37 33.00
N ALA C 88 -25.13 -5.16 31.99
CA ALA C 88 -24.31 -5.37 30.81
C ALA C 88 -24.17 -4.12 29.94
N MET C 89 -25.19 -3.27 29.96
CA MET C 89 -25.17 -2.04 29.17
C MET C 89 -24.14 -1.09 29.76
N ILE C 90 -24.12 -1.02 31.08
CA ILE C 90 -23.14 -0.19 31.76
C ILE C 90 -21.76 -0.66 31.36
N ARG C 91 -21.55 -1.98 31.39
CA ARG C 91 -20.26 -2.54 31.00
C ARG C 91 -19.95 -2.23 29.54
N GLN C 92 -20.95 -2.32 28.68
CA GLN C 92 -20.72 -2.00 27.27
C GLN C 92 -20.36 -0.52 27.11
N LEU C 93 -21.05 0.33 27.86
CA LEU C 93 -20.74 1.76 27.82
C LEU C 93 -19.26 1.99 28.15
N LYS C 94 -18.78 1.40 29.24
CA LYS C 94 -17.38 1.56 29.62
C LYS C 94 -16.45 1.06 28.53
N GLU C 95 -16.75 -0.12 27.99
CA GLU C 95 -15.95 -0.69 26.93
C GLU C 95 -15.96 0.14 25.66
N SER C 96 -17.11 0.74 25.34
CA SER C 96 -17.15 1.58 24.14
C SER C 96 -16.29 2.83 24.35
N LEU C 97 -16.43 3.46 25.50
CA LEU C 97 -15.66 4.66 25.80
C LEU C 97 -14.17 4.35 25.75
N LYS C 98 -13.80 3.20 26.32
CA LYS C 98 -12.43 2.72 26.33
C LYS C 98 -11.87 2.59 24.91
N ALA C 99 -12.67 2.06 24.01
CA ALA C 99 -12.23 1.87 22.63
C ALA C 99 -12.36 3.14 21.81
N ASN C 100 -12.59 4.27 22.47
CA ASN C 100 -12.81 5.55 21.79
C ASN C 100 -13.99 5.50 20.81
N ASN C 101 -14.95 4.62 21.06
CA ASN C 101 -16.13 4.55 20.20
C ASN C 101 -17.21 5.45 20.82
N TYR C 102 -16.94 6.76 20.85
CA TYR C 102 -17.83 7.74 21.45
C TYR C 102 -19.17 7.83 20.72
N ASN C 103 -19.15 7.59 19.42
CA ASN C 103 -20.39 7.61 18.67
C ASN C 103 -21.34 6.49 19.09
N GLU C 104 -20.81 5.28 19.25
CA GLU C 104 -21.66 4.19 19.70
C GLU C 104 -22.07 4.42 21.15
N ALA C 105 -21.19 5.05 21.92
CA ALA C 105 -21.47 5.27 23.33
C ALA C 105 -22.67 6.18 23.47
N VAL C 106 -22.80 7.15 22.58
CA VAL C 106 -23.96 8.04 22.61
C VAL C 106 -25.24 7.22 22.52
N TYR C 107 -25.25 6.23 21.63
CA TYR C 107 -26.44 5.41 21.41
C TYR C 107 -26.77 4.54 22.60
N LEU C 108 -25.73 4.11 23.31
CA LEU C 108 -25.92 3.35 24.54
C LEU C 108 -26.55 4.22 25.61
N VAL C 109 -26.06 5.44 25.74
CA VAL C 109 -26.59 6.37 26.72
C VAL C 109 -28.05 6.74 26.40
N ARG C 110 -28.33 6.96 25.13
CA ARG C 110 -29.68 7.28 24.68
C ARG C 110 -30.59 6.10 24.97
N PHE C 111 -30.07 4.88 24.80
CA PHE C 111 -30.85 3.67 25.04
C PHE C 111 -31.21 3.54 26.53
N LEU C 112 -30.24 3.80 27.39
CA LEU C 112 -30.49 3.76 28.81
C LEU C 112 -31.50 4.84 29.16
N SER C 113 -31.34 6.00 28.54
CA SER C 113 -32.23 7.12 28.75
C SER C 113 -33.67 6.72 28.42
N ASP C 114 -33.89 6.21 27.23
CA ASP C 114 -35.24 5.81 26.81
C ASP C 114 -35.80 4.66 27.65
N LEU C 115 -34.91 3.80 28.15
CA LEU C 115 -35.34 2.71 29.01
C LEU C 115 -36.06 3.23 30.25
N VAL C 116 -35.81 4.47 30.61
CA VAL C 116 -36.52 5.08 31.73
C VAL C 116 -38.02 5.22 31.40
N ASN C 117 -38.33 5.58 30.16
CA ASN C 117 -39.72 5.75 29.74
C ASN C 117 -40.41 4.43 29.76
N CYS C 118 -39.64 3.37 29.51
CA CYS C 118 -40.15 2.02 29.53
C CYS C 118 -40.22 1.51 30.98
N HIS C 119 -39.81 2.36 31.92
CA HIS C 119 -39.75 1.99 33.34
C HIS C 119 -38.89 0.76 33.60
N VAL C 120 -37.83 0.61 32.84
CA VAL C 120 -36.88 -0.49 33.09
C VAL C 120 -35.78 0.03 34.00
N ILE C 121 -35.49 1.31 33.87
CA ILE C 121 -34.48 1.97 34.67
C ILE C 121 -35.17 3.11 35.39
N ALA C 122 -34.88 3.28 36.68
CA ALA C 122 -35.44 4.37 37.47
C ALA C 122 -34.88 5.71 37.06
N ALA C 123 -35.75 6.70 36.91
CA ALA C 123 -35.33 8.04 36.55
C ALA C 123 -34.11 8.57 37.32
N PRO C 124 -34.09 8.47 38.65
CA PRO C 124 -32.95 8.99 39.41
C PRO C 124 -31.59 8.41 38.99
N SER C 125 -31.58 7.20 38.44
CA SER C 125 -30.33 6.61 37.97
C SER C 125 -29.74 7.40 36.80
N MET C 126 -30.61 7.93 35.92
CA MET C 126 -30.11 8.68 34.78
C MET C 126 -29.78 10.12 35.18
N VAL C 127 -30.53 10.65 36.15
CA VAL C 127 -30.21 11.97 36.67
C VAL C 127 -28.80 11.93 37.26
N ALA C 128 -28.50 10.88 38.01
CA ALA C 128 -27.17 10.74 38.58
C ALA C 128 -26.12 10.62 37.48
N MET C 129 -26.38 9.78 36.50
CA MET C 129 -25.44 9.63 35.39
C MET C 129 -25.20 10.98 34.70
N PHE C 130 -26.27 11.71 34.40
CA PHE C 130 -26.12 12.99 33.73
C PHE C 130 -25.41 14.02 34.62
N GLU C 131 -25.58 13.90 35.94
CA GLU C 131 -24.84 14.77 36.86
C GLU C 131 -23.36 14.43 36.69
N ASN C 132 -23.05 13.15 36.64
CA ASN C 132 -21.67 12.73 36.45
C ASN C 132 -21.10 13.13 35.08
N PHE C 133 -21.95 13.14 34.06
CA PHE C 133 -21.51 13.57 32.73
C PHE C 133 -21.15 15.05 32.79
N VAL C 134 -22.04 15.84 33.39
CA VAL C 134 -21.83 17.27 33.42
C VAL C 134 -20.63 17.69 34.24
N SER C 135 -20.32 16.92 35.29
CA SER C 135 -19.17 17.23 36.11
C SER C 135 -17.87 17.11 35.32
N VAL C 136 -17.92 16.45 34.16
CA VAL C 136 -16.73 16.39 33.32
C VAL C 136 -16.36 17.80 32.88
N THR C 137 -17.35 18.68 32.73
CA THR C 137 -17.09 20.07 32.34
C THR C 137 -16.29 20.81 33.39
N GLN C 138 -16.25 20.26 34.59
CA GLN C 138 -15.51 20.89 35.68
C GLN C 138 -14.16 20.24 35.92
N GLU C 139 -13.84 19.20 35.15
CA GLU C 139 -12.53 18.59 35.28
C GLU C 139 -11.49 19.61 34.88
N GLU C 140 -10.26 19.43 35.36
CA GLU C 140 -9.21 20.39 35.05
C GLU C 140 -8.17 19.83 34.10
N ASP C 141 -7.69 20.68 33.20
CA ASP C 141 -6.68 20.31 32.23
C ASP C 141 -7.10 19.18 31.30
N VAL C 142 -8.32 19.25 30.79
CA VAL C 142 -8.79 18.27 29.81
C VAL C 142 -9.31 18.99 28.56
N PRO C 143 -9.24 18.34 27.40
CA PRO C 143 -9.64 18.97 26.15
C PRO C 143 -11.08 19.43 26.14
N GLN C 144 -11.39 20.49 25.39
CA GLN C 144 -12.77 20.93 25.27
C GLN C 144 -13.61 19.82 24.63
N VAL C 145 -13.01 19.11 23.67
CA VAL C 145 -13.75 18.04 22.97
C VAL C 145 -14.20 16.94 23.92
N ARG C 146 -13.47 16.78 25.02
CA ARG C 146 -13.84 15.77 26.02
C ARG C 146 -15.10 16.19 26.76
N ARG C 147 -15.08 17.42 27.26
CA ARG C 147 -16.21 17.98 27.99
C ARG C 147 -17.41 18.06 27.08
N ASP C 148 -17.17 18.48 25.84
CA ASP C 148 -18.24 18.58 24.85
C ASP C 148 -18.96 17.26 24.71
N TRP C 149 -18.20 16.18 24.53
CA TRP C 149 -18.85 14.91 24.27
C TRP C 149 -19.83 14.52 25.36
N TYR C 150 -19.42 14.65 26.62
CA TYR C 150 -20.27 14.28 27.73
C TYR C 150 -21.51 15.15 27.79
N VAL C 151 -21.36 16.42 27.45
CA VAL C 151 -22.48 17.33 27.43
C VAL C 151 -23.41 16.91 26.29
N TYR C 152 -22.83 16.68 25.11
CA TYR C 152 -23.63 16.26 23.95
C TYR C 152 -24.40 14.97 24.21
N ALA C 153 -23.74 13.99 24.84
CA ALA C 153 -24.40 12.72 25.11
C ALA C 153 -25.56 12.91 26.07
N PHE C 154 -25.44 13.90 26.94
CA PHE C 154 -26.50 14.21 27.90
C PHE C 154 -27.63 14.95 27.18
N LEU C 155 -27.33 16.11 26.59
CA LEU C 155 -28.37 16.89 25.91
C LEU C 155 -29.08 16.13 24.81
N SER C 156 -28.35 15.37 24.01
CA SER C 156 -28.96 14.64 22.90
C SER C 156 -29.88 13.53 23.38
N SER C 157 -29.87 13.25 24.67
CA SER C 157 -30.74 12.22 25.21
C SER C 157 -32.10 12.78 25.64
N LEU C 158 -32.16 14.09 25.84
CA LEU C 158 -33.35 14.73 26.37
C LEU C 158 -34.62 14.59 25.50
N PRO C 159 -34.50 14.64 24.17
CA PRO C 159 -35.70 14.49 23.35
C PRO C 159 -36.45 13.23 23.74
N TRP C 160 -35.73 12.18 24.12
CA TRP C 160 -36.39 10.95 24.52
C TRP C 160 -36.82 10.89 25.99
N VAL C 161 -35.94 11.30 26.89
CA VAL C 161 -36.16 11.09 28.32
C VAL C 161 -36.37 12.38 29.11
N GLY C 162 -36.21 13.53 28.45
CA GLY C 162 -36.28 14.83 29.11
C GLY C 162 -37.54 15.09 29.94
N LYS C 163 -38.69 14.70 29.42
CA LYS C 163 -39.94 14.91 30.13
C LYS C 163 -39.98 14.11 31.42
N GLU C 164 -39.74 12.81 31.31
CA GLU C 164 -39.77 11.96 32.49
C GLU C 164 -38.82 12.44 33.59
N LEU C 165 -37.58 12.79 33.24
CA LEU C 165 -36.62 13.26 34.24
C LEU C 165 -37.06 14.54 34.94
N TYR C 166 -37.59 15.51 34.19
CA TYR C 166 -38.01 16.77 34.77
C TYR C 166 -39.24 16.57 35.64
N GLU C 167 -40.03 15.56 35.29
CA GLU C 167 -41.24 15.29 36.04
C GLU C 167 -40.93 14.65 37.38
N LYS C 168 -39.86 13.85 37.43
CA LYS C 168 -39.46 13.19 38.66
C LYS C 168 -38.44 14.00 39.48
N LYS C 169 -37.57 14.72 38.80
CA LYS C 169 -36.52 15.44 39.49
C LYS C 169 -36.24 16.82 38.92
N ASP C 170 -37.30 17.59 38.69
CA ASP C 170 -37.16 18.92 38.10
C ASP C 170 -36.08 19.79 38.75
N ALA C 171 -36.02 19.78 40.08
CA ALA C 171 -35.07 20.62 40.80
C ALA C 171 -33.64 20.19 40.54
N GLU C 172 -33.42 18.88 40.55
CA GLU C 172 -32.10 18.33 40.30
C GLU C 172 -31.70 18.59 38.84
N MET C 173 -32.67 18.46 37.94
CA MET C 173 -32.43 18.72 36.53
C MET C 173 -32.04 20.18 36.29
N ASP C 174 -32.74 21.10 36.95
CA ASP C 174 -32.44 22.52 36.80
C ASP C 174 -31.00 22.83 37.20
N ARG C 175 -30.49 22.13 38.20
CA ARG C 175 -29.11 22.34 38.64
C ARG C 175 -28.12 21.86 37.57
N ILE C 176 -28.46 20.74 36.93
CA ILE C 176 -27.63 20.21 35.86
C ILE C 176 -27.63 21.18 34.69
N PHE C 177 -28.81 21.64 34.30
CA PHE C 177 -28.94 22.59 33.19
C PHE C 177 -28.14 23.86 33.44
N ALA C 178 -28.23 24.38 34.66
CA ALA C 178 -27.51 25.60 35.01
C ALA C 178 -26.02 25.37 34.83
N ASN C 179 -25.54 24.24 35.33
CA ASN C 179 -24.13 23.91 35.17
C ASN C 179 -23.77 23.73 33.70
N THR C 180 -24.69 23.14 32.94
CA THR C 180 -24.47 22.90 31.51
C THR C 180 -24.35 24.24 30.78
N GLU C 181 -25.24 25.15 31.10
CA GLU C 181 -25.22 26.48 30.46
C GLU C 181 -23.97 27.29 30.77
N SER C 182 -23.50 27.26 32.00
CA SER C 182 -22.30 28.01 32.33
C SER C 182 -21.11 27.44 31.55
N TYR C 183 -21.10 26.13 31.35
CA TYR C 183 -20.06 25.53 30.53
C TYR C 183 -20.16 25.98 29.07
N LEU C 184 -21.35 25.85 28.49
CA LEU C 184 -21.56 26.20 27.08
C LEU C 184 -21.23 27.66 26.80
N LYS C 185 -21.29 28.48 27.83
CA LYS C 185 -21.01 29.90 27.67
C LYS C 185 -19.53 30.18 27.58
N ARG C 186 -18.70 29.32 28.16
CA ARG C 186 -17.26 29.57 28.12
C ARG C 186 -16.46 28.74 27.12
N ARG C 187 -17.14 27.91 26.34
CA ARG C 187 -16.45 27.12 25.32
C ARG C 187 -15.83 28.03 24.27
N GLN C 188 -14.63 27.70 23.83
CA GLN C 188 -14.02 28.47 22.74
C GLN C 188 -14.66 28.04 21.42
N LYS C 189 -14.65 28.95 20.44
CA LYS C 189 -15.29 28.69 19.16
C LYS C 189 -14.33 28.81 17.99
N THR C 190 -13.05 28.62 18.28
CA THR C 190 -12.01 28.77 17.29
C THR C 190 -12.20 27.88 16.05
N HIS C 191 -12.79 26.70 16.26
CA HIS C 191 -12.98 25.72 15.19
C HIS C 191 -14.06 26.06 14.18
N VAL C 192 -15.01 26.91 14.61
CA VAL C 192 -16.19 27.21 13.79
C VAL C 192 -15.94 27.57 12.34
N PRO C 193 -15.16 28.62 12.09
CA PRO C 193 -14.92 29.07 10.72
C PRO C 193 -14.28 27.99 9.83
N MET C 194 -13.58 27.04 10.44
CA MET C 194 -12.94 25.99 9.65
C MET C 194 -13.94 24.89 9.30
N LEU C 195 -15.07 24.87 9.99
CA LEU C 195 -16.06 23.80 9.79
C LEU C 195 -17.37 24.22 9.13
N GLN C 196 -17.60 25.52 8.98
CA GLN C 196 -18.86 25.97 8.39
C GLN C 196 -18.87 25.78 6.87
N VAL C 197 -19.99 25.30 6.36
CA VAL C 197 -20.15 25.17 4.91
C VAL C 197 -20.26 26.57 4.29
N TRP C 198 -20.93 27.48 5.00
CA TRP C 198 -21.06 28.88 4.57
C TRP C 198 -20.74 29.78 5.75
N THR C 199 -20.11 30.92 5.50
CA THR C 199 -19.86 31.85 6.60
C THR C 199 -20.98 32.89 6.75
N ALA C 200 -21.75 33.08 5.69
CA ALA C 200 -22.85 34.03 5.73
C ALA C 200 -23.86 33.65 6.80
N ASP C 201 -24.49 34.66 7.39
CA ASP C 201 -25.46 34.43 8.44
C ASP C 201 -26.83 34.19 7.87
N LYS C 202 -27.07 34.74 6.68
CA LYS C 202 -28.36 34.60 6.04
C LYS C 202 -28.21 33.80 4.76
N PRO C 203 -29.25 33.07 4.39
CA PRO C 203 -30.49 33.00 5.18
C PRO C 203 -30.39 32.08 6.40
N HIS C 204 -29.43 31.16 6.44
CA HIS C 204 -29.34 30.23 7.57
C HIS C 204 -27.94 30.23 8.17
N PRO C 205 -27.85 30.60 9.43
CA PRO C 205 -26.55 30.55 10.12
C PRO C 205 -26.13 29.09 10.27
N GLN C 206 -24.85 28.81 10.09
CA GLN C 206 -24.34 27.45 10.27
C GLN C 206 -23.85 27.41 11.71
N GLU C 207 -24.66 26.84 12.58
CA GLU C 207 -24.39 26.92 14.01
C GLU C 207 -23.51 25.80 14.55
N GLU C 208 -22.66 26.18 15.50
CA GLU C 208 -21.85 25.24 16.25
C GLU C 208 -22.83 24.24 16.87
N TYR C 209 -22.51 22.96 16.78
CA TYR C 209 -23.44 21.91 17.15
C TYR C 209 -24.00 21.94 18.57
N LEU C 210 -23.19 22.34 19.54
CA LEU C 210 -23.67 22.41 20.92
C LEU C 210 -24.56 23.63 21.15
N ASP C 211 -24.18 24.77 20.59
CA ASP C 211 -25.02 25.95 20.70
C ASP C 211 -26.38 25.62 20.13
N CYS C 212 -26.37 24.92 19.01
CA CYS C 212 -27.62 24.56 18.35
C CYS C 212 -28.42 23.54 19.15
N LEU C 213 -27.77 22.54 19.70
CA LEU C 213 -28.49 21.56 20.50
C LEU C 213 -29.04 22.20 21.78
N TRP C 214 -28.25 23.08 22.38
CA TRP C 214 -28.68 23.77 23.59
C TRP C 214 -30.00 24.52 23.32
N ALA C 215 -30.04 25.25 22.20
CA ALA C 215 -31.26 25.99 21.84
C ALA C 215 -32.43 25.04 21.63
N GLN C 216 -32.18 23.92 20.96
CA GLN C 216 -33.26 22.96 20.73
C GLN C 216 -33.84 22.46 22.05
N ILE C 217 -32.96 22.22 23.02
CA ILE C 217 -33.39 21.74 24.31
C ILE C 217 -34.16 22.81 25.08
N GLN C 218 -33.71 24.06 24.97
CA GLN C 218 -34.41 25.17 25.61
C GLN C 218 -35.83 25.28 25.08
N LYS C 219 -35.99 25.21 23.76
CA LYS C 219 -37.33 25.25 23.18
C LYS C 219 -38.13 24.04 23.66
N LEU C 220 -37.46 22.89 23.80
CA LEU C 220 -38.14 21.71 24.27
C LEU C 220 -38.59 21.93 25.72
N LYS C 221 -37.75 22.59 26.50
CA LYS C 221 -38.05 22.86 27.90
C LYS C 221 -39.24 23.81 28.00
N LYS C 222 -39.18 24.88 27.21
CA LYS C 222 -40.25 25.86 27.17
C LYS C 222 -41.56 25.21 26.77
N ASP C 223 -41.48 24.17 25.95
CA ASP C 223 -42.69 23.44 25.51
C ASP C 223 -43.09 22.36 26.51
N ARG C 224 -42.60 22.48 27.75
CA ARG C 224 -42.92 21.48 28.78
C ARG C 224 -42.44 20.08 28.39
N TRP C 225 -41.33 20.00 27.66
CA TRP C 225 -40.76 18.70 27.28
C TRP C 225 -41.65 17.85 26.40
N GLN C 226 -42.47 18.49 25.60
CA GLN C 226 -43.32 17.75 24.66
C GLN C 226 -42.74 17.91 23.25
N GLU C 227 -42.77 16.84 22.47
CA GLU C 227 -42.28 16.89 21.10
C GLU C 227 -43.18 16.06 20.21
N ARG C 228 -43.24 16.42 18.93
CA ARG C 228 -44.20 15.81 18.01
C ARG C 228 -43.67 14.78 17.04
N HIS C 229 -42.47 14.27 17.25
CA HIS C 229 -41.90 13.35 16.25
C HIS C 229 -41.64 11.90 16.67
N ILE C 230 -41.00 11.72 17.83
CA ILE C 230 -40.58 10.39 18.24
C ILE C 230 -41.68 9.36 18.39
N LEU C 231 -41.51 8.22 17.74
CA LEU C 231 -42.46 7.12 17.89
C LEU C 231 -42.07 6.32 19.11
N ARG C 232 -43.04 6.09 19.99
CA ARG C 232 -42.77 5.40 21.24
C ARG C 232 -43.73 4.23 21.43
N PRO C 233 -43.37 3.09 20.87
CA PRO C 233 -44.20 1.88 20.91
C PRO C 233 -44.57 1.47 22.34
N TYR C 234 -43.74 1.81 23.30
CA TYR C 234 -44.02 1.40 24.66
C TYR C 234 -45.30 2.02 25.24
N LEU C 235 -45.74 3.14 24.66
CA LEU C 235 -46.94 3.79 25.16
C LEU C 235 -48.18 2.90 25.02
N ALA C 236 -48.10 1.90 24.15
CA ALA C 236 -49.22 0.98 23.97
C ALA C 236 -49.26 -0.06 25.08
N PHE C 237 -48.14 -0.24 25.76
CA PHE C 237 -48.03 -1.23 26.80
C PHE C 237 -48.00 -0.57 28.18
N ASP C 238 -48.72 0.54 28.31
CA ASP C 238 -48.79 1.28 29.57
C ASP C 238 -49.16 0.43 30.80
N SER C 239 -50.04 -0.54 30.64
CA SER C 239 -50.45 -1.35 31.79
C SER C 239 -49.47 -2.46 32.11
N ILE C 240 -48.59 -2.76 31.16
CA ILE C 240 -47.58 -3.78 31.40
C ILE C 240 -46.30 -3.14 31.94
N LEU C 241 -45.87 -2.05 31.33
CA LEU C 241 -44.64 -1.38 31.76
C LEU C 241 -44.88 -0.38 32.87
N CYS C 242 -44.73 -0.82 34.11
CA CYS C 242 -44.96 0.06 35.25
C CYS C 242 -43.69 0.34 36.05
N GLU C 243 -43.75 1.37 36.88
CA GLU C 243 -42.62 1.79 37.70
C GLU C 243 -42.11 0.71 38.64
N ALA C 244 -42.98 -0.22 39.04
CA ALA C 244 -42.57 -1.27 39.96
C ALA C 244 -41.53 -2.19 39.33
N LEU C 245 -41.36 -2.07 38.02
CA LEU C 245 -40.41 -2.90 37.29
C LEU C 245 -39.05 -2.21 37.11
N GLN C 246 -38.91 -1.01 37.65
CA GLN C 246 -37.67 -0.23 37.54
C GLN C 246 -36.44 -0.93 38.15
N HIS C 247 -35.27 -0.62 37.60
CA HIS C 247 -34.02 -1.08 38.16
C HIS C 247 -33.19 0.14 38.49
N ASN C 248 -32.30 -0.02 39.48
CA ASN C 248 -31.35 1.01 39.83
C ASN C 248 -30.06 0.71 39.07
N LEU C 249 -29.45 1.73 38.50
CA LEU C 249 -28.21 1.51 37.75
C LEU C 249 -27.01 1.38 38.68
N PRO C 250 -26.11 0.47 38.35
CA PRO C 250 -24.82 0.38 39.04
C PRO C 250 -24.10 1.70 38.79
N PRO C 251 -23.18 2.04 39.68
CA PRO C 251 -22.42 3.30 39.56
C PRO C 251 -21.68 3.42 38.25
N PHE C 252 -21.60 4.64 37.74
CA PHE C 252 -20.85 4.89 36.54
C PHE C 252 -20.19 6.25 36.62
N THR C 253 -18.87 6.26 36.52
CA THR C 253 -18.14 7.50 36.49
C THR C 253 -17.35 7.52 35.18
N PRO C 254 -17.48 8.61 34.43
CA PRO C 254 -16.74 8.76 33.18
C PRO C 254 -15.26 8.50 33.38
N PRO C 255 -14.71 7.53 32.66
CA PRO C 255 -13.28 7.23 32.76
C PRO C 255 -12.45 8.49 32.58
N PRO C 256 -11.37 8.59 33.36
CA PRO C 256 -10.47 9.74 33.31
C PRO C 256 -9.86 9.92 31.94
N HIS C 257 -9.56 11.17 31.63
CA HIS C 257 -8.90 11.52 30.38
C HIS C 257 -7.49 10.93 30.37
N THR C 258 -7.07 10.37 29.23
CA THR C 258 -5.70 9.86 29.08
C THR C 258 -5.08 10.31 27.76
N GLU C 259 -3.80 10.02 27.60
CA GLU C 259 -3.05 10.38 26.41
C GLU C 259 -3.66 9.74 25.17
N ASP C 260 -4.04 8.47 25.31
CA ASP C 260 -4.61 7.73 24.20
C ASP C 260 -6.10 8.04 23.97
N SER C 261 -6.65 8.96 24.77
CA SER C 261 -8.06 9.33 24.63
C SER C 261 -8.27 10.14 23.35
N VAL C 262 -9.20 9.69 22.51
CA VAL C 262 -9.55 10.38 21.27
C VAL C 262 -11.04 10.72 21.24
N TYR C 263 -11.35 12.01 21.24
CA TYR C 263 -12.73 12.49 21.26
C TYR C 263 -13.15 12.96 19.87
N PRO C 264 -14.45 12.93 19.60
CA PRO C 264 -14.95 13.42 18.31
C PRO C 264 -14.63 14.88 18.13
N MET C 265 -14.39 15.27 16.89
CA MET C 265 -14.23 16.68 16.57
C MET C 265 -15.57 17.41 16.74
N PRO C 266 -15.53 18.70 16.98
CA PRO C 266 -16.76 19.48 17.07
C PRO C 266 -17.41 19.47 15.70
N ARG C 267 -18.67 19.87 15.62
CA ARG C 267 -19.38 19.92 14.34
C ARG C 267 -20.12 21.23 14.19
N VAL C 268 -20.50 21.53 12.96
CA VAL C 268 -21.32 22.69 12.68
C VAL C 268 -22.53 22.11 11.97
N ILE C 269 -23.72 22.52 12.40
CA ILE C 269 -24.95 22.01 11.82
C ILE C 269 -25.17 22.59 10.43
N PHE C 270 -25.34 21.71 9.47
CA PHE C 270 -25.61 22.12 8.09
C PHE C 270 -27.08 22.49 8.02
N ARG C 271 -27.37 23.65 7.43
CA ARG C 271 -28.75 24.12 7.37
C ARG C 271 -28.98 24.90 6.07
N MET C 272 -29.93 24.44 5.27
CA MET C 272 -30.23 25.09 4.01
C MET C 272 -31.74 25.29 3.80
N PHE C 273 -32.54 24.49 4.50
CA PHE C 273 -33.99 24.53 4.36
C PHE C 273 -34.76 25.08 5.57
N ASP C 274 -35.95 25.60 5.31
CA ASP C 274 -36.90 25.98 6.37
C ASP C 274 -38.30 25.84 5.82
N TYR C 275 -39.29 26.20 6.63
CA TYR C 275 -40.70 26.06 6.26
C TYR C 275 -41.05 26.77 4.94
N THR C 276 -40.48 27.95 4.73
CA THR C 276 -40.79 28.73 3.53
C THR C 276 -40.40 28.04 2.21
N ASP C 277 -39.64 26.95 2.27
CA ASP C 277 -39.19 26.28 1.05
C ASP C 277 -40.17 25.20 0.59
N ASP C 278 -41.13 24.84 1.46
CA ASP C 278 -42.16 23.86 1.11
C ASP C 278 -43.53 24.37 1.59
N PRO C 279 -43.96 25.51 1.06
CA PRO C 279 -45.18 26.20 1.53
C PRO C 279 -46.45 25.35 1.49
N GLU C 280 -46.56 24.43 0.54
CA GLU C 280 -47.76 23.61 0.44
C GLU C 280 -47.58 22.16 0.89
N GLY C 281 -46.52 21.89 1.65
CA GLY C 281 -46.30 20.57 2.21
C GLY C 281 -46.38 20.62 3.73
N PRO C 282 -46.33 19.46 4.38
CA PRO C 282 -46.31 19.43 5.84
C PRO C 282 -45.29 20.45 6.32
N VAL C 283 -45.63 21.22 7.35
CA VAL C 283 -44.71 22.24 7.82
C VAL C 283 -43.43 21.61 8.35
N MET C 284 -42.31 22.26 8.05
CA MET C 284 -41.01 21.75 8.43
C MET C 284 -40.63 22.17 9.83
N PRO C 285 -40.35 21.18 10.68
CA PRO C 285 -39.90 21.46 12.04
C PRO C 285 -38.78 22.48 11.96
N GLY C 286 -38.81 23.47 12.83
CA GLY C 286 -37.82 24.53 12.80
C GLY C 286 -36.41 24.06 13.09
N SER C 287 -35.46 24.96 12.86
CA SER C 287 -34.05 24.69 13.07
C SER C 287 -33.69 24.50 14.54
N HIS C 288 -34.51 25.09 15.41
CA HIS C 288 -34.27 24.99 16.84
C HIS C 288 -35.28 24.13 17.56
N SER C 289 -35.88 23.20 16.83
CA SER C 289 -36.78 22.23 17.42
C SER C 289 -36.04 20.91 17.54
N VAL C 290 -36.40 20.11 18.53
CA VAL C 290 -35.74 18.84 18.71
C VAL C 290 -36.23 17.88 17.67
N GLU C 291 -37.34 18.22 17.02
CA GLU C 291 -37.86 17.39 15.95
C GLU C 291 -36.87 17.37 14.79
N ARG C 292 -36.34 18.53 14.44
CA ARG C 292 -35.35 18.66 13.38
C ARG C 292 -34.08 17.86 13.73
N PHE C 293 -33.64 17.98 14.98
CA PHE C 293 -32.48 17.22 15.42
C PHE C 293 -32.72 15.71 15.28
N VAL C 294 -33.84 15.23 15.81
CA VAL C 294 -34.09 13.80 15.82
C VAL C 294 -34.25 13.24 14.42
N ILE C 295 -35.01 13.94 13.59
CA ILE C 295 -35.22 13.51 12.21
C ILE C 295 -33.88 13.36 11.49
N GLU C 296 -33.05 14.38 11.60
CA GLU C 296 -31.79 14.41 10.91
C GLU C 296 -30.84 13.33 11.48
N GLU C 297 -30.85 13.17 12.81
CA GLU C 297 -30.06 12.15 13.48
C GLU C 297 -30.47 10.78 12.97
N ASN C 298 -31.76 10.50 12.93
CA ASN C 298 -32.23 9.21 12.46
C ASN C 298 -31.88 8.91 10.99
N LEU C 299 -32.06 9.89 10.13
CA LEU C 299 -31.77 9.74 8.71
C LEU C 299 -30.26 9.50 8.48
N HIS C 300 -29.42 10.22 9.21
CA HIS C 300 -27.99 10.00 9.13
C HIS C 300 -27.68 8.57 9.54
N CYS C 301 -28.37 8.11 10.57
CA CYS C 301 -28.14 6.76 11.09
C CYS C 301 -28.63 5.69 10.15
N ILE C 302 -29.75 5.96 9.48
CA ILE C 302 -30.25 5.06 8.47
C ILE C 302 -29.20 4.98 7.32
N ILE C 303 -28.68 6.12 6.88
CA ILE C 303 -27.64 6.08 5.82
C ILE C 303 -26.44 5.27 6.32
N LYS C 304 -26.04 5.51 7.57
CA LYS C 304 -24.94 4.77 8.16
C LYS C 304 -25.20 3.27 8.13
N SER C 305 -26.43 2.87 8.43
CA SER C 305 -26.81 1.47 8.40
C SER C 305 -26.84 0.83 7.01
N HIS C 306 -27.14 1.61 5.96
CA HIS C 306 -27.33 1.00 4.64
C HIS C 306 -26.55 1.62 3.49
N TRP C 307 -25.50 2.38 3.79
CA TRP C 307 -24.75 3.08 2.76
C TRP C 307 -24.18 2.20 1.65
N LYS C 308 -23.88 0.94 1.94
CA LYS C 308 -23.34 0.03 0.91
C LYS C 308 -24.36 -0.36 -0.17
N GLU C 309 -25.64 -0.42 0.20
CA GLU C 309 -26.69 -0.81 -0.75
C GLU C 309 -27.55 0.38 -1.06
N ARG C 310 -27.32 1.02 -2.18
CA ARG C 310 -28.06 2.21 -2.47
C ARG C 310 -29.57 2.01 -2.61
N LYS C 311 -30.01 0.83 -3.05
CA LYS C 311 -31.45 0.57 -3.24
C LYS C 311 -32.12 0.47 -1.87
N THR C 312 -31.49 -0.29 -0.99
CA THR C 312 -31.99 -0.46 0.36
C THR C 312 -31.96 0.87 1.11
N CYS C 313 -30.87 1.60 0.94
CA CYS C 313 -30.70 2.88 1.63
C CYS C 313 -31.78 3.89 1.22
N ALA C 314 -32.05 3.97 -0.07
CA ALA C 314 -33.10 4.85 -0.59
C ALA C 314 -34.49 4.46 -0.02
N ALA C 315 -34.82 3.18 -0.07
CA ALA C 315 -36.10 2.71 0.43
C ALA C 315 -36.25 3.00 1.90
N GLN C 316 -35.19 2.80 2.67
CA GLN C 316 -35.24 3.02 4.11
C GLN C 316 -35.47 4.48 4.43
N LEU C 317 -34.88 5.36 3.62
CA LEU C 317 -35.03 6.79 3.84
C LEU C 317 -36.46 7.24 3.51
N VAL C 318 -36.97 6.81 2.36
CA VAL C 318 -38.31 7.20 1.92
C VAL C 318 -39.39 6.69 2.87
N SER C 319 -39.18 5.50 3.44
CA SER C 319 -40.12 4.90 4.37
C SER C 319 -39.91 5.28 5.84
N TYR C 320 -39.15 6.35 6.08
CA TYR C 320 -38.89 6.80 7.44
C TYR C 320 -40.19 7.23 8.13
N PRO C 321 -40.55 6.55 9.22
CA PRO C 321 -41.79 6.88 9.95
C PRO C 321 -41.60 8.01 10.96
N GLY C 322 -42.70 8.67 11.31
CA GLY C 322 -42.72 9.73 12.30
C GLY C 322 -44.10 9.83 12.95
N LYS C 323 -44.16 10.51 14.09
CA LYS C 323 -45.40 10.65 14.84
C LYS C 323 -46.38 11.47 14.00
N ASN C 324 -45.87 12.60 13.49
CA ASN C 324 -46.63 13.51 12.65
C ASN C 324 -46.02 13.61 11.27
N LYS C 325 -46.75 14.24 10.34
CA LYS C 325 -46.28 14.44 8.98
C LYS C 325 -45.12 15.42 8.91
N ILE C 326 -44.20 15.16 7.99
CA ILE C 326 -43.06 16.04 7.77
C ILE C 326 -42.69 16.04 6.27
N PRO C 327 -42.05 17.10 5.82
CA PRO C 327 -41.64 17.20 4.41
C PRO C 327 -40.41 16.32 4.25
N LEU C 328 -40.63 15.01 4.29
CA LEU C 328 -39.57 14.04 4.28
C LEU C 328 -38.56 14.25 3.15
N ASN C 329 -39.06 14.51 1.94
CA ASN C 329 -38.20 14.69 0.79
C ASN C 329 -37.21 15.78 1.03
N TYR C 330 -37.66 16.83 1.68
CA TYR C 330 -36.75 17.91 1.99
C TYR C 330 -35.72 17.48 3.04
N HIS C 331 -36.15 16.73 4.04
CA HIS C 331 -35.24 16.32 5.10
C HIS C 331 -34.14 15.38 4.54
N ILE C 332 -34.57 14.41 3.74
CA ILE C 332 -33.68 13.48 3.08
C ILE C 332 -32.65 14.20 2.25
N VAL C 333 -33.10 15.12 1.39
CA VAL C 333 -32.18 15.84 0.53
C VAL C 333 -31.22 16.67 1.36
N GLU C 334 -31.73 17.27 2.44
CA GLU C 334 -30.89 18.13 3.27
C GLU C 334 -29.84 17.30 4.04
N VAL C 335 -30.23 16.11 4.47
CA VAL C 335 -29.34 15.25 5.26
C VAL C 335 -28.22 14.75 4.32
N ILE C 336 -28.59 14.51 3.07
CA ILE C 336 -27.63 14.06 2.08
C ILE C 336 -26.58 15.10 1.82
N PHE C 337 -26.98 16.34 1.57
CA PHE C 337 -26.00 17.42 1.38
C PHE C 337 -25.23 17.76 2.65
N ALA C 338 -25.86 17.58 3.81
CA ALA C 338 -25.19 17.82 5.09
C ALA C 338 -23.97 16.89 5.16
N GLU C 339 -24.18 15.62 4.81
CA GLU C 339 -23.12 14.64 4.77
C GLU C 339 -22.10 14.97 3.68
N LEU C 340 -22.57 15.21 2.44
CA LEU C 340 -21.66 15.51 1.34
C LEU C 340 -20.79 16.70 1.63
N PHE C 341 -21.36 17.73 2.25
CA PHE C 341 -20.64 18.95 2.51
C PHE C 341 -19.99 19.00 3.90
N GLN C 342 -20.14 17.96 4.70
CA GLN C 342 -19.55 17.92 6.02
C GLN C 342 -18.04 18.15 6.01
N LEU C 343 -17.58 19.01 6.92
CA LEU C 343 -16.18 19.25 7.10
C LEU C 343 -15.80 18.67 8.45
N PRO C 344 -14.64 18.03 8.54
CA PRO C 344 -13.69 17.87 7.43
C PRO C 344 -14.11 17.01 6.24
N ALA C 345 -14.79 15.90 6.47
CA ALA C 345 -15.12 14.97 5.40
C ALA C 345 -16.47 14.33 5.61
N PRO C 346 -17.08 13.90 4.52
CA PRO C 346 -18.35 13.20 4.58
C PRO C 346 -18.13 11.91 5.33
N PRO C 347 -19.20 11.37 5.91
CA PRO C 347 -19.15 10.06 6.56
C PRO C 347 -18.85 8.94 5.57
N HIS C 348 -19.25 9.10 4.31
CA HIS C 348 -19.07 8.03 3.32
C HIS C 348 -18.48 8.61 2.05
N ILE C 349 -17.99 7.74 1.17
CA ILE C 349 -17.37 8.17 -0.08
C ILE C 349 -18.34 9.04 -0.91
N ASP C 350 -17.82 10.14 -1.47
CA ASP C 350 -18.63 11.16 -2.11
C ASP C 350 -19.62 10.66 -3.16
N VAL C 351 -19.13 9.76 -4.00
CA VAL C 351 -19.92 9.24 -5.08
C VAL C 351 -21.20 8.54 -4.61
N MET C 352 -21.18 7.95 -3.41
CA MET C 352 -22.37 7.29 -2.89
C MET C 352 -23.59 8.21 -2.90
N TYR C 353 -23.37 9.47 -2.52
CA TYR C 353 -24.43 10.45 -2.42
C TYR C 353 -25.02 10.72 -3.78
N THR C 354 -24.17 10.76 -4.79
CA THR C 354 -24.61 11.01 -6.13
C THR C 354 -25.60 9.95 -6.55
N THR C 355 -25.22 8.69 -6.38
CA THR C 355 -26.09 7.61 -6.80
C THR C 355 -27.31 7.38 -5.89
N LEU C 356 -27.18 7.75 -4.61
CA LEU C 356 -28.30 7.63 -3.68
C LEU C 356 -29.42 8.56 -4.14
N LEU C 357 -29.07 9.79 -4.49
CA LEU C 357 -30.04 10.76 -4.95
C LEU C 357 -30.73 10.28 -6.23
N ILE C 358 -29.96 9.62 -7.10
CA ILE C 358 -30.54 9.02 -8.29
C ILE C 358 -31.56 7.93 -7.93
N GLU C 359 -31.21 7.06 -6.98
CA GLU C 359 -32.13 6.01 -6.56
C GLU C 359 -33.38 6.62 -5.96
N LEU C 360 -33.19 7.68 -5.19
CA LEU C 360 -34.30 8.37 -4.54
C LEU C 360 -35.24 8.95 -5.60
N CYS C 361 -34.65 9.51 -6.65
CA CYS C 361 -35.41 10.06 -7.75
C CYS C 361 -36.31 9.00 -8.38
N LYS C 362 -35.83 7.77 -8.47
CA LYS C 362 -36.63 6.69 -9.03
C LYS C 362 -37.81 6.34 -8.13
N LEU C 363 -37.58 6.39 -6.83
CA LEU C 363 -38.62 6.05 -5.88
C LEU C 363 -39.67 7.12 -5.71
N GLN C 364 -39.30 8.37 -5.96
CA GLN C 364 -40.23 9.48 -5.84
C GLN C 364 -40.15 10.34 -7.08
N PRO C 365 -40.51 9.75 -8.22
CA PRO C 365 -40.38 10.37 -9.55
C PRO C 365 -40.97 11.77 -9.74
N GLY C 366 -42.02 12.11 -9.02
CA GLY C 366 -42.66 13.39 -9.25
C GLY C 366 -42.46 14.45 -8.18
N SER C 367 -41.66 14.15 -7.17
CA SER C 367 -41.45 15.13 -6.11
C SER C 367 -39.99 15.34 -5.77
N LEU C 368 -39.20 14.27 -5.71
CA LEU C 368 -37.80 14.37 -5.30
C LEU C 368 -37.02 15.26 -6.28
N PRO C 369 -37.18 15.01 -7.57
CA PRO C 369 -36.50 15.80 -8.60
C PRO C 369 -36.75 17.28 -8.47
N GLN C 370 -37.95 17.69 -8.05
CA GLN C 370 -38.23 19.12 -7.86
C GLN C 370 -37.42 19.62 -6.67
N VAL C 371 -37.51 18.90 -5.57
CA VAL C 371 -36.77 19.26 -4.37
C VAL C 371 -35.28 19.36 -4.67
N LEU C 372 -34.75 18.34 -5.34
CA LEU C 372 -33.34 18.32 -5.71
C LEU C 372 -33.01 19.52 -6.60
N ALA C 373 -33.91 19.86 -7.53
CA ALA C 373 -33.65 20.99 -8.41
C ALA C 373 -33.70 22.29 -7.63
N GLN C 374 -34.62 22.37 -6.68
CA GLN C 374 -34.71 23.54 -5.81
C GLN C 374 -33.45 23.65 -4.93
N ALA C 375 -33.02 22.54 -4.38
CA ALA C 375 -31.80 22.54 -3.58
C ALA C 375 -30.63 23.07 -4.38
N THR C 376 -30.50 22.60 -5.61
CA THR C 376 -29.40 23.00 -6.48
C THR C 376 -29.37 24.50 -6.69
N GLU C 377 -30.54 25.08 -7.00
CA GLU C 377 -30.67 26.51 -7.21
C GLU C 377 -30.23 27.26 -5.97
N MET C 378 -30.69 26.77 -4.82
CA MET C 378 -30.35 27.40 -3.53
C MET C 378 -28.86 27.32 -3.27
N LEU C 379 -28.25 26.16 -3.52
CA LEU C 379 -26.80 26.04 -3.33
C LEU C 379 -26.08 27.00 -4.26
N TYR C 380 -26.54 27.06 -5.51
CA TYR C 380 -25.92 27.98 -6.44
C TYR C 380 -25.99 29.40 -5.91
N MET C 381 -27.18 29.83 -5.49
CA MET C 381 -27.34 31.22 -5.07
C MET C 381 -26.56 31.56 -3.81
N ARG C 382 -26.18 30.53 -3.03
CA ARG C 382 -25.44 30.78 -1.80
C ARG C 382 -23.93 30.58 -1.93
N LEU C 383 -23.47 30.35 -3.17
CA LEU C 383 -22.06 30.06 -3.44
C LEU C 383 -21.06 31.07 -2.94
N ASP C 384 -21.49 32.32 -2.82
CA ASP C 384 -20.59 33.40 -2.46
C ASP C 384 -19.77 33.17 -1.19
N THR C 385 -20.35 32.55 -0.17
CA THR C 385 -19.56 32.25 1.03
C THR C 385 -19.35 30.75 1.25
N MET C 386 -19.63 29.93 0.24
CA MET C 386 -19.44 28.49 0.41
C MET C 386 -17.96 28.16 0.53
N ASN C 387 -17.61 27.29 1.47
CA ASN C 387 -16.21 26.92 1.60
C ASN C 387 -15.72 26.15 0.37
N THR C 388 -14.54 26.52 -0.10
CA THR C 388 -13.92 25.93 -1.27
C THR C 388 -13.99 24.40 -1.27
N THR C 389 -13.78 23.78 -0.12
CA THR C 389 -13.80 22.34 -0.10
C THR C 389 -15.18 21.81 -0.46
N CYS C 390 -16.22 22.48 0.02
CA CYS C 390 -17.59 22.07 -0.27
C CYS C 390 -17.94 22.39 -1.73
N VAL C 391 -17.43 23.50 -2.24
CA VAL C 391 -17.68 23.90 -3.64
C VAL C 391 -17.14 22.85 -4.60
N ASP C 392 -15.96 22.31 -4.31
CA ASP C 392 -15.42 21.23 -5.14
C ASP C 392 -16.40 20.05 -5.20
N ARG C 393 -16.93 19.66 -4.05
CA ARG C 393 -17.85 18.54 -4.00
C ARG C 393 -19.16 18.86 -4.71
N PHE C 394 -19.61 20.10 -4.58
CA PHE C 394 -20.81 20.59 -5.27
C PHE C 394 -20.58 20.42 -6.77
N ILE C 395 -19.45 20.92 -7.25
CA ILE C 395 -19.09 20.83 -8.66
C ILE C 395 -19.09 19.38 -9.12
N ASN C 396 -18.41 18.53 -8.37
CA ASN C 396 -18.32 17.13 -8.75
C ASN C 396 -19.64 16.39 -8.70
N TRP C 397 -20.45 16.64 -7.67
CA TRP C 397 -21.75 16.02 -7.60
C TRP C 397 -22.63 16.47 -8.78
N PHE C 398 -22.72 17.80 -8.96
CA PHE C 398 -23.64 18.39 -9.95
C PHE C 398 -23.35 18.00 -11.40
N SER C 399 -22.07 18.03 -11.76
CA SER C 399 -21.68 17.64 -13.09
C SER C 399 -21.98 16.16 -13.33
N HIS C 400 -21.72 15.34 -12.33
CA HIS C 400 -21.93 13.90 -12.46
C HIS C 400 -23.43 13.58 -12.53
N HIS C 401 -24.19 14.25 -11.67
CA HIS C 401 -25.64 14.13 -11.68
C HIS C 401 -26.15 14.51 -13.08
N LEU C 402 -25.76 15.66 -13.58
CA LEU C 402 -26.19 16.12 -14.90
C LEU C 402 -25.93 15.06 -15.98
N SER C 403 -24.78 14.40 -15.89
CA SER C 403 -24.42 13.40 -16.89
C SER C 403 -25.37 12.20 -16.84
N ASN C 404 -26.08 12.05 -15.72
CA ASN C 404 -27.06 10.97 -15.58
C ASN C 404 -28.48 11.40 -16.03
N PHE C 405 -28.65 12.67 -16.36
CA PHE C 405 -29.92 13.17 -16.87
C PHE C 405 -29.73 13.99 -18.13
N GLN C 406 -29.03 13.38 -19.10
CA GLN C 406 -28.80 13.98 -20.41
C GLN C 406 -28.24 15.40 -20.38
N PHE C 407 -27.59 15.76 -19.28
CA PHE C 407 -26.98 17.08 -19.15
C PHE C 407 -27.99 18.20 -19.28
N ARG C 408 -29.25 17.94 -18.89
CA ARG C 408 -30.31 18.93 -19.01
C ARG C 408 -30.34 19.83 -17.80
N TRP C 409 -30.20 21.12 -18.03
CA TRP C 409 -30.28 22.08 -16.95
C TRP C 409 -30.73 23.43 -17.48
N SER C 410 -31.39 24.21 -16.62
CA SER C 410 -31.90 25.51 -17.01
C SER C 410 -30.88 26.58 -16.67
N TRP C 411 -29.83 26.65 -17.49
CA TRP C 411 -28.71 27.55 -17.25
C TRP C 411 -29.06 29.01 -17.10
N GLU C 412 -30.08 29.45 -17.85
CA GLU C 412 -30.53 30.85 -17.80
C GLU C 412 -30.91 31.31 -16.38
N ASP C 413 -31.35 30.40 -15.53
CA ASP C 413 -31.61 30.75 -14.12
C ASP C 413 -30.37 31.34 -13.46
N TRP C 414 -29.21 31.03 -14.01
CA TRP C 414 -27.95 31.45 -13.41
C TRP C 414 -27.27 32.54 -14.22
N SER C 415 -28.07 33.28 -14.99
CA SER C 415 -27.54 34.36 -15.83
C SER C 415 -26.83 35.40 -15.02
N ASP C 416 -27.14 35.48 -13.72
CA ASP C 416 -26.48 36.48 -12.88
C ASP C 416 -24.96 36.32 -12.85
N CYS C 417 -24.45 35.15 -13.21
CA CYS C 417 -23.00 34.92 -13.16
C CYS C 417 -22.24 35.61 -14.31
N LEU C 418 -22.94 35.83 -15.41
CA LEU C 418 -22.32 36.42 -16.61
C LEU C 418 -21.76 37.83 -16.46
N SER C 419 -22.36 38.63 -15.58
CA SER C 419 -21.91 40.01 -15.41
C SER C 419 -20.90 40.17 -14.29
N GLN C 420 -20.61 39.08 -13.59
CA GLN C 420 -19.68 39.13 -12.48
C GLN C 420 -18.25 38.93 -12.88
N ASP C 421 -17.35 39.27 -11.97
CA ASP C 421 -15.93 39.00 -12.15
C ASP C 421 -15.81 37.49 -12.40
N PRO C 422 -15.11 37.09 -13.45
CA PRO C 422 -14.97 35.67 -13.79
C PRO C 422 -14.36 34.84 -12.65
N GLU C 423 -13.65 35.50 -11.73
CA GLU C 423 -13.05 34.81 -10.60
C GLU C 423 -14.06 34.60 -9.48
N SER C 424 -15.25 35.18 -9.63
CA SER C 424 -16.29 35.05 -8.61
C SER C 424 -16.80 33.61 -8.51
N PRO C 425 -17.22 33.23 -7.32
CA PRO C 425 -17.73 31.87 -7.10
C PRO C 425 -18.75 31.38 -8.11
N LYS C 426 -19.71 32.23 -8.46
CA LYS C 426 -20.77 31.78 -9.37
C LYS C 426 -20.25 31.41 -10.78
N PRO C 427 -19.65 32.36 -11.50
CA PRO C 427 -19.13 32.06 -12.84
C PRO C 427 -18.07 30.95 -12.79
N LYS C 428 -17.19 31.02 -11.80
CA LYS C 428 -16.18 29.98 -11.67
C LYS C 428 -16.82 28.61 -11.49
N PHE C 429 -17.85 28.54 -10.65
CA PHE C 429 -18.59 27.31 -10.43
C PHE C 429 -19.09 26.73 -11.73
N VAL C 430 -19.74 27.57 -12.54
CA VAL C 430 -20.31 27.13 -13.80
C VAL C 430 -19.21 26.66 -14.73
N ARG C 431 -18.14 27.43 -14.80
CA ARG C 431 -17.01 27.04 -15.64
C ARG C 431 -16.50 25.65 -15.25
N GLU C 432 -16.26 25.43 -13.96
CA GLU C 432 -15.74 24.14 -13.48
C GLU C 432 -16.72 22.99 -13.70
N VAL C 433 -18.02 23.24 -13.56
CA VAL C 433 -19.04 22.21 -13.80
C VAL C 433 -19.04 21.79 -15.28
N LEU C 434 -18.98 22.77 -16.18
CA LEU C 434 -18.95 22.53 -17.63
C LEU C 434 -17.70 21.77 -18.03
N GLU C 435 -16.59 22.08 -17.36
CA GLU C 435 -15.34 21.36 -17.59
C GLU C 435 -15.50 19.90 -17.16
N LYS C 436 -16.12 19.68 -16.01
CA LYS C 436 -16.40 18.33 -15.54
C LYS C 436 -17.34 17.60 -16.49
N CYS C 437 -18.35 18.31 -16.99
CA CYS C 437 -19.29 17.69 -17.91
C CYS C 437 -18.56 17.20 -19.15
N MET C 438 -17.67 18.03 -19.69
CA MET C 438 -16.97 17.63 -20.91
C MET C 438 -16.15 16.37 -20.71
N ARG C 439 -15.59 16.23 -19.52
CA ARG C 439 -14.81 15.06 -19.21
C ARG C 439 -15.69 13.81 -19.23
N LEU C 440 -17.00 14.00 -19.10
CA LEU C 440 -17.92 12.86 -19.16
C LEU C 440 -18.65 12.86 -20.51
N SER C 441 -18.18 13.70 -21.43
CA SER C 441 -18.85 13.86 -22.71
C SER C 441 -17.83 14.28 -23.77
N TYR C 442 -18.23 15.17 -24.66
CA TYR C 442 -17.33 15.67 -25.69
C TYR C 442 -17.52 17.17 -25.82
N HIS C 443 -16.50 17.84 -26.33
CA HIS C 443 -16.49 19.31 -26.41
C HIS C 443 -17.69 20.01 -27.05
N GLN C 444 -18.09 19.58 -28.24
CA GLN C 444 -19.18 20.26 -28.93
C GLN C 444 -20.52 19.99 -28.26
N ARG C 445 -20.65 18.80 -27.67
CA ARG C 445 -21.87 18.39 -26.95
C ARG C 445 -22.12 19.37 -25.82
N ILE C 446 -21.09 19.59 -25.01
CA ILE C 446 -21.19 20.48 -23.87
C ILE C 446 -21.32 21.91 -24.31
N LEU C 447 -20.60 22.29 -25.35
CA LEU C 447 -20.72 23.63 -25.91
C LEU C 447 -22.19 23.89 -26.32
N ASP C 448 -22.89 22.84 -26.68
CA ASP C 448 -24.28 23.00 -27.12
C ASP C 448 -25.35 22.89 -26.03
N ILE C 449 -25.00 22.45 -24.83
CA ILE C 449 -26.03 22.33 -23.79
C ILE C 449 -26.34 23.65 -23.12
N VAL C 450 -25.50 24.66 -23.31
CA VAL C 450 -25.71 25.93 -22.65
C VAL C 450 -26.28 26.97 -23.61
N PRO C 451 -26.98 27.96 -23.06
CA PRO C 451 -27.49 29.09 -23.84
C PRO C 451 -26.32 29.85 -24.46
N PRO C 452 -26.56 30.49 -25.60
CA PRO C 452 -25.53 31.27 -26.29
C PRO C 452 -24.81 32.22 -25.34
N THR C 453 -25.51 32.74 -24.34
CA THR C 453 -24.89 33.68 -23.41
C THR C 453 -23.83 33.00 -22.54
N PHE C 454 -23.90 31.67 -22.43
CA PHE C 454 -22.94 30.93 -21.59
C PHE C 454 -21.77 30.34 -22.36
N SER C 455 -21.73 30.57 -23.66
CA SER C 455 -20.71 29.94 -24.52
C SER C 455 -19.27 30.17 -24.06
N ALA C 456 -18.96 31.39 -23.59
CA ALA C 456 -17.60 31.70 -23.16
C ALA C 456 -17.19 31.03 -21.82
N LEU C 457 -18.12 30.33 -21.17
CA LEU C 457 -17.83 29.63 -19.93
C LEU C 457 -17.50 28.16 -20.21
N CYS C 458 -17.75 27.73 -21.43
CA CYS C 458 -17.43 26.37 -21.82
C CYS C 458 -15.93 26.15 -21.90
N PRO C 459 -15.51 24.93 -21.60
CA PRO C 459 -14.09 24.57 -21.58
C PRO C 459 -13.50 24.59 -23.00
N SER C 460 -12.23 24.91 -23.11
CA SER C 460 -11.59 24.90 -24.42
C SER C 460 -11.41 23.46 -24.89
N ASN C 461 -11.31 23.27 -26.19
CA ASN C 461 -11.09 21.95 -26.74
C ASN C 461 -9.76 21.43 -26.22
N PRO C 462 -9.73 20.20 -25.71
CA PRO C 462 -8.50 19.64 -25.14
C PRO C 462 -7.47 19.25 -26.20
N THR C 463 -6.97 20.22 -26.97
CA THR C 463 -5.99 19.92 -28.01
C THR C 463 -4.54 20.08 -27.55
N CYS C 464 -3.70 19.21 -28.09
CA CYS C 464 -2.27 19.23 -27.80
C CYS C 464 -1.62 20.45 -28.41
N ILE C 465 -0.57 20.94 -27.76
CA ILE C 465 0.19 22.06 -28.28
C ILE C 465 1.63 21.63 -28.53
N TYR C 466 1.98 21.44 -29.80
CA TYR C 466 3.32 21.03 -30.19
C TYR C 466 4.15 22.26 -30.57
N LYS C 467 5.21 22.50 -29.81
CA LYS C 467 6.08 23.65 -30.04
C LYS C 467 6.78 23.61 -31.40
N TYR C 468 7.02 22.42 -31.90
CA TYR C 468 7.77 22.25 -33.15
C TYR C 468 6.93 21.63 -34.25
N GLY C 469 5.71 22.11 -34.41
CA GLY C 469 4.80 21.60 -35.42
C GLY C 469 4.86 22.33 -36.75
N ASP C 470 3.99 21.92 -37.66
CA ASP C 470 3.91 22.52 -38.98
C ASP C 470 3.33 23.93 -38.88
N GLU C 471 4.10 24.84 -38.30
CA GLU C 471 3.69 26.23 -38.12
C GLU C 471 4.81 26.97 -37.40
N SER C 472 5.61 26.23 -36.66
CA SER C 472 6.71 26.81 -35.90
C SER C 472 7.83 27.29 -36.80
N SER C 473 8.74 28.08 -36.23
CA SER C 473 9.89 28.55 -36.97
C SER C 473 11.06 27.61 -36.72
N ASN C 474 11.76 27.26 -37.80
CA ASN C 474 12.91 26.38 -37.67
C ASN C 474 14.07 27.10 -36.98
N SER C 475 13.81 28.34 -36.58
CA SER C 475 14.79 29.15 -35.88
C SER C 475 14.77 28.85 -34.39
N LEU C 476 13.75 28.12 -33.95
CA LEU C 476 13.63 27.74 -32.55
C LEU C 476 14.76 26.81 -32.13
N PRO C 477 15.33 27.05 -30.95
CA PRO C 477 16.40 26.23 -30.43
C PRO C 477 16.05 24.74 -30.50
N GLY C 478 16.95 23.94 -31.07
CA GLY C 478 16.74 22.50 -31.14
C GLY C 478 15.68 22.05 -32.14
N HIS C 479 15.17 22.98 -32.94
CA HIS C 479 14.14 22.63 -33.92
C HIS C 479 14.50 21.42 -34.75
N SER C 480 15.74 21.37 -35.23
CA SER C 480 16.20 20.27 -36.08
C SER C 480 16.18 18.94 -35.34
N VAL C 481 16.69 18.94 -34.11
CA VAL C 481 16.70 17.72 -33.33
C VAL C 481 15.29 17.24 -33.05
N ALA C 482 14.39 18.19 -32.81
CA ALA C 482 12.99 17.87 -32.56
C ALA C 482 12.44 17.06 -33.73
N LEU C 483 12.67 17.55 -34.94
CA LEU C 483 12.22 16.86 -36.15
C LEU C 483 12.81 15.47 -36.23
N CYS C 484 14.09 15.35 -35.88
CA CYS C 484 14.77 14.07 -35.92
C CYS C 484 14.16 13.13 -34.90
N LEU C 485 13.76 13.69 -33.76
CA LEU C 485 13.13 12.91 -32.72
C LEU C 485 11.79 12.38 -33.24
N ALA C 486 10.99 13.27 -33.83
CA ALA C 486 9.69 12.90 -34.35
C ALA C 486 9.79 11.73 -35.33
N VAL C 487 10.61 11.90 -36.36
CA VAL C 487 10.82 10.84 -37.34
C VAL C 487 11.32 9.57 -36.65
N ALA C 488 12.21 9.73 -35.69
CA ALA C 488 12.76 8.59 -34.97
C ALA C 488 11.69 7.83 -34.21
N PHE C 489 10.89 8.55 -33.43
CA PHE C 489 9.82 7.92 -32.65
C PHE C 489 8.91 7.08 -33.53
N LYS C 490 8.44 7.67 -34.62
CA LYS C 490 7.53 6.99 -35.53
C LYS C 490 8.04 5.60 -35.93
N SER C 491 9.22 5.58 -36.54
CA SER C 491 9.82 4.33 -37.02
C SER C 491 10.40 3.53 -35.87
N LYS C 492 9.80 3.70 -34.70
CA LYS C 492 10.30 3.04 -33.50
C LYS C 492 11.71 3.55 -33.23
N ALA C 493 12.31 3.10 -32.14
CA ALA C 493 13.65 3.51 -31.79
C ALA C 493 13.96 3.12 -30.37
N THR C 494 15.08 2.44 -30.18
CA THR C 494 15.51 2.07 -28.85
C THR C 494 15.83 3.36 -28.12
N ASN C 495 15.92 3.30 -26.80
CA ASN C 495 16.27 4.48 -26.03
C ASN C 495 17.62 5.03 -26.47
N ASP C 496 18.52 4.13 -26.84
CA ASP C 496 19.85 4.50 -27.31
C ASP C 496 19.79 5.43 -28.52
N GLU C 497 18.92 5.10 -29.48
CA GLU C 497 18.75 5.93 -30.66
C GLU C 497 18.37 7.37 -30.29
N ILE C 498 17.39 7.51 -29.42
CA ILE C 498 16.97 8.84 -28.97
C ILE C 498 18.07 9.51 -28.17
N PHE C 499 18.64 8.78 -27.21
CA PHE C 499 19.74 9.31 -26.42
C PHE C 499 20.76 9.93 -27.35
N SER C 500 21.11 9.18 -28.39
CA SER C 500 22.06 9.65 -29.38
C SER C 500 21.62 10.99 -29.94
N ILE C 501 20.43 11.02 -30.52
CA ILE C 501 19.89 12.23 -31.13
C ILE C 501 19.91 13.41 -30.17
N LEU C 502 19.71 13.14 -28.88
CA LEU C 502 19.66 14.19 -27.89
C LEU C 502 21.03 14.82 -27.61
N LYS C 503 22.07 14.00 -27.64
CA LYS C 503 23.42 14.49 -27.40
C LYS C 503 23.70 15.70 -28.28
N ASP C 504 23.10 15.70 -29.47
CA ASP C 504 23.27 16.79 -30.42
C ASP C 504 22.52 18.06 -30.01
N VAL C 505 22.07 18.10 -28.76
CA VAL C 505 21.38 19.28 -28.26
C VAL C 505 22.28 20.06 -27.29
N PRO C 506 22.45 21.35 -27.55
CA PRO C 506 23.28 22.21 -26.70
C PRO C 506 22.69 22.41 -25.31
N ASN C 507 23.43 23.09 -24.45
CA ASN C 507 22.95 23.36 -23.10
C ASN C 507 23.02 24.85 -22.82
N PRO C 508 21.86 25.49 -22.67
CA PRO C 508 21.80 26.93 -22.43
C PRO C 508 22.25 27.29 -21.01
N SER C 519 23.34 15.90 -13.85
CA SER C 519 23.24 16.46 -15.24
C SER C 519 21.87 17.10 -15.49
N PHE C 520 21.87 18.24 -16.17
CA PHE C 520 20.63 18.96 -16.46
C PHE C 520 20.72 19.82 -17.73
N ASN C 521 19.98 19.41 -18.75
CA ASN C 521 19.91 20.16 -20.00
C ASN C 521 18.45 20.36 -20.37
N PRO C 522 17.92 21.54 -20.04
CA PRO C 522 16.51 21.86 -20.26
C PRO C 522 16.07 21.68 -21.71
N LEU C 523 16.87 22.16 -22.65
CA LEU C 523 16.52 22.06 -24.05
C LEU C 523 16.31 20.61 -24.45
N LYS C 524 17.19 19.73 -23.98
CA LYS C 524 17.07 18.32 -24.25
C LYS C 524 15.73 17.82 -23.74
N ILE C 525 15.46 18.10 -22.47
CA ILE C 525 14.20 17.68 -21.86
C ILE C 525 13.04 18.20 -22.69
N GLU C 526 13.08 19.49 -23.00
CA GLU C 526 12.01 20.14 -23.76
C GLU C 526 11.72 19.51 -25.12
N VAL C 527 12.74 19.36 -25.96
CA VAL C 527 12.51 18.78 -27.28
C VAL C 527 12.06 17.32 -27.18
N PHE C 528 12.57 16.61 -26.19
CA PHE C 528 12.18 15.22 -25.97
C PHE C 528 10.72 15.10 -25.51
N VAL C 529 10.35 15.90 -24.51
CA VAL C 529 9.00 15.81 -23.95
C VAL C 529 7.97 16.28 -24.95
N GLN C 530 8.22 17.40 -25.62
CA GLN C 530 7.30 17.92 -26.62
C GLN C 530 7.00 16.87 -27.70
N THR C 531 8.05 16.21 -28.17
CA THR C 531 7.92 15.26 -29.26
C THR C 531 7.25 13.98 -28.80
N LEU C 532 7.72 13.45 -27.68
CA LEU C 532 7.16 12.21 -27.18
C LEU C 532 5.64 12.37 -26.89
N LEU C 533 5.28 13.48 -26.25
CA LEU C 533 3.89 13.73 -25.89
C LEU C 533 3.04 13.98 -27.12
N HIS C 534 3.52 14.86 -27.99
CA HIS C 534 2.82 15.17 -29.23
C HIS C 534 2.52 13.93 -30.03
N LEU C 535 3.44 12.98 -30.06
CA LEU C 535 3.24 11.77 -30.86
C LEU C 535 2.30 10.77 -30.19
N ALA C 536 2.21 10.79 -28.87
CA ALA C 536 1.31 9.90 -28.18
C ALA C 536 0.04 10.65 -27.79
N ALA C 537 -0.19 11.79 -28.42
CA ALA C 537 -1.33 12.64 -28.08
C ALA C 537 -2.71 12.04 -28.39
N LYS C 538 -2.72 10.89 -29.06
CA LYS C 538 -3.96 10.25 -29.48
C LYS C 538 -4.83 9.78 -28.33
N SER C 539 -4.21 9.37 -27.22
CA SER C 539 -4.97 8.84 -26.11
C SER C 539 -4.14 8.66 -24.85
N PHE C 540 -4.81 8.43 -23.74
CA PHE C 540 -4.16 8.17 -22.47
C PHE C 540 -3.29 6.93 -22.62
N SER C 541 -3.83 5.92 -23.28
CA SER C 541 -3.11 4.67 -23.44
C SER C 541 -1.81 4.84 -24.23
N HIS C 542 -1.85 5.65 -25.27
CA HIS C 542 -0.65 5.89 -26.06
C HIS C 542 0.38 6.67 -25.21
N SER C 543 -0.09 7.69 -24.50
CA SER C 543 0.80 8.48 -23.67
C SER C 543 1.43 7.64 -22.58
N PHE C 544 0.64 6.79 -21.93
CA PHE C 544 1.15 5.90 -20.89
C PHE C 544 2.20 4.94 -21.44
N SER C 545 1.94 4.37 -22.61
CA SER C 545 2.89 3.41 -23.14
C SER C 545 4.15 4.14 -23.63
N ALA C 546 3.99 5.39 -24.06
CA ALA C 546 5.12 6.20 -24.47
C ALA C 546 6.04 6.49 -23.28
N LEU C 547 5.47 6.82 -22.13
CA LEU C 547 6.28 7.05 -20.95
C LEU C 547 6.89 5.73 -20.52
N ALA C 548 6.20 4.64 -20.83
CA ALA C 548 6.68 3.32 -20.43
C ALA C 548 7.87 2.89 -21.29
N LYS C 549 7.81 3.17 -22.58
CA LYS C 549 8.88 2.76 -23.50
C LYS C 549 10.16 3.54 -23.27
N PHE C 550 10.04 4.85 -23.10
CA PHE C 550 11.21 5.71 -22.95
C PHE C 550 11.46 6.15 -21.52
N HIS C 551 11.07 5.29 -20.59
CA HIS C 551 11.27 5.52 -19.17
C HIS C 551 12.72 5.92 -18.88
N GLU C 552 13.67 5.13 -19.40
CA GLU C 552 15.09 5.41 -19.20
C GLU C 552 15.45 6.86 -19.51
N VAL C 553 15.08 7.32 -20.70
CA VAL C 553 15.39 8.68 -21.11
C VAL C 553 14.91 9.70 -20.08
N PHE C 554 13.70 9.46 -19.54
CA PHE C 554 13.16 10.35 -18.51
C PHE C 554 14.04 10.32 -17.28
N LYS C 555 14.20 9.14 -16.70
CA LYS C 555 15.00 8.98 -15.50
C LYS C 555 16.37 9.62 -15.65
N THR C 556 16.95 9.48 -16.84
CA THR C 556 18.25 10.02 -17.12
C THR C 556 18.21 11.53 -17.30
N LEU C 557 17.24 12.00 -18.07
CA LEU C 557 17.13 13.43 -18.37
C LEU C 557 16.68 14.22 -17.15
N ALA C 558 15.95 13.57 -16.25
CA ALA C 558 15.40 14.24 -15.07
C ALA C 558 15.81 13.58 -13.76
N GLU C 559 17.11 13.39 -13.57
CA GLU C 559 17.58 12.81 -12.33
C GLU C 559 17.67 13.87 -11.25
N SER C 560 17.83 15.13 -11.67
CA SER C 560 17.93 16.24 -10.74
C SER C 560 16.55 16.81 -10.41
N ASP C 561 16.48 17.57 -9.33
CA ASP C 561 15.23 18.21 -8.94
C ASP C 561 14.75 19.14 -10.04
N GLU C 562 15.69 19.87 -10.64
CA GLU C 562 15.37 20.84 -11.69
C GLU C 562 14.91 20.17 -12.98
N GLY C 563 15.42 18.97 -13.23
CA GLY C 563 15.02 18.21 -14.39
C GLY C 563 13.55 17.80 -14.24
N LYS C 564 13.23 17.27 -13.07
CA LYS C 564 11.86 16.84 -12.77
C LYS C 564 10.89 18.00 -12.93
N LEU C 565 11.24 19.14 -12.34
CA LEU C 565 10.40 20.32 -12.47
C LEU C 565 10.27 20.73 -13.93
N HIS C 566 11.35 20.60 -14.69
CA HIS C 566 11.30 21.01 -16.08
C HIS C 566 10.51 20.02 -16.96
N VAL C 567 10.54 18.74 -16.59
CA VAL C 567 9.70 17.77 -17.28
C VAL C 567 8.23 18.14 -17.09
N LEU C 568 7.89 18.54 -15.86
CA LEU C 568 6.52 18.94 -15.53
C LEU C 568 6.11 20.22 -16.24
N ARG C 569 7.03 21.16 -16.30
CA ARG C 569 6.77 22.44 -16.93
C ARG C 569 6.53 22.25 -18.42
N VAL C 570 7.34 21.43 -19.06
CA VAL C 570 7.18 21.23 -20.51
C VAL C 570 5.91 20.46 -20.82
N MET C 571 5.62 19.48 -19.99
CA MET C 571 4.42 18.68 -20.14
C MET C 571 3.21 19.62 -20.05
N PHE C 572 3.27 20.54 -19.10
CA PHE C 572 2.20 21.51 -18.94
C PHE C 572 2.05 22.40 -20.16
N GLU C 573 3.17 22.81 -20.75
CA GLU C 573 3.12 23.70 -21.91
C GLU C 573 2.55 22.97 -23.13
N VAL C 574 2.66 21.64 -23.12
CA VAL C 574 2.10 20.81 -24.16
C VAL C 574 0.60 20.52 -23.93
N TRP C 575 0.24 20.19 -22.69
CA TRP C 575 -1.12 19.77 -22.39
C TRP C 575 -2.01 20.71 -21.56
N ARG C 576 -1.65 21.98 -21.48
CA ARG C 576 -2.44 22.94 -20.69
C ARG C 576 -3.92 23.04 -21.09
N ASN C 577 -4.25 22.70 -22.34
CA ASN C 577 -5.65 22.78 -22.76
C ASN C 577 -6.43 21.52 -22.32
N HIS C 578 -5.73 20.55 -21.74
CA HIS C 578 -6.30 19.26 -21.41
C HIS C 578 -5.95 18.81 -19.98
N PRO C 579 -6.55 19.46 -18.98
CA PRO C 579 -6.24 19.15 -17.56
C PRO C 579 -6.34 17.67 -17.19
N GLN C 580 -7.34 16.95 -17.69
CA GLN C 580 -7.43 15.52 -17.38
C GLN C 580 -6.15 14.80 -17.78
N MET C 581 -5.62 15.11 -18.97
CA MET C 581 -4.37 14.51 -19.43
C MET C 581 -3.22 14.90 -18.51
N ILE C 582 -3.19 16.15 -18.07
CA ILE C 582 -2.17 16.59 -17.14
C ILE C 582 -2.25 15.73 -15.90
N ALA C 583 -3.46 15.57 -15.36
CA ALA C 583 -3.61 14.78 -14.15
C ALA C 583 -3.10 13.35 -14.30
N VAL C 584 -3.46 12.66 -15.39
CA VAL C 584 -3.03 11.27 -15.54
C VAL C 584 -1.52 11.13 -15.82
N LEU C 585 -0.96 12.07 -16.55
CA LEU C 585 0.48 12.03 -16.81
C LEU C 585 1.25 12.23 -15.51
N VAL C 586 0.83 13.21 -14.71
CA VAL C 586 1.50 13.47 -13.44
C VAL C 586 1.43 12.23 -12.55
N ASP C 587 0.26 11.61 -12.49
CA ASP C 587 0.08 10.41 -11.68
C ASP C 587 1.01 9.28 -12.15
N LYS C 588 1.06 9.08 -13.46
CA LYS C 588 1.92 8.04 -14.01
C LYS C 588 3.39 8.34 -13.75
N MET C 589 3.78 9.60 -13.90
CA MET C 589 5.16 9.98 -13.70
C MET C 589 5.59 9.80 -12.25
N ILE C 590 4.63 9.83 -11.34
CA ILE C 590 4.95 9.73 -9.92
C ILE C 590 5.09 8.25 -9.63
N ARG C 591 4.17 7.46 -10.17
CA ARG C 591 4.18 6.02 -9.90
C ARG C 591 5.36 5.32 -10.55
N THR C 592 5.86 5.88 -11.66
CA THR C 592 7.00 5.27 -12.35
C THR C 592 8.30 5.94 -11.94
N GLN C 593 8.21 6.86 -10.99
CA GLN C 593 9.36 7.56 -10.46
C GLN C 593 10.07 8.50 -11.44
N ILE C 594 9.36 8.94 -12.47
CA ILE C 594 9.92 9.92 -13.39
C ILE C 594 10.04 11.25 -12.63
N VAL C 595 9.08 11.50 -11.74
CA VAL C 595 9.16 12.65 -10.84
C VAL C 595 8.74 12.12 -9.48
N ASP C 596 8.83 12.96 -8.47
CA ASP C 596 8.39 12.56 -7.14
C ASP C 596 7.35 13.54 -6.65
N CYS C 597 6.71 13.21 -5.53
CA CYS C 597 5.64 14.03 -5.00
C CYS C 597 6.10 15.46 -4.67
N ALA C 598 7.34 15.58 -4.17
CA ALA C 598 7.91 16.90 -3.88
C ALA C 598 8.01 17.79 -5.11
N ALA C 599 8.46 17.22 -6.22
CA ALA C 599 8.57 17.99 -7.44
C ALA C 599 7.17 18.49 -7.87
N VAL C 600 6.16 17.63 -7.77
CA VAL C 600 4.81 18.01 -8.14
C VAL C 600 4.29 19.13 -7.25
N ALA C 601 4.55 19.03 -5.95
CA ALA C 601 4.10 20.06 -5.05
C ALA C 601 4.72 21.41 -5.41
N ASN C 602 6.02 21.41 -5.68
CA ASN C 602 6.67 22.65 -6.05
C ASN C 602 6.14 23.15 -7.39
N TRP C 603 5.92 22.22 -8.31
CA TRP C 603 5.32 22.56 -9.60
C TRP C 603 3.95 23.23 -9.41
N ILE C 604 3.14 22.68 -8.52
CA ILE C 604 1.80 23.24 -8.26
C ILE C 604 1.88 24.74 -7.96
N PHE C 605 2.89 25.13 -7.19
CA PHE C 605 3.04 26.53 -6.79
C PHE C 605 3.96 27.34 -7.70
N SER C 606 4.38 26.77 -8.83
CA SER C 606 5.28 27.50 -9.74
C SER C 606 4.58 28.60 -10.52
N SER C 607 5.36 29.54 -11.05
CA SER C 607 4.80 30.71 -11.73
C SER C 607 4.06 30.34 -13.01
N GLU C 608 4.46 29.25 -13.64
CA GLU C 608 3.78 28.80 -14.86
C GLU C 608 2.34 28.33 -14.62
N LEU C 609 2.00 28.03 -13.38
CA LEU C 609 0.66 27.54 -13.08
C LEU C 609 -0.16 28.62 -12.41
N SER C 610 0.47 29.78 -12.23
CA SER C 610 -0.13 30.91 -11.53
C SER C 610 -1.49 31.30 -12.05
N ARG C 611 -1.67 31.27 -13.36
CA ARG C 611 -2.93 31.69 -13.96
C ARG C 611 -4.00 30.61 -13.82
N ASP C 612 -3.59 29.40 -13.45
CA ASP C 612 -4.51 28.31 -13.32
C ASP C 612 -4.57 27.84 -11.88
N PHE C 613 -3.84 28.53 -11.00
CA PHE C 613 -3.73 28.17 -9.60
C PHE C 613 -5.06 27.96 -8.90
N THR C 614 -6.07 28.75 -9.25
CA THR C 614 -7.37 28.63 -8.57
C THR C 614 -8.30 27.60 -9.20
N ARG C 615 -7.89 26.99 -10.29
CA ARG C 615 -8.74 25.99 -10.93
C ARG C 615 -8.74 24.66 -10.18
N LEU C 616 -9.86 23.96 -10.22
CA LEU C 616 -9.99 22.66 -9.56
C LEU C 616 -8.90 21.63 -9.89
N PHE C 617 -8.53 21.53 -11.15
CA PHE C 617 -7.61 20.45 -11.56
C PHE C 617 -6.28 20.50 -10.83
N VAL C 618 -5.81 21.70 -10.52
CA VAL C 618 -4.56 21.87 -9.80
C VAL C 618 -4.64 21.17 -8.45
N TRP C 619 -5.72 21.40 -7.72
CA TRP C 619 -5.91 20.83 -6.40
C TRP C 619 -6.23 19.35 -6.50
N GLU C 620 -6.89 18.95 -7.58
CA GLU C 620 -7.14 17.54 -7.83
C GLU C 620 -5.79 16.83 -7.97
N ILE C 621 -4.87 17.44 -8.71
CA ILE C 621 -3.56 16.82 -8.85
C ILE C 621 -2.78 16.80 -7.53
N LEU C 622 -2.75 17.94 -6.83
CA LEU C 622 -2.03 17.97 -5.55
C LEU C 622 -2.57 16.91 -4.61
N HIS C 623 -3.89 16.83 -4.47
CA HIS C 623 -4.44 15.85 -3.55
C HIS C 623 -4.26 14.40 -3.97
N SER C 624 -4.29 14.15 -5.28
CA SER C 624 -4.03 12.81 -5.76
C SER C 624 -2.58 12.45 -5.43
N THR C 625 -1.72 13.46 -5.48
CA THR C 625 -0.31 13.31 -5.18
C THR C 625 -0.08 12.97 -3.70
N ILE C 626 -0.76 13.68 -2.81
CA ILE C 626 -0.66 13.42 -1.39
C ILE C 626 -1.18 12.02 -1.08
N ARG C 627 -2.33 11.66 -1.67
CA ARG C 627 -2.92 10.33 -1.47
C ARG C 627 -1.94 9.22 -1.84
N LYS C 628 -1.28 9.33 -2.97
CA LYS C 628 -0.30 8.30 -3.35
C LYS C 628 0.74 8.21 -2.26
N MET C 629 1.28 9.36 -1.84
CA MET C 629 2.23 9.39 -0.75
C MET C 629 1.68 8.70 0.51
N ASN C 630 0.46 9.07 0.93
CA ASN C 630 -0.15 8.45 2.09
C ASN C 630 -0.27 6.94 1.95
N LYS C 631 -0.79 6.49 0.82
CA LYS C 631 -0.96 5.07 0.59
C LYS C 631 0.39 4.36 0.55
N HIS C 632 1.40 5.05 0.04
CA HIS C 632 2.75 4.50 0.05
C HIS C 632 3.21 4.19 1.48
N VAL C 633 2.99 5.12 2.40
CA VAL C 633 3.36 4.89 3.78
C VAL C 633 2.59 3.69 4.39
N LEU C 634 1.31 3.58 4.08
CA LEU C 634 0.50 2.47 4.58
C LEU C 634 1.03 1.12 4.07
N LYS C 635 1.37 1.08 2.80
CA LYS C 635 1.90 -0.12 2.19
C LYS C 635 3.14 -0.64 2.93
N ILE C 636 4.13 0.23 3.11
CA ILE C 636 5.36 -0.16 3.79
C ILE C 636 5.08 -0.55 5.23
N GLN C 637 4.26 0.22 5.91
CA GLN C 637 3.88 -0.08 7.28
C GLN C 637 3.27 -1.49 7.35
N LYS C 638 2.51 -1.86 6.33
CA LYS C 638 1.85 -3.17 6.31
C LYS C 638 2.85 -4.30 6.14
N GLU C 639 3.94 -4.02 5.44
CA GLU C 639 4.99 -5.02 5.26
C GLU C 639 5.73 -5.22 6.58
N LEU C 640 6.19 -4.13 7.17
CA LEU C 640 6.87 -4.19 8.46
C LEU C 640 6.04 -4.98 9.45
N GLU C 641 4.73 -4.88 9.31
CA GLU C 641 3.81 -5.58 10.20
C GLU C 641 3.75 -7.06 9.85
N GLU C 642 3.48 -7.37 8.58
CA GLU C 642 3.37 -8.74 8.13
C GLU C 642 4.68 -9.52 8.29
N ALA C 643 5.80 -8.81 8.36
CA ALA C 643 7.09 -9.45 8.54
C ALA C 643 7.39 -9.61 10.04
N LYS C 644 6.84 -8.71 10.84
CA LYS C 644 7.04 -8.74 12.28
C LYS C 644 6.04 -9.68 12.93
N GLU C 645 5.00 -10.03 12.18
CA GLU C 645 3.98 -10.94 12.67
C GLU C 645 4.48 -12.37 12.55
N LYS C 646 5.42 -12.59 11.64
CA LYS C 646 5.98 -13.91 11.42
C LYS C 646 7.26 -14.11 12.24
N LEU C 655 17.89 -13.32 11.80
CA LEU C 655 16.44 -13.29 11.45
C LEU C 655 15.86 -11.89 11.64
N GLU C 656 16.43 -10.92 10.95
CA GLU C 656 15.97 -9.53 11.04
C GLU C 656 16.43 -8.65 9.88
N GLU C 657 17.42 -9.13 9.11
CA GLU C 657 17.93 -8.38 7.97
C GLU C 657 16.80 -7.87 7.09
N GLN C 658 15.58 -8.30 7.43
CA GLN C 658 14.39 -7.89 6.70
C GLN C 658 13.57 -6.93 7.53
N ILE C 659 13.12 -7.41 8.70
CA ILE C 659 12.29 -6.61 9.60
C ILE C 659 13.01 -5.37 10.10
N GLU C 660 14.33 -5.47 10.23
CA GLU C 660 15.13 -4.36 10.70
C GLU C 660 15.24 -3.32 9.61
N ARG C 661 15.34 -3.79 8.37
CA ARG C 661 15.48 -2.92 7.22
C ARG C 661 14.15 -2.27 6.84
N LEU C 662 13.04 -2.89 7.25
CA LEU C 662 11.72 -2.36 6.94
C LEU C 662 11.43 -1.16 7.82
N GLN C 663 11.85 -1.22 9.08
CA GLN C 663 11.67 -0.11 9.99
C GLN C 663 12.41 1.12 9.47
N GLU C 664 13.46 0.86 8.71
CA GLU C 664 14.27 1.90 8.09
C GLU C 664 13.50 2.50 6.92
N LYS C 665 12.87 1.63 6.14
CA LYS C 665 12.11 2.05 4.98
C LYS C 665 10.85 2.81 5.39
N VAL C 666 10.32 2.47 6.56
CA VAL C 666 9.12 3.12 7.08
C VAL C 666 9.45 4.55 7.50
N GLU C 667 10.56 4.72 8.22
CA GLU C 667 10.94 6.06 8.67
C GLU C 667 11.24 6.97 7.49
N SER C 668 11.84 6.44 6.43
CA SER C 668 12.10 7.28 5.28
C SER C 668 10.79 7.64 4.58
N ALA C 669 9.88 6.68 4.48
CA ALA C 669 8.58 6.94 3.87
C ALA C 669 7.80 7.93 4.73
N GLN C 670 7.80 7.74 6.04
CA GLN C 670 7.15 8.67 6.94
C GLN C 670 7.78 10.07 6.78
N SER C 671 9.10 10.11 6.58
CA SER C 671 9.77 11.37 6.34
C SER C 671 9.35 11.96 4.99
N GLU C 672 9.30 11.13 3.95
CA GLU C 672 8.85 11.63 2.64
C GLU C 672 7.50 12.29 2.79
N GLN C 673 6.61 11.60 3.49
CA GLN C 673 5.25 12.08 3.71
C GLN C 673 5.23 13.36 4.53
N LYS C 674 5.90 13.36 5.67
CA LYS C 674 5.92 14.54 6.53
C LYS C 674 6.47 15.73 5.76
N ASN C 675 7.54 15.48 5.04
CA ASN C 675 8.21 16.53 4.31
C ASN C 675 7.46 17.04 3.09
N LEU C 676 6.61 16.20 2.52
CA LEU C 676 5.77 16.68 1.44
C LEU C 676 4.81 17.71 2.03
N PHE C 677 4.23 17.39 3.17
CA PHE C 677 3.32 18.32 3.83
C PHE C 677 4.06 19.61 4.21
N LEU C 678 5.28 19.48 4.71
CA LEU C 678 6.05 20.67 5.10
C LEU C 678 6.31 21.56 3.91
N VAL C 679 6.59 20.95 2.77
CA VAL C 679 6.83 21.70 1.54
C VAL C 679 5.55 22.42 1.11
N ILE C 680 4.42 21.73 1.20
CA ILE C 680 3.15 22.33 0.82
C ILE C 680 2.85 23.52 1.74
N PHE C 681 3.01 23.31 3.04
CA PHE C 681 2.75 24.37 4.00
C PHE C 681 3.70 25.57 3.80
N GLN C 682 4.98 25.30 3.61
CA GLN C 682 5.93 26.36 3.35
C GLN C 682 5.49 27.18 2.13
N ARG C 683 5.12 26.51 1.04
CA ARG C 683 4.69 27.23 -0.16
C ARG C 683 3.45 28.09 0.11
N PHE C 684 2.49 27.56 0.85
CA PHE C 684 1.27 28.30 1.17
C PHE C 684 1.62 29.54 2.01
N ILE C 685 2.47 29.35 3.01
CA ILE C 685 2.86 30.46 3.86
C ILE C 685 3.57 31.54 3.05
N MET C 686 4.46 31.12 2.15
CA MET C 686 5.18 32.05 1.31
C MET C 686 4.25 32.88 0.40
N ILE C 687 3.42 32.20 -0.39
CA ILE C 687 2.54 32.94 -1.30
C ILE C 687 1.50 33.80 -0.60
N LEU C 688 0.95 33.29 0.51
CA LEU C 688 -0.04 34.06 1.26
C LEU C 688 0.60 35.27 1.90
N THR C 689 1.82 35.09 2.42
CA THR C 689 2.53 36.18 3.05
C THR C 689 2.67 37.30 2.02
N GLU C 690 3.24 36.95 0.87
CA GLU C 690 3.42 37.88 -0.22
C GLU C 690 2.15 38.68 -0.51
N HIS C 691 1.01 37.98 -0.56
CA HIS C 691 -0.26 38.65 -0.81
C HIS C 691 -0.61 39.63 0.30
N LEU C 692 -0.37 39.22 1.54
CA LEU C 692 -0.70 40.03 2.70
C LEU C 692 0.22 41.25 2.83
N VAL C 693 1.50 41.08 2.52
CA VAL C 693 2.47 42.17 2.55
C VAL C 693 2.16 43.18 1.44
N ARG C 694 1.83 42.66 0.26
CA ARG C 694 1.51 43.46 -0.91
C ARG C 694 0.24 44.30 -0.72
N CYS C 695 -0.80 43.66 -0.18
CA CYS C 695 -2.08 44.33 0.05
C CYS C 695 -1.96 45.48 1.04
N GLU C 696 -1.07 45.34 2.01
CA GLU C 696 -0.87 46.38 3.00
C GLU C 696 -0.05 47.51 2.38
N THR C 697 1.12 47.15 1.85
CA THR C 697 1.99 48.12 1.17
C THR C 697 1.21 48.99 0.19
N ASP C 698 0.16 48.42 -0.40
CA ASP C 698 -0.66 49.14 -1.37
C ASP C 698 -2.02 49.56 -0.81
N GLY C 699 -2.26 49.27 0.46
CA GLY C 699 -3.54 49.60 1.08
C GLY C 699 -4.71 49.04 0.30
N THR C 700 -4.48 47.92 -0.37
CA THR C 700 -5.51 47.28 -1.17
C THR C 700 -6.23 46.18 -0.38
N SER C 701 -7.41 45.81 -0.84
CA SER C 701 -8.22 44.79 -0.18
C SER C 701 -7.51 43.42 -0.10
N VAL C 702 -7.61 42.77 1.05
CA VAL C 702 -6.99 41.47 1.24
C VAL C 702 -7.90 40.35 0.75
N LEU C 703 -9.20 40.51 0.99
CA LEU C 703 -10.18 39.51 0.64
C LEU C 703 -10.57 39.54 -0.84
N THR C 704 -9.67 39.09 -1.69
CA THR C 704 -9.97 38.98 -3.11
C THR C 704 -10.34 37.53 -3.39
N PRO C 705 -11.00 37.28 -4.52
CA PRO C 705 -11.36 35.91 -4.88
C PRO C 705 -10.13 35.00 -4.87
N TRP C 706 -8.97 35.51 -5.29
CA TRP C 706 -7.76 34.70 -5.28
C TRP C 706 -7.42 34.29 -3.87
N TYR C 707 -7.48 35.26 -2.95
CA TYR C 707 -7.15 35.00 -1.56
C TYR C 707 -8.11 33.99 -0.98
N LYS C 708 -9.39 34.13 -1.29
CA LYS C 708 -10.37 33.19 -0.82
C LYS C 708 -9.98 31.75 -1.21
N ASN C 709 -9.60 31.53 -2.47
CA ASN C 709 -9.17 30.20 -2.88
C ASN C 709 -7.93 29.75 -2.12
N CYS C 710 -6.92 30.61 -2.09
CA CYS C 710 -5.66 30.24 -1.47
C CYS C 710 -5.77 29.89 0.00
N ILE C 711 -6.43 30.75 0.78
CA ILE C 711 -6.54 30.48 2.20
C ILE C 711 -7.38 29.23 2.42
N GLU C 712 -8.38 29.04 1.58
CA GLU C 712 -9.25 27.89 1.76
C GLU C 712 -8.64 26.57 1.27
N ARG C 713 -7.69 26.65 0.34
CA ARG C 713 -6.98 25.45 -0.12
C ARG C 713 -6.00 25.03 0.98
N LEU C 714 -5.45 26.01 1.67
CA LEU C 714 -4.58 25.74 2.81
C LEU C 714 -5.42 25.02 3.85
N GLN C 715 -6.59 25.59 4.15
CA GLN C 715 -7.53 24.96 5.07
C GLN C 715 -7.86 23.52 4.64
N GLN C 716 -8.07 23.33 3.35
CA GLN C 716 -8.39 22.02 2.79
C GLN C 716 -7.30 20.96 3.08
N ILE C 717 -6.03 21.35 3.01
CA ILE C 717 -4.94 20.44 3.34
C ILE C 717 -5.14 19.87 4.75
N PHE C 718 -5.40 20.75 5.72
CA PHE C 718 -5.65 20.32 7.10
C PHE C 718 -6.88 19.43 7.23
N LEU C 719 -7.95 19.80 6.54
CA LEU C 719 -9.20 19.06 6.63
C LEU C 719 -9.08 17.67 6.01
N GLN C 720 -8.47 17.58 4.84
CA GLN C 720 -8.38 16.30 4.16
C GLN C 720 -7.41 15.32 4.81
N HIS C 721 -6.41 15.83 5.51
CA HIS C 721 -5.41 14.92 6.08
C HIS C 721 -5.14 15.16 7.56
N HIS C 722 -6.17 15.55 8.31
CA HIS C 722 -6.02 15.88 9.72
C HIS C 722 -5.33 14.83 10.57
N GLN C 723 -5.71 13.58 10.42
CA GLN C 723 -5.14 12.54 11.26
C GLN C 723 -3.62 12.43 11.04
N ILE C 724 -3.19 12.57 9.80
CA ILE C 724 -1.75 12.50 9.51
C ILE C 724 -1.04 13.76 10.02
N ILE C 725 -1.63 14.92 9.75
CA ILE C 725 -1.01 16.19 10.10
C ILE C 725 -0.92 16.40 11.60
N GLN C 726 -1.89 15.83 12.33
CA GLN C 726 -1.89 15.91 13.79
C GLN C 726 -0.60 15.34 14.35
N GLN C 727 0.06 14.48 13.57
CA GLN C 727 1.33 13.91 14.00
C GLN C 727 2.46 14.94 13.94
N TYR C 728 2.22 16.05 13.25
CA TYR C 728 3.27 17.03 13.00
C TYR C 728 3.11 18.30 13.81
N MET C 729 2.27 18.31 14.83
CA MET C 729 1.96 19.56 15.52
C MET C 729 3.18 20.35 16.00
N VAL C 730 4.07 19.67 16.71
CA VAL C 730 5.24 20.31 17.29
C VAL C 730 6.14 20.92 16.21
N THR C 731 6.46 20.14 15.18
CA THR C 731 7.26 20.64 14.07
C THR C 731 6.60 21.86 13.44
N LEU C 732 5.29 21.79 13.23
CA LEU C 732 4.56 22.90 12.60
C LEU C 732 4.58 24.17 13.45
N GLU C 733 4.42 24.01 14.76
CA GLU C 733 4.41 25.16 15.65
C GLU C 733 5.80 25.81 15.72
N ASN C 734 6.83 24.98 15.78
CA ASN C 734 8.20 25.49 15.89
C ASN C 734 8.85 25.96 14.60
N LEU C 735 8.40 25.47 13.45
CA LEU C 735 9.08 25.80 12.20
C LEU C 735 8.27 26.47 11.11
N LEU C 736 6.95 26.37 11.15
CA LEU C 736 6.16 26.95 10.08
C LEU C 736 5.11 27.93 10.55
N PHE C 737 4.19 27.45 11.37
CA PHE C 737 3.13 28.28 11.87
C PHE C 737 3.54 28.85 13.22
N THR C 738 4.44 29.84 13.18
CA THR C 738 4.99 30.46 14.38
C THR C 738 4.23 31.71 14.77
N ALA C 739 4.50 32.19 15.99
CA ALA C 739 3.85 33.38 16.54
C ALA C 739 3.97 34.63 15.66
N GLU C 740 5.09 34.78 14.97
CA GLU C 740 5.30 35.96 14.14
C GLU C 740 4.58 35.88 12.79
N LEU C 741 3.87 34.80 12.54
CA LEU C 741 3.17 34.63 11.27
C LEU C 741 1.95 35.53 11.25
N ASP C 742 1.62 36.09 10.09
CA ASP C 742 0.43 36.91 9.96
C ASP C 742 -0.78 36.12 10.49
N PRO C 743 -1.60 36.78 11.30
CA PRO C 743 -2.78 36.14 11.90
C PRO C 743 -3.72 35.51 10.87
N HIS C 744 -3.70 35.99 9.63
CA HIS C 744 -4.55 35.41 8.59
C HIS C 744 -4.16 33.96 8.32
N ILE C 745 -2.86 33.71 8.24
CA ILE C 745 -2.35 32.39 7.99
C ILE C 745 -2.39 31.57 9.27
N LEU C 746 -1.93 32.18 10.35
CA LEU C 746 -1.86 31.52 11.64
C LEU C 746 -3.22 31.04 12.13
N ALA C 747 -4.26 31.82 11.84
CA ALA C 747 -5.61 31.45 12.23
C ALA C 747 -6.03 30.07 11.70
N VAL C 748 -5.56 29.72 10.50
CA VAL C 748 -5.92 28.44 9.93
C VAL C 748 -5.34 27.31 10.78
N PHE C 749 -4.07 27.46 11.14
CA PHE C 749 -3.42 26.48 11.99
C PHE C 749 -4.09 26.41 13.35
N GLN C 750 -4.51 27.56 13.86
CA GLN C 750 -5.15 27.59 15.17
C GLN C 750 -6.51 26.91 15.09
N GLN C 751 -7.21 27.09 13.98
CA GLN C 751 -8.50 26.44 13.80
C GLN C 751 -8.30 24.93 13.75
N PHE C 752 -7.24 24.51 13.07
CA PHE C 752 -6.93 23.10 12.97
C PHE C 752 -6.68 22.51 14.34
N CYS C 753 -5.92 23.24 15.16
CA CYS C 753 -5.59 22.77 16.49
C CYS C 753 -6.84 22.60 17.35
N ALA C 754 -7.79 23.51 17.16
CA ALA C 754 -9.06 23.49 17.90
C ALA C 754 -9.95 22.28 17.62
N LEU C 755 -9.65 21.52 16.57
CA LEU C 755 -10.47 20.36 16.24
C LEU C 755 -10.35 19.28 17.31
N GLN C 756 -9.25 19.32 18.06
CA GLN C 756 -9.03 18.34 19.11
C GLN C 756 -8.60 18.99 20.43
N ALA C 757 -8.71 20.31 20.51
CA ALA C 757 -8.34 21.00 21.74
C ALA C 757 -9.43 20.86 22.78
N LYS D 17 16.58 9.97 21.19
CA LYS D 17 17.04 8.97 20.18
C LYS D 17 17.44 9.62 18.86
N SER D 18 16.62 10.55 18.38
CA SER D 18 16.95 11.23 17.13
C SER D 18 18.21 12.09 17.28
N CYS D 19 19.02 12.11 16.23
CA CYS D 19 20.23 12.93 16.22
C CYS D 19 20.16 13.91 15.06
N THR D 20 18.97 14.12 14.53
CA THR D 20 18.78 14.94 13.36
C THR D 20 17.91 16.15 13.64
N LEU D 21 18.26 17.27 13.04
CA LEU D 21 17.48 18.47 13.23
C LEU D 21 17.00 19.04 11.91
N TYR D 22 15.79 19.55 11.92
CA TYR D 22 15.25 20.36 10.84
C TYR D 22 15.87 21.73 11.13
N VAL D 23 16.29 22.43 10.10
CA VAL D 23 16.77 23.78 10.28
C VAL D 23 15.91 24.66 9.38
N GLY D 24 15.36 25.73 9.93
CA GLY D 24 14.51 26.61 9.15
C GLY D 24 14.90 28.08 9.15
N ASN D 25 14.30 28.81 8.23
CA ASN D 25 14.53 30.23 8.07
C ASN D 25 15.87 30.58 7.45
N LEU D 26 16.48 29.64 6.76
CA LEU D 26 17.76 29.89 6.10
C LEU D 26 17.58 30.80 4.91
N SER D 27 18.60 31.63 4.65
CA SER D 27 18.57 32.47 3.46
C SER D 27 18.67 31.59 2.23
N PHE D 28 18.18 32.10 1.10
CA PHE D 28 18.17 31.39 -0.17
C PHE D 28 19.58 31.03 -0.61
N TYR D 29 20.54 31.88 -0.28
CA TYR D 29 21.92 31.69 -0.71
C TYR D 29 22.79 30.90 0.27
N THR D 30 22.23 30.52 1.40
CA THR D 30 22.97 29.74 2.38
C THR D 30 23.37 28.40 1.77
N THR D 31 24.63 28.02 1.94
CA THR D 31 25.12 26.77 1.38
C THR D 31 25.37 25.72 2.44
N GLU D 32 25.54 24.50 1.96
CA GLU D 32 25.84 23.35 2.78
C GLU D 32 27.17 23.59 3.53
N GLU D 33 28.10 24.28 2.88
CA GLU D 33 29.41 24.57 3.47
C GLU D 33 29.27 25.45 4.69
N GLN D 34 28.44 26.48 4.58
CA GLN D 34 28.15 27.37 5.69
C GLN D 34 27.41 26.65 6.83
N ILE D 35 26.51 25.75 6.48
CA ILE D 35 25.78 24.99 7.50
C ILE D 35 26.80 24.07 8.19
N TYR D 36 27.68 23.46 7.41
CA TYR D 36 28.72 22.63 8.01
C TYR D 36 29.51 23.42 9.03
N GLU D 37 29.92 24.62 8.64
CA GLU D 37 30.76 25.42 9.52
C GLU D 37 30.06 25.78 10.81
N LEU D 38 28.84 26.30 10.69
CA LEU D 38 28.09 26.71 11.88
C LEU D 38 27.73 25.54 12.79
N PHE D 39 27.11 24.52 12.22
CA PHE D 39 26.61 23.42 13.01
C PHE D 39 27.70 22.50 13.58
N SER D 40 28.88 22.54 12.99
CA SER D 40 30.00 21.76 13.50
C SER D 40 30.49 22.26 14.87
N LYS D 41 30.03 23.45 15.25
CA LYS D 41 30.43 24.04 16.52
C LYS D 41 29.85 23.30 17.72
N SER D 42 28.82 22.49 17.49
CA SER D 42 28.22 21.77 18.59
C SER D 42 28.58 20.28 18.53
N GLY D 43 29.30 19.89 17.50
CA GLY D 43 29.70 18.50 17.35
C GLY D 43 29.93 18.05 15.91
N ASP D 44 30.31 16.79 15.78
CA ASP D 44 30.61 16.21 14.48
C ASP D 44 29.35 15.89 13.71
N ILE D 45 29.27 16.42 12.50
CA ILE D 45 28.10 16.24 11.66
C ILE D 45 28.25 15.04 10.74
N LYS D 46 27.29 14.13 10.79
CA LYS D 46 27.30 12.97 9.89
C LYS D 46 26.82 13.37 8.49
N LYS D 47 25.72 14.11 8.43
CA LYS D 47 25.17 14.47 7.14
C LYS D 47 24.37 15.75 7.15
N ILE D 48 24.45 16.49 6.06
CA ILE D 48 23.61 17.65 5.89
C ILE D 48 22.87 17.49 4.57
N ILE D 49 21.56 17.74 4.59
CA ILE D 49 20.76 17.67 3.38
C ILE D 49 20.09 19.01 3.20
N MET D 50 20.38 19.70 2.10
CA MET D 50 19.74 20.98 1.86
C MET D 50 18.37 20.74 1.23
N GLY D 51 17.37 21.48 1.69
CA GLY D 51 16.02 21.34 1.17
C GLY D 51 15.17 20.48 2.09
N LEU D 52 13.94 20.22 1.66
CA LEU D 52 13.02 19.45 2.48
C LEU D 52 12.89 18.01 2.03
N ASP D 53 13.71 17.60 1.07
CA ASP D 53 13.67 16.22 0.60
C ASP D 53 14.82 15.42 1.18
N LYS D 54 14.51 14.56 2.14
CA LYS D 54 15.50 13.76 2.84
C LYS D 54 16.02 12.59 2.01
N MET D 55 15.62 12.50 0.75
CA MET D 55 16.10 11.42 -0.10
C MET D 55 16.83 11.92 -1.34
N CYS D 59 13.94 26.68 -0.28
CA CYS D 59 12.80 26.69 0.70
C CYS D 59 13.23 27.15 2.10
N GLY D 60 14.53 27.38 2.28
CA GLY D 60 15.02 27.83 3.58
C GLY D 60 15.13 26.76 4.64
N PHE D 61 15.07 25.48 4.25
CA PHE D 61 15.18 24.40 5.21
C PHE D 61 16.36 23.49 4.88
N CYS D 62 16.87 22.77 5.88
CA CYS D 62 17.87 21.76 5.64
C CYS D 62 17.84 20.77 6.80
N PHE D 63 18.51 19.64 6.66
CA PHE D 63 18.56 18.69 7.73
C PHE D 63 20.01 18.61 8.19
N VAL D 64 20.23 18.56 9.49
CA VAL D 64 21.57 18.37 10.01
C VAL D 64 21.56 17.13 10.87
N GLU D 65 22.30 16.11 10.46
CA GLU D 65 22.35 14.90 11.26
C GLU D 65 23.68 14.79 11.97
N TYR D 66 23.66 14.56 13.27
CA TYR D 66 24.88 14.37 14.03
C TYR D 66 25.05 12.90 14.32
N TYR D 67 26.27 12.50 14.67
CA TYR D 67 26.55 11.13 15.04
C TYR D 67 26.00 10.87 16.42
N SER D 68 26.09 11.87 17.29
CA SER D 68 25.63 11.69 18.66
C SER D 68 24.53 12.64 19.03
N ARG D 69 23.64 12.15 19.89
CA ARG D 69 22.49 12.87 20.38
C ARG D 69 22.88 14.12 21.17
N ALA D 70 23.92 14.01 22.00
CA ALA D 70 24.40 15.14 22.80
C ALA D 70 24.77 16.34 21.93
N ASP D 71 25.34 16.08 20.77
CA ASP D 71 25.74 17.14 19.86
C ASP D 71 24.53 17.83 19.21
N ALA D 72 23.50 17.06 18.92
CA ALA D 72 22.26 17.61 18.37
C ALA D 72 21.58 18.46 19.43
N GLU D 73 21.61 17.99 20.68
CA GLU D 73 21.03 18.76 21.77
C GLU D 73 21.75 20.11 21.97
N ASN D 74 23.07 20.11 21.85
CA ASN D 74 23.83 21.35 21.98
C ASN D 74 23.58 22.30 20.80
N ALA D 75 23.28 21.76 19.63
CA ALA D 75 22.89 22.62 18.51
C ALA D 75 21.55 23.28 18.85
N MET D 76 20.63 22.52 19.42
CA MET D 76 19.33 23.06 19.84
C MET D 76 19.53 24.13 20.92
N ARG D 77 20.52 23.93 21.77
CA ARG D 77 20.74 24.83 22.88
C ARG D 77 21.41 26.12 22.48
N TYR D 78 22.35 26.04 21.54
CA TYR D 78 23.22 27.15 21.25
C TYR D 78 23.28 27.64 19.81
N ILE D 79 22.85 26.83 18.84
CA ILE D 79 22.88 27.27 17.44
C ILE D 79 21.52 27.83 17.06
N ASN D 80 20.49 27.10 17.46
CA ASN D 80 19.11 27.53 17.33
C ASN D 80 18.98 28.95 17.86
N GLY D 81 18.29 29.80 17.12
CA GLY D 81 18.08 31.17 17.56
C GLY D 81 19.25 32.11 17.36
N THR D 82 20.27 31.68 16.62
CA THR D 82 21.35 32.60 16.30
C THR D 82 21.39 32.81 14.79
N ARG D 83 22.37 33.58 14.33
CA ARG D 83 22.37 33.98 12.92
C ARG D 83 23.28 33.24 11.96
N LEU D 84 22.81 33.15 10.72
CA LEU D 84 23.52 32.58 9.61
C LEU D 84 23.05 33.42 8.42
N ASP D 85 23.98 34.08 7.73
CA ASP D 85 23.62 35.00 6.65
C ASP D 85 22.66 36.06 7.22
N ASP D 86 22.97 36.50 8.44
CA ASP D 86 22.21 37.51 9.20
C ASP D 86 20.75 37.15 9.48
N ARG D 87 20.39 35.90 9.25
CA ARG D 87 19.04 35.46 9.54
C ARG D 87 19.03 34.62 10.79
N ILE D 88 18.04 34.85 11.64
CA ILE D 88 17.88 34.06 12.84
C ILE D 88 17.31 32.71 12.43
N ILE D 89 18.10 31.66 12.56
CA ILE D 89 17.63 30.36 12.15
C ILE D 89 16.90 29.66 13.29
N ARG D 90 16.08 28.67 12.93
CA ARG D 90 15.32 27.92 13.91
C ARG D 90 15.60 26.45 13.70
N THR D 91 15.82 25.72 14.78
CA THR D 91 16.01 24.28 14.67
C THR D 91 15.02 23.55 15.52
N ASP D 92 14.74 22.31 15.16
CA ASP D 92 13.85 21.47 15.93
C ASP D 92 14.11 20.03 15.56
N TRP D 93 13.79 19.14 16.48
CA TRP D 93 14.05 17.73 16.26
C TRP D 93 13.27 17.16 15.07
N ASP D 94 13.95 16.32 14.31
CA ASP D 94 13.35 15.49 13.29
C ASP D 94 13.26 14.10 13.91
N ALA D 95 12.12 13.80 14.55
CA ALA D 95 11.96 12.53 15.23
C ALA D 95 10.71 11.77 14.80
N GLY D 96 10.20 10.96 15.72
CA GLY D 96 8.95 10.24 15.52
C GLY D 96 9.06 9.08 14.57
N LYS E 17 2.89 -43.54 -27.24
CA LYS E 17 3.83 -42.38 -27.30
C LYS E 17 3.75 -41.59 -28.61
N SER E 18 3.94 -42.28 -29.73
CA SER E 18 3.92 -41.64 -31.03
C SER E 18 2.55 -41.07 -31.36
N CYS E 19 2.53 -40.00 -32.14
CA CYS E 19 1.29 -39.37 -32.56
C CYS E 19 1.23 -39.36 -34.09
N THR E 20 2.08 -40.18 -34.71
CA THR E 20 2.22 -40.18 -36.16
C THR E 20 1.87 -41.52 -36.79
N LEU E 21 1.08 -41.49 -37.86
CA LEU E 21 0.73 -42.73 -38.55
C LEU E 21 1.28 -42.79 -39.96
N TYR E 22 1.69 -43.98 -40.38
CA TYR E 22 1.99 -44.20 -41.77
C TYR E 22 0.62 -44.42 -42.34
N VAL E 23 0.39 -43.97 -43.57
CA VAL E 23 -0.83 -44.30 -44.28
C VAL E 23 -0.45 -44.94 -45.60
N GLY E 24 -1.03 -46.10 -45.89
CA GLY E 24 -0.70 -46.81 -47.11
C GLY E 24 -1.89 -47.10 -47.99
N ASN E 25 -1.60 -47.44 -49.24
CA ASN E 25 -2.60 -47.80 -50.26
C ASN E 25 -3.39 -46.60 -50.80
N LEU E 26 -2.83 -45.41 -50.69
CA LEU E 26 -3.48 -44.21 -51.22
C LEU E 26 -3.43 -44.23 -52.73
N SER E 27 -4.51 -43.78 -53.37
CA SER E 27 -4.53 -43.71 -54.80
C SER E 27 -3.49 -42.70 -55.26
N PHE E 28 -3.12 -42.77 -56.52
CA PHE E 28 -2.13 -41.88 -57.11
C PHE E 28 -2.58 -40.44 -57.07
N TYR E 29 -3.87 -40.23 -57.32
CA TYR E 29 -4.40 -38.88 -57.38
C TYR E 29 -4.90 -38.35 -56.04
N THR E 30 -4.73 -39.11 -54.97
CA THR E 30 -5.16 -38.64 -53.65
C THR E 30 -4.29 -37.46 -53.21
N THR E 31 -4.94 -36.38 -52.77
CA THR E 31 -4.23 -35.17 -52.38
C THR E 31 -4.14 -34.93 -50.87
N GLU E 32 -3.15 -34.12 -50.51
CA GLU E 32 -2.96 -33.71 -49.14
C GLU E 32 -4.29 -33.17 -48.59
N GLU E 33 -4.98 -32.38 -49.39
CA GLU E 33 -6.26 -31.81 -48.99
C GLU E 33 -7.29 -32.88 -48.62
N GLN E 34 -7.37 -33.93 -49.44
CA GLN E 34 -8.32 -35.01 -49.16
C GLN E 34 -7.89 -35.77 -47.92
N ILE E 35 -6.60 -35.98 -47.78
CA ILE E 35 -6.10 -36.67 -46.60
C ILE E 35 -6.40 -35.83 -45.35
N TYR E 36 -6.25 -34.52 -45.46
CA TYR E 36 -6.59 -33.61 -44.36
C TYR E 36 -8.04 -33.77 -43.94
N GLU E 37 -8.93 -33.75 -44.92
CA GLU E 37 -10.36 -33.85 -44.65
C GLU E 37 -10.71 -35.16 -43.95
N LEU E 38 -10.22 -36.27 -44.47
CA LEU E 38 -10.55 -37.57 -43.91
C LEU E 38 -10.00 -37.77 -42.51
N PHE E 39 -8.69 -37.59 -42.35
CA PHE E 39 -8.03 -37.87 -41.07
C PHE E 39 -8.35 -36.86 -39.96
N SER E 40 -8.81 -35.68 -40.34
CA SER E 40 -9.21 -34.67 -39.36
C SER E 40 -10.46 -35.13 -38.62
N LYS E 41 -11.13 -36.17 -39.11
CA LYS E 41 -12.31 -36.68 -38.43
C LYS E 41 -11.96 -37.34 -37.10
N SER E 42 -10.69 -37.71 -36.92
CA SER E 42 -10.31 -38.30 -35.64
C SER E 42 -9.69 -37.28 -34.70
N GLY E 43 -9.43 -36.08 -35.19
CA GLY E 43 -8.81 -35.04 -34.40
C GLY E 43 -7.98 -34.07 -35.21
N ASP E 44 -7.35 -33.12 -34.53
CA ASP E 44 -6.61 -32.06 -35.19
C ASP E 44 -5.25 -32.53 -35.66
N ILE E 45 -5.01 -32.34 -36.95
CA ILE E 45 -3.78 -32.79 -37.56
C ILE E 45 -2.67 -31.75 -37.44
N LYS E 46 -1.54 -32.18 -36.94
CA LYS E 46 -0.40 -31.30 -36.85
C LYS E 46 0.24 -31.12 -38.21
N LYS E 47 0.52 -32.23 -38.87
CA LYS E 47 1.21 -32.18 -40.14
C LYS E 47 0.90 -33.40 -40.99
N ILE E 48 0.84 -33.19 -42.30
CA ILE E 48 0.73 -34.30 -43.21
C ILE E 48 1.95 -34.26 -44.13
N ILE E 49 2.62 -35.39 -44.27
CA ILE E 49 3.75 -35.47 -45.19
C ILE E 49 3.45 -36.47 -46.29
N MET E 50 3.37 -35.99 -47.53
CA MET E 50 3.14 -36.89 -48.63
C MET E 50 4.44 -37.65 -48.89
N GLY E 51 4.35 -38.95 -49.05
CA GLY E 51 5.53 -39.77 -49.24
C GLY E 51 5.97 -40.39 -47.93
N LEU E 52 7.22 -40.86 -47.88
CA LEU E 52 7.75 -41.51 -46.68
C LEU E 52 8.94 -40.77 -46.10
N ASP E 53 9.49 -39.85 -46.89
CA ASP E 53 10.67 -39.09 -46.48
C ASP E 53 10.24 -37.84 -45.71
N LYS E 54 10.63 -37.77 -44.44
CA LYS E 54 10.25 -36.65 -43.62
C LYS E 54 11.08 -35.38 -43.84
N MET E 55 12.37 -35.54 -44.15
CA MET E 55 13.25 -34.40 -44.33
C MET E 55 13.29 -33.96 -45.79
N CYS E 59 3.35 -41.83 -53.88
CA CYS E 59 3.91 -43.22 -53.84
C CYS E 59 2.96 -44.15 -53.10
N GLY E 60 1.74 -43.67 -52.88
CA GLY E 60 0.74 -44.46 -52.18
C GLY E 60 0.87 -44.37 -50.68
N PHE E 61 1.92 -43.70 -50.22
CA PHE E 61 2.17 -43.55 -48.79
C PHE E 61 2.10 -42.11 -48.35
N CYS E 62 1.82 -41.90 -47.07
CA CYS E 62 1.89 -40.58 -46.47
C CYS E 62 1.99 -40.73 -44.97
N PHE E 63 2.34 -39.65 -44.28
CA PHE E 63 2.41 -39.64 -42.83
C PHE E 63 1.40 -38.62 -42.32
N VAL E 64 0.65 -38.99 -41.30
CA VAL E 64 -0.26 -38.04 -40.70
C VAL E 64 0.16 -37.91 -39.26
N GLU E 65 0.47 -36.69 -38.84
CA GLU E 65 0.88 -36.47 -37.47
C GLU E 65 -0.18 -35.68 -36.73
N TYR E 66 -0.66 -36.22 -35.62
CA TYR E 66 -1.65 -35.54 -34.80
C TYR E 66 -0.98 -34.81 -33.65
N TYR E 67 -1.71 -33.88 -33.03
CA TYR E 67 -1.21 -33.12 -31.89
C TYR E 67 -1.29 -33.98 -30.65
N SER E 68 -2.28 -34.86 -30.61
CA SER E 68 -2.42 -35.72 -29.46
C SER E 68 -2.49 -37.18 -29.85
N ARG E 69 -1.99 -38.01 -28.95
CA ARG E 69 -1.98 -39.45 -29.08
C ARG E 69 -3.38 -40.07 -29.23
N ALA E 70 -4.33 -39.59 -28.43
CA ALA E 70 -5.69 -40.11 -28.50
C ALA E 70 -6.29 -40.00 -29.91
N ASP E 71 -6.03 -38.89 -30.58
CA ASP E 71 -6.55 -38.66 -31.91
C ASP E 71 -5.91 -39.61 -32.92
N ALA E 72 -4.64 -39.91 -32.70
CA ALA E 72 -3.95 -40.86 -33.56
C ALA E 72 -4.52 -42.25 -33.34
N GLU E 73 -4.86 -42.57 -32.09
CA GLU E 73 -5.42 -43.88 -31.80
C GLU E 73 -6.77 -44.02 -32.48
N ASN E 74 -7.60 -42.99 -32.42
CA ASN E 74 -8.91 -43.05 -33.05
C ASN E 74 -8.82 -43.16 -34.58
N ALA E 75 -7.74 -42.64 -35.17
CA ALA E 75 -7.55 -42.79 -36.61
C ALA E 75 -7.26 -44.25 -36.94
N MET E 76 -6.46 -44.90 -36.10
CA MET E 76 -6.16 -46.32 -36.27
C MET E 76 -7.42 -47.14 -36.09
N ARG E 77 -8.31 -46.67 -35.22
CA ARG E 77 -9.54 -47.42 -34.92
C ARG E 77 -10.60 -47.28 -35.98
N TYR E 78 -10.73 -46.07 -36.52
CA TYR E 78 -11.88 -45.73 -37.37
C TYR E 78 -11.60 -45.26 -38.79
N ILE E 79 -10.42 -44.70 -39.05
CA ILE E 79 -10.09 -44.23 -40.40
C ILE E 79 -9.43 -45.36 -41.17
N ASN E 80 -8.44 -45.96 -40.52
CA ASN E 80 -7.78 -47.17 -40.98
C ASN E 80 -8.81 -48.17 -41.45
N GLY E 81 -8.62 -48.74 -42.63
CA GLY E 81 -9.55 -49.74 -43.13
C GLY E 81 -10.83 -49.20 -43.75
N THR E 82 -10.89 -47.89 -44.01
CA THR E 82 -12.04 -47.32 -44.70
C THR E 82 -11.55 -46.73 -46.00
N ARG E 83 -12.43 -46.12 -46.78
CA ARG E 83 -12.05 -45.70 -48.11
C ARG E 83 -11.72 -44.23 -48.33
N LEU E 84 -10.82 -44.01 -49.28
CA LEU E 84 -10.44 -42.70 -49.76
C LEU E 84 -10.15 -42.90 -51.25
N ASP E 85 -10.78 -42.10 -52.11
CA ASP E 85 -10.70 -42.32 -53.56
C ASP E 85 -11.06 -43.79 -53.85
N ASP E 86 -12.06 -44.29 -53.13
CA ASP E 86 -12.54 -45.66 -53.26
C ASP E 86 -11.55 -46.78 -52.95
N ARG E 87 -10.41 -46.44 -52.38
CA ARG E 87 -9.48 -47.48 -51.98
C ARG E 87 -9.49 -47.62 -50.47
N ILE E 88 -9.42 -48.86 -49.99
CA ILE E 88 -9.28 -49.11 -48.57
C ILE E 88 -7.88 -48.73 -48.15
N ILE E 89 -7.75 -47.68 -47.36
CA ILE E 89 -6.43 -47.25 -46.93
C ILE E 89 -6.08 -47.90 -45.62
N ARG E 90 -4.78 -47.97 -45.33
CA ARG E 90 -4.30 -48.63 -44.14
C ARG E 90 -3.38 -47.73 -43.36
N THR E 91 -3.39 -47.87 -42.04
CA THR E 91 -2.53 -47.07 -41.19
C THR E 91 -1.74 -47.96 -40.26
N ASP E 92 -0.71 -47.38 -39.68
CA ASP E 92 0.16 -48.08 -38.78
C ASP E 92 0.93 -47.05 -38.00
N TRP E 93 1.24 -47.38 -36.75
CA TRP E 93 2.00 -46.49 -35.90
C TRP E 93 3.40 -46.28 -36.43
N ASP E 94 3.81 -45.02 -36.53
CA ASP E 94 5.19 -44.69 -36.88
C ASP E 94 5.93 -44.65 -35.56
N ALA E 95 6.19 -45.84 -35.03
CA ALA E 95 6.87 -45.95 -33.73
C ALA E 95 8.38 -45.84 -33.92
N LYS F 17 -10.38 -10.21 -3.27
CA LYS F 17 -9.00 -10.25 -3.87
C LYS F 17 -8.87 -9.50 -5.19
N SER F 18 -9.74 -9.83 -6.15
CA SER F 18 -9.70 -9.15 -7.44
C SER F 18 -9.92 -7.65 -7.28
N CYS F 19 -9.20 -6.87 -8.07
CA CYS F 19 -9.37 -5.42 -8.06
C CYS F 19 -9.82 -5.00 -9.43
N THR F 20 -10.28 -5.96 -10.23
CA THR F 20 -10.65 -5.67 -11.59
C THR F 20 -12.11 -5.91 -11.94
N LEU F 21 -12.66 -4.99 -12.70
CA LEU F 21 -14.04 -5.10 -13.13
C LEU F 21 -14.18 -5.16 -14.63
N TYR F 22 -15.09 -6.02 -15.07
CA TYR F 22 -15.57 -6.03 -16.44
C TYR F 22 -16.58 -4.91 -16.43
N VAL F 23 -16.67 -4.17 -17.51
CA VAL F 23 -17.68 -3.13 -17.63
C VAL F 23 -18.39 -3.41 -18.95
N GLY F 24 -19.71 -3.51 -18.90
CA GLY F 24 -20.50 -3.78 -20.09
C GLY F 24 -21.51 -2.71 -20.43
N ASN F 25 -22.05 -2.79 -21.64
CA ASN F 25 -23.05 -1.85 -22.16
C ASN F 25 -22.53 -0.46 -22.52
N LEU F 26 -21.24 -0.34 -22.77
CA LEU F 26 -20.68 0.94 -23.14
C LEU F 26 -21.08 1.31 -24.56
N SER F 27 -21.30 2.60 -24.80
CA SER F 27 -21.57 3.04 -26.15
C SER F 27 -20.29 2.91 -26.98
N PHE F 28 -20.47 2.78 -28.29
CA PHE F 28 -19.38 2.65 -29.26
C PHE F 28 -18.41 3.81 -29.17
N TYR F 29 -18.93 5.02 -28.98
CA TYR F 29 -18.09 6.21 -28.90
C TYR F 29 -17.59 6.55 -27.48
N THR F 30 -17.74 5.63 -26.54
CA THR F 30 -17.22 5.83 -25.19
C THR F 30 -15.70 5.63 -25.17
N THR F 31 -14.99 6.61 -24.66
CA THR F 31 -13.52 6.59 -24.65
C THR F 31 -12.90 6.22 -23.32
N GLU F 32 -11.63 5.82 -23.40
CA GLU F 32 -10.83 5.51 -22.24
C GLU F 32 -10.82 6.70 -21.27
N GLU F 33 -10.78 7.89 -21.82
CA GLU F 33 -10.73 9.12 -21.03
C GLU F 33 -12.00 9.27 -20.18
N GLN F 34 -13.15 9.04 -20.81
CA GLN F 34 -14.42 9.16 -20.11
C GLN F 34 -14.58 8.09 -19.08
N ILE F 35 -14.05 6.91 -19.36
CA ILE F 35 -14.12 5.83 -18.40
C ILE F 35 -13.23 6.18 -17.21
N TYR F 36 -12.06 6.74 -17.50
CA TYR F 36 -11.16 7.20 -16.46
C TYR F 36 -11.87 8.18 -15.53
N GLU F 37 -12.52 9.18 -16.12
CA GLU F 37 -13.19 10.20 -15.35
C GLU F 37 -14.29 9.64 -14.45
N LEU F 38 -15.11 8.74 -15.00
CA LEU F 38 -16.23 8.18 -14.26
C LEU F 38 -15.76 7.22 -13.19
N PHE F 39 -14.96 6.25 -13.60
CA PHE F 39 -14.53 5.25 -12.64
C PHE F 39 -13.54 5.77 -11.56
N SER F 40 -12.88 6.89 -11.82
CA SER F 40 -11.99 7.46 -10.80
C SER F 40 -12.76 7.98 -9.59
N LYS F 41 -14.06 8.11 -9.71
CA LYS F 41 -14.89 8.59 -8.62
C LYS F 41 -14.95 7.62 -7.45
N SER F 42 -14.66 6.35 -7.72
CA SER F 42 -14.63 5.38 -6.66
C SER F 42 -13.21 5.12 -6.14
N GLY F 43 -12.22 5.66 -6.83
CA GLY F 43 -10.84 5.48 -6.40
C GLY F 43 -9.81 5.48 -7.53
N ASP F 44 -8.56 5.28 -7.15
CA ASP F 44 -7.49 5.34 -8.14
C ASP F 44 -7.42 4.13 -9.03
N ILE F 45 -7.47 4.42 -10.33
CA ILE F 45 -7.44 3.41 -11.36
C ILE F 45 -6.02 3.09 -11.80
N LYS F 46 -5.70 1.80 -11.76
CA LYS F 46 -4.41 1.34 -12.24
C LYS F 46 -4.40 1.23 -13.76
N LYS F 47 -5.44 0.64 -14.33
CA LYS F 47 -5.43 0.40 -15.75
C LYS F 47 -6.82 0.24 -16.34
N ILE F 48 -6.99 0.76 -17.54
CA ILE F 48 -8.21 0.56 -18.27
C ILE F 48 -7.88 -0.09 -19.62
N ILE F 49 -8.63 -1.12 -19.95
CA ILE F 49 -8.45 -1.80 -21.23
C ILE F 49 -9.76 -1.78 -21.99
N MET F 50 -9.78 -1.10 -23.13
CA MET F 50 -10.98 -1.07 -23.95
C MET F 50 -11.11 -2.40 -24.70
N GLY F 51 -12.32 -2.92 -24.80
CA GLY F 51 -12.54 -4.19 -25.48
C GLY F 51 -12.56 -5.37 -24.53
N LEU F 52 -12.67 -6.57 -25.08
CA LEU F 52 -12.77 -7.78 -24.28
C LEU F 52 -11.46 -8.59 -24.26
N ASP F 53 -10.47 -8.16 -25.04
CA ASP F 53 -9.19 -8.85 -25.03
C ASP F 53 -8.30 -8.25 -23.96
N LYS F 54 -8.14 -9.00 -22.87
CA LYS F 54 -7.38 -8.51 -21.74
C LYS F 54 -5.89 -8.40 -22.00
N MET F 55 -5.42 -9.02 -23.06
CA MET F 55 -4.02 -8.88 -23.43
C MET F 55 -3.87 -7.62 -24.28
N LYS F 56 -4.92 -6.78 -24.24
CA LYS F 56 -4.96 -5.49 -24.94
C LYS F 56 -5.17 -5.58 -26.45
N CYS F 59 -17.29 -3.53 -28.88
CA CYS F 59 -18.16 -4.59 -28.28
C CYS F 59 -18.87 -4.13 -27.01
N GLY F 60 -18.67 -2.86 -26.64
CA GLY F 60 -19.32 -2.30 -25.47
C GLY F 60 -18.76 -2.69 -24.11
N PHE F 61 -17.62 -3.38 -24.12
CA PHE F 61 -17.01 -3.80 -22.86
C PHE F 61 -15.63 -3.17 -22.63
N CYS F 62 -15.22 -3.13 -21.37
CA CYS F 62 -13.86 -2.73 -21.02
C CYS F 62 -13.50 -3.31 -19.67
N PHE F 63 -12.21 -3.24 -19.33
CA PHE F 63 -11.73 -3.68 -18.03
C PHE F 63 -11.28 -2.44 -17.24
N VAL F 64 -11.68 -2.35 -15.99
CA VAL F 64 -11.19 -1.28 -15.13
C VAL F 64 -10.50 -1.93 -13.96
N GLU F 65 -9.23 -1.64 -13.78
CA GLU F 65 -8.46 -2.20 -12.69
C GLU F 65 -8.07 -1.12 -11.69
N TYR F 66 -8.37 -1.37 -10.42
CA TYR F 66 -8.03 -0.44 -9.34
C TYR F 66 -6.81 -0.97 -8.58
N TYR F 67 -6.15 -0.07 -7.85
CA TYR F 67 -5.04 -0.46 -7.00
C TYR F 67 -5.57 -1.14 -5.76
N SER F 68 -6.78 -0.80 -5.34
CA SER F 68 -7.32 -1.44 -4.14
C SER F 68 -8.70 -2.06 -4.33
N ARG F 69 -8.92 -3.13 -3.60
CA ARG F 69 -10.17 -3.87 -3.61
C ARG F 69 -11.32 -2.98 -3.18
N ALA F 70 -11.10 -2.25 -2.07
CA ALA F 70 -12.12 -1.33 -1.57
C ALA F 70 -12.67 -0.41 -2.65
N ASP F 71 -11.78 0.10 -3.50
CA ASP F 71 -12.18 1.04 -4.55
C ASP F 71 -12.96 0.37 -5.67
N ALA F 72 -12.61 -0.87 -5.98
CA ALA F 72 -13.36 -1.61 -6.98
C ALA F 72 -14.74 -1.91 -6.41
N GLU F 73 -14.78 -2.29 -5.13
CA GLU F 73 -16.06 -2.58 -4.47
C GLU F 73 -17.00 -1.39 -4.56
N ASN F 74 -16.45 -0.20 -4.33
CA ASN F 74 -17.25 1.01 -4.37
C ASN F 74 -17.70 1.34 -5.79
N ALA F 75 -16.92 0.88 -6.78
CA ALA F 75 -17.36 1.05 -8.15
C ALA F 75 -18.54 0.10 -8.40
N MET F 76 -18.44 -1.13 -7.92
CA MET F 76 -19.57 -2.06 -8.00
C MET F 76 -20.80 -1.50 -7.31
N ARG F 77 -20.59 -0.77 -6.22
CA ARG F 77 -21.69 -0.23 -5.44
C ARG F 77 -22.38 0.97 -6.05
N TYR F 78 -21.59 1.86 -6.64
CA TYR F 78 -22.08 3.17 -7.00
C TYR F 78 -21.98 3.62 -8.46
N ILE F 79 -21.11 2.99 -9.24
CA ILE F 79 -20.92 3.38 -10.62
C ILE F 79 -21.75 2.46 -11.50
N ASN F 80 -21.71 1.18 -11.11
CA ASN F 80 -22.50 0.13 -11.72
C ASN F 80 -23.96 0.58 -11.74
N GLY F 81 -24.61 0.45 -12.90
CA GLY F 81 -26.00 0.87 -13.01
C GLY F 81 -26.24 2.36 -13.12
N THR F 82 -25.21 3.15 -13.45
CA THR F 82 -25.42 4.58 -13.67
C THR F 82 -25.06 4.85 -15.10
N ARG F 83 -25.11 6.12 -15.51
CA ARG F 83 -24.93 6.42 -16.94
C ARG F 83 -23.58 6.92 -17.39
N LEU F 84 -23.22 6.51 -18.60
CA LEU F 84 -22.03 6.98 -19.30
C LEU F 84 -22.46 7.07 -20.76
N ASP F 85 -22.41 8.28 -21.32
CA ASP F 85 -22.90 8.53 -22.68
C ASP F 85 -24.38 8.17 -22.71
N ASP F 86 -25.06 8.44 -21.60
CA ASP F 86 -26.50 8.20 -21.46
C ASP F 86 -26.91 6.72 -21.50
N ARG F 87 -25.94 5.81 -21.46
CA ARG F 87 -26.25 4.40 -21.39
C ARG F 87 -26.00 3.90 -19.98
N ILE F 88 -26.85 2.99 -19.51
CA ILE F 88 -26.70 2.38 -18.19
C ILE F 88 -25.65 1.30 -18.27
N ILE F 89 -24.53 1.50 -17.59
CA ILE F 89 -23.47 0.50 -17.69
C ILE F 89 -23.61 -0.57 -16.64
N ARG F 90 -22.94 -1.69 -16.86
CA ARG F 90 -22.98 -2.81 -15.92
C ARG F 90 -21.57 -3.20 -15.60
N THR F 91 -21.30 -3.52 -14.35
CA THR F 91 -19.97 -3.94 -13.98
C THR F 91 -20.08 -5.21 -13.17
N ASP F 92 -19.04 -6.01 -13.21
CA ASP F 92 -18.99 -7.21 -12.40
C ASP F 92 -17.53 -7.60 -12.25
N TRP F 93 -17.26 -8.40 -11.23
CA TRP F 93 -15.92 -8.81 -10.90
C TRP F 93 -15.26 -9.65 -11.97
N ASP F 94 -14.01 -9.35 -12.25
CA ASP F 94 -13.20 -10.20 -13.09
C ASP F 94 -12.37 -11.03 -12.11
N ALA F 95 -12.97 -12.08 -11.58
CA ALA F 95 -12.32 -12.88 -10.55
C ALA F 95 -11.52 -14.04 -11.13
N GLY F 96 -10.59 -14.56 -10.34
CA GLY F 96 -9.71 -15.63 -10.76
C GLY F 96 -10.40 -16.88 -11.26
#